data_8UVA
#
_entry.id   8UVA
#
_cell.length_a   1.00
_cell.length_b   1.00
_cell.length_c   1.00
_cell.angle_alpha   90.00
_cell.angle_beta   90.00
_cell.angle_gamma   90.00
#
_symmetry.space_group_name_H-M   'P 1'
#
loop_
_entity.id
_entity.type
_entity.pdbx_description
1 polymer 'CTP synthase'
2 non-polymer GLUTAMINE
3 non-polymer N-[(4M)-4-(pyridin-2-yl)-1,3-thiazol-2-yl]-2H-[1,3]dioxolo[4,5-f][1,3]benzothiazol-6-amine
4 non-polymer "URIDINE 5'-TRIPHOSPHATE"
5 non-polymer 'MAGNESIUM ION'
#
_entity_poly.entity_id   1
_entity_poly.type   'polypeptide(L)'
_entity_poly.pdbx_seq_one_letter_code
;MRKHPQTATKHLFVSGGVASSLGKGLTASSLGQLLTARGLHVTMQKLDPYLNVDPGTMNPFQHGEVFVTEDGAETDLDVG
HYERFLDRNLPGSANVTTGQVYSTVIAKERRGEYLGDTVQVIPHITDEIKRRILAMAQPDADGNRPDVVITEIGGTVGDI
ESQPFLEAARQVRHYLGREDVFFLHVSLVPYLAPSGELKTKPTQHSVAALRSIGITPDALILRCDRDVPEALKNKIALMC
DVDIDGVISTPDAPSIYDIPKVLHREELDAFVVRRLNLPFRDVDWTEWDDLLRRVHEPHETVRIALVGKYVELSDAYLSV
AEALRAGGFKHRAKVEICWVASDGCETTSGAAAALGDVHGVLIPGGFGIRGIEGKIGAIAYARARGLPVLGLCLGLQCIV
IEAARSVGLTNANSAEFDPDTPDPVIATMPDQEEIVAGEADLGGTMRLGSYPAVLEPDSVVAQAYQTTQVSERHRHRYEV
NNAYRDKIAESGLRFSGTSPDGHLVEFVEYPPDRHPFVVGTQAHPELKSRPTRPHPLFVAFVGAAIDYKAGELLPVEIPE
IPEHTPNGSSHRDGVGQPLPEPASRGHHHHHH
;
_entity_poly.pdbx_strand_id   A,B,C,D
#
loop_
_chem_comp.id
_chem_comp.type
_chem_comp.name
_chem_comp.formula
MG non-polymer 'MAGNESIUM ION' 'Mg 2'
UTP non-polymer 'URIDINE 5'-TRIPHOSPHATE' 'C9 H15 N2 O15 P3'
XMW non-polymer N-[(4M)-4-(pyridin-2-yl)-1,3-thiazol-2-yl]-2H-[1,3]dioxolo[4,5-f][1,3]benzothiazol-6-amine 'C16 H10 N4 O2 S2'
#
# COMPACT_ATOMS: atom_id res chain seq x y z
N PRO A 5 45.39 -5.87 1.14
CA PRO A 5 44.73 -5.02 0.16
C PRO A 5 43.47 -4.36 0.69
N GLN A 6 43.04 -3.28 0.03
CA GLN A 6 41.83 -2.59 0.44
C GLN A 6 40.61 -3.49 0.27
N THR A 7 39.66 -3.36 1.19
CA THR A 7 38.41 -4.10 1.10
C THR A 7 37.56 -3.61 -0.08
N ALA A 8 36.45 -4.30 -0.30
CA ALA A 8 35.36 -3.75 -1.11
C ALA A 8 34.87 -2.43 -0.55
N THR A 9 34.45 -1.54 -1.46
CA THR A 9 33.92 -0.24 -1.06
C THR A 9 32.51 -0.39 -0.51
N LYS A 10 32.27 0.20 0.65
CA LYS A 10 30.98 0.14 1.31
C LYS A 10 30.09 1.28 0.79
N HIS A 11 28.79 1.03 0.73
CA HIS A 11 27.80 2.06 0.41
C HIS A 11 26.88 2.29 1.61
N LEU A 12 26.85 3.52 2.12
CA LEU A 12 25.96 3.93 3.20
C LEU A 12 24.90 4.90 2.66
N PHE A 13 23.62 4.51 2.77
CA PHE A 13 22.50 5.31 2.26
C PHE A 13 21.81 6.05 3.40
N VAL A 14 21.69 7.37 3.28
CA VAL A 14 21.00 8.21 4.25
C VAL A 14 19.63 8.62 3.71
N SER A 15 18.59 8.40 4.51
CA SER A 15 17.21 8.60 4.09
C SER A 15 16.44 9.27 5.22
N GLY A 16 15.33 9.89 4.87
CA GLY A 16 14.60 10.73 5.81
C GLY A 16 13.12 10.41 5.82
N GLY A 17 12.52 10.57 7.01
CA GLY A 17 11.13 10.27 7.22
C GLY A 17 10.39 11.38 7.93
N VAL A 18 9.06 11.24 7.94
CA VAL A 18 8.12 12.21 8.50
C VAL A 18 8.14 13.52 7.73
N ALA A 19 9.28 14.18 7.68
CA ALA A 19 9.36 15.48 7.02
C ALA A 19 10.75 15.67 6.43
N SER A 20 10.85 16.62 5.52
CA SER A 20 12.11 17.24 5.13
C SER A 20 12.54 18.28 6.16
N SER A 21 13.69 18.90 5.89
CA SER A 21 14.32 19.86 6.79
C SER A 21 14.78 19.27 8.11
N LEU A 22 14.88 17.95 8.22
CA LEU A 22 15.32 17.36 9.46
C LEU A 22 16.83 17.38 9.63
N GLY A 23 17.58 17.83 8.62
CA GLY A 23 19.02 17.93 8.72
C GLY A 23 19.79 16.68 8.35
N LYS A 24 19.22 15.79 7.54
CA LYS A 24 19.93 14.58 7.14
C LYS A 24 21.17 14.86 6.28
N GLY A 25 21.23 16.02 5.61
CA GLY A 25 22.45 16.38 4.91
C GLY A 25 23.58 16.80 5.83
N LEU A 26 23.25 17.47 6.93
CA LEU A 26 24.26 17.70 7.95
C LEU A 26 24.61 16.43 8.71
N THR A 27 23.67 15.52 8.87
CA THR A 27 23.98 14.21 9.43
C THR A 27 25.00 13.48 8.56
N ALA A 28 24.72 13.36 7.27
CA ALA A 28 25.67 12.73 6.35
C ALA A 28 27.04 13.43 6.34
N SER A 29 27.06 14.76 6.40
CA SER A 29 28.33 15.48 6.49
C SER A 29 29.09 15.18 7.78
N SER A 30 28.39 15.08 8.90
CA SER A 30 29.06 14.80 10.17
C SER A 30 29.56 13.37 10.25
N LEU A 31 28.79 12.43 9.73
CA LEU A 31 29.27 11.05 9.62
C LEU A 31 30.49 10.94 8.70
N GLY A 32 30.51 11.70 7.60
CA GLY A 32 31.70 11.77 6.78
C GLY A 32 32.92 12.34 7.49
N GLN A 33 32.72 13.41 8.25
CA GLN A 33 33.81 13.97 9.08
C GLN A 33 34.33 12.96 10.11
N LEU A 34 33.42 12.24 10.78
CA LEU A 34 33.85 11.21 11.73
C LEU A 34 34.61 10.07 11.06
N LEU A 35 34.06 9.50 9.99
CA LEU A 35 34.75 8.41 9.32
C LEU A 35 36.07 8.83 8.71
N THR A 36 36.17 10.07 8.24
CA THR A 36 37.46 10.58 7.77
C THR A 36 38.48 10.67 8.91
N ALA A 37 38.04 11.11 10.09
CA ALA A 37 38.97 11.21 11.21
C ALA A 37 39.44 9.86 11.73
N ARG A 38 38.69 8.79 11.51
CA ARG A 38 39.15 7.43 11.77
C ARG A 38 40.02 6.86 10.65
N GLY A 39 40.42 7.68 9.68
CA GLY A 39 41.38 7.28 8.66
C GLY A 39 40.82 6.64 7.41
N LEU A 40 39.50 6.49 7.30
CA LEU A 40 38.90 5.98 6.08
C LEU A 40 38.80 7.08 5.03
N HIS A 41 38.82 6.68 3.75
CA HIS A 41 38.58 7.61 2.65
C HIS A 41 37.11 7.60 2.24
N VAL A 42 36.45 8.74 2.44
CA VAL A 42 35.01 8.90 2.20
C VAL A 42 34.80 9.75 0.97
N THR A 43 33.84 9.38 0.13
CA THR A 43 33.30 10.26 -0.89
C THR A 43 31.78 10.30 -0.76
N MET A 44 31.18 11.39 -1.26
CA MET A 44 29.79 11.72 -0.97
C MET A 44 29.00 12.02 -2.24
N GLN A 45 27.71 11.67 -2.22
CA GLN A 45 26.79 11.91 -3.32
C GLN A 45 25.43 12.35 -2.80
N LYS A 46 24.77 13.29 -3.48
CA LYS A 46 23.36 13.60 -3.25
C LYS A 46 22.49 13.23 -4.44
N LEU A 47 21.33 12.64 -4.15
CA LEU A 47 20.27 12.40 -5.14
C LEU A 47 19.09 13.35 -4.90
N ASP A 48 18.79 14.20 -5.90
CA ASP A 48 17.66 15.13 -5.80
C ASP A 48 16.48 14.64 -6.62
N PRO A 49 15.32 14.37 -6.02
CA PRO A 49 14.20 13.81 -6.78
C PRO A 49 13.43 14.80 -7.65
N TYR A 50 13.71 16.09 -7.60
CA TYR A 50 13.03 17.06 -8.45
C TYR A 50 13.44 16.93 -9.92
N LEU A 51 12.54 17.35 -10.81
CA LEU A 51 12.72 17.23 -12.26
C LEU A 51 13.52 18.34 -12.91
N ASN A 52 13.84 19.42 -12.21
CA ASN A 52 14.76 20.40 -12.75
C ASN A 52 16.09 19.75 -13.07
N VAL A 53 16.64 20.04 -14.25
CA VAL A 53 17.90 19.41 -14.62
C VAL A 53 19.04 19.94 -13.76
N ASP A 54 18.93 21.18 -13.31
CA ASP A 54 19.79 21.72 -12.27
C ASP A 54 19.03 22.85 -11.59
N PRO A 55 19.44 23.25 -10.38
CA PRO A 55 18.75 24.35 -9.70
C PRO A 55 19.02 25.73 -10.29
N GLY A 56 19.77 25.84 -11.39
CA GLY A 56 20.07 27.14 -11.94
C GLY A 56 18.84 27.90 -12.41
N THR A 57 17.75 27.20 -12.65
CA THR A 57 16.46 27.83 -12.95
C THR A 57 15.66 28.21 -11.70
N MET A 58 15.95 27.60 -10.56
CA MET A 58 15.10 27.74 -9.39
C MET A 58 15.39 29.05 -8.66
N ASN A 59 14.37 29.61 -8.05
CA ASN A 59 14.51 30.85 -7.29
C ASN A 59 15.28 30.62 -6.00
N PRO A 60 16.40 31.32 -5.78
CA PRO A 60 17.23 31.02 -4.60
C PRO A 60 16.62 31.51 -3.31
N PHE A 61 15.72 32.47 -3.35
CA PHE A 61 15.05 32.96 -2.15
C PHE A 61 13.94 32.03 -1.68
N GLN A 62 13.43 31.19 -2.57
CA GLN A 62 12.51 30.13 -2.17
C GLN A 62 13.25 28.83 -1.85
N HIS A 63 14.25 28.46 -2.64
CA HIS A 63 14.84 27.13 -2.61
C HIS A 63 16.31 27.13 -2.19
N GLY A 64 16.87 28.26 -1.79
CA GLY A 64 18.25 28.36 -1.39
C GLY A 64 19.22 28.55 -2.54
N GLU A 65 20.45 28.92 -2.16
CA GLU A 65 21.52 29.20 -3.11
C GLU A 65 21.82 28.03 -4.03
N VAL A 66 22.38 28.36 -5.19
CA VAL A 66 23.02 27.40 -6.07
C VAL A 66 24.50 27.33 -5.69
N PHE A 67 24.98 26.13 -5.38
CA PHE A 67 26.40 25.89 -5.18
C PHE A 67 27.07 25.72 -6.53
N VAL A 68 28.33 26.17 -6.65
CA VAL A 68 29.08 26.04 -7.88
C VAL A 68 30.39 25.31 -7.61
N THR A 69 30.68 24.31 -8.44
CA THR A 69 31.87 23.47 -8.33
C THR A 69 33.04 24.05 -9.14
N GLU A 70 34.22 23.44 -8.96
CA GLU A 70 35.39 23.86 -9.72
C GLU A 70 35.21 23.62 -11.21
N ASP A 71 34.62 22.48 -11.59
CA ASP A 71 34.31 22.17 -12.98
C ASP A 71 33.08 22.90 -13.50
N GLY A 72 32.51 23.81 -12.71
CA GLY A 72 31.45 24.66 -13.20
C GLY A 72 30.09 24.03 -13.26
N ALA A 73 29.85 23.00 -12.46
CA ALA A 73 28.50 22.48 -12.27
C ALA A 73 27.72 23.37 -11.31
N GLU A 74 26.48 23.66 -11.67
CA GLU A 74 25.50 24.21 -10.73
C GLU A 74 24.85 23.07 -9.96
N THR A 75 25.00 23.06 -8.64
CA THR A 75 24.54 21.95 -7.82
C THR A 75 23.69 22.44 -6.65
N ASP A 76 22.97 21.49 -6.04
CA ASP A 76 22.31 21.72 -4.77
C ASP A 76 23.29 22.13 -3.68
N LEU A 77 22.78 22.88 -2.71
CA LEU A 77 23.62 23.48 -1.67
C LEU A 77 24.17 22.46 -0.67
N ASP A 78 23.57 21.27 -0.59
CA ASP A 78 24.10 20.22 0.28
C ASP A 78 25.51 19.81 -0.11
N VAL A 79 25.85 19.92 -1.39
CA VAL A 79 27.23 19.70 -1.83
C VAL A 79 28.18 20.67 -1.17
N GLY A 80 27.68 21.82 -0.73
CA GLY A 80 28.51 22.75 0.02
C GLY A 80 28.75 22.33 1.45
N HIS A 81 27.78 21.66 2.08
CA HIS A 81 28.04 21.04 3.37
C HIS A 81 29.04 19.91 3.25
N TYR A 82 28.94 19.11 2.18
CA TYR A 82 29.97 18.10 1.95
C TYR A 82 31.35 18.71 1.80
N GLU A 83 31.49 19.74 0.95
CA GLU A 83 32.77 20.44 0.83
C GLU A 83 33.26 21.01 2.16
N ARG A 84 32.40 21.64 2.95
CA ARG A 84 32.88 22.25 4.19
C ARG A 84 33.27 21.25 5.26
N PHE A 85 32.61 20.10 5.33
CA PHE A 85 32.99 19.10 6.33
C PHE A 85 34.14 18.21 5.86
N LEU A 86 34.21 17.89 4.57
CA LEU A 86 35.33 17.09 4.06
C LEU A 86 36.54 17.94 3.75
N ASP A 87 36.36 19.23 3.48
CA ASP A 87 37.37 20.08 2.84
C ASP A 87 37.94 19.41 1.58
N ARG A 88 37.04 19.13 0.65
CA ARG A 88 37.35 18.46 -0.61
C ARG A 88 36.65 19.19 -1.73
N ASN A 89 37.31 19.35 -2.88
CA ASN A 89 36.61 19.79 -4.09
C ASN A 89 35.82 18.63 -4.66
N LEU A 90 34.48 18.73 -4.64
CA LEU A 90 33.63 17.68 -5.17
C LEU A 90 33.31 17.93 -6.63
N PRO A 91 33.15 16.88 -7.43
CA PRO A 91 32.76 17.04 -8.83
C PRO A 91 31.28 17.38 -9.00
N GLY A 92 30.94 17.78 -10.23
CA GLY A 92 29.54 17.86 -10.64
C GLY A 92 28.79 16.54 -10.57
N SER A 93 29.51 15.43 -10.67
CA SER A 93 28.90 14.10 -10.51
C SER A 93 28.34 13.87 -9.11
N ALA A 94 28.70 14.70 -8.13
CA ALA A 94 28.19 14.57 -6.78
C ALA A 94 26.71 14.89 -6.63
N ASN A 95 26.05 15.45 -7.65
CA ASN A 95 24.62 15.73 -7.56
C ASN A 95 23.91 15.10 -8.76
N VAL A 96 22.91 14.26 -8.49
CA VAL A 96 22.05 13.65 -9.50
C VAL A 96 20.63 14.15 -9.30
N THR A 97 19.90 14.35 -10.41
CA THR A 97 18.49 14.71 -10.38
C THR A 97 17.69 13.80 -11.31
N THR A 98 16.39 13.70 -11.01
CA THR A 98 15.45 13.00 -11.90
C THR A 98 15.46 13.57 -13.32
N GLY A 99 15.57 14.89 -13.44
CA GLY A 99 15.65 15.49 -14.76
C GLY A 99 16.84 15.05 -15.58
N GLN A 100 18.00 14.93 -14.93
CA GLN A 100 19.19 14.42 -15.61
C GLN A 100 19.01 12.97 -16.04
N VAL A 101 18.46 12.13 -15.17
CA VAL A 101 18.29 10.72 -15.47
C VAL A 101 17.32 10.53 -16.62
N TYR A 102 16.13 11.14 -16.54
CA TYR A 102 15.16 11.02 -17.63
C TYR A 102 15.67 11.60 -18.95
N SER A 103 16.28 12.78 -18.91
CA SER A 103 16.87 13.33 -20.13
C SER A 103 17.92 12.41 -20.74
N THR A 104 18.72 11.74 -19.90
CA THR A 104 19.73 10.81 -20.41
C THR A 104 19.12 9.55 -21.02
N VAL A 105 18.15 8.94 -20.34
CA VAL A 105 17.53 7.74 -20.86
C VAL A 105 16.74 8.03 -22.13
N ILE A 106 16.02 9.16 -22.17
CA ILE A 106 15.28 9.52 -23.38
C ILE A 106 16.21 9.84 -24.55
N ALA A 107 17.35 10.47 -24.28
CA ALA A 107 18.34 10.68 -25.35
C ALA A 107 18.92 9.35 -25.87
N LYS A 108 19.30 8.45 -24.97
CA LYS A 108 19.71 7.11 -25.42
C LYS A 108 18.63 6.40 -26.22
N GLU A 109 17.36 6.55 -25.83
CA GLU A 109 16.28 5.89 -26.54
C GLU A 109 16.11 6.44 -27.95
N ARG A 110 16.13 7.76 -28.09
CA ARG A 110 16.02 8.40 -29.40
C ARG A 110 17.21 8.10 -30.30
N ARG A 111 18.36 7.73 -29.76
CA ARG A 111 19.50 7.26 -30.54
C ARG A 111 19.47 5.77 -30.85
N GLY A 112 18.46 5.03 -30.41
CA GLY A 112 18.34 3.62 -30.72
C GLY A 112 19.19 2.69 -29.88
N GLU A 113 19.76 3.17 -28.78
CA GLU A 113 20.74 2.39 -28.03
C GLU A 113 20.13 1.22 -27.26
N TYR A 114 18.82 1.23 -26.99
CA TYR A 114 18.16 0.12 -26.32
C TYR A 114 17.64 -0.94 -27.27
N LEU A 115 18.11 -0.94 -28.52
CA LEU A 115 17.96 -2.07 -29.44
C LEU A 115 16.50 -2.51 -29.61
N GLY A 116 15.59 -1.55 -29.71
CA GLY A 116 14.20 -1.89 -29.96
C GLY A 116 13.39 -2.37 -28.79
N ASP A 117 13.83 -2.11 -27.56
CA ASP A 117 13.03 -2.47 -26.39
C ASP A 117 11.95 -1.43 -26.09
N THR A 118 10.96 -1.89 -25.32
CA THR A 118 10.14 -0.98 -24.53
C THR A 118 10.95 -0.44 -23.35
N VAL A 119 11.03 0.87 -23.23
CA VAL A 119 11.81 1.52 -22.18
C VAL A 119 10.89 1.83 -21.01
N GLN A 120 11.36 1.53 -19.81
CA GLN A 120 10.51 1.42 -18.63
C GLN A 120 11.20 2.13 -17.48
N VAL A 121 10.47 2.36 -16.40
CA VAL A 121 11.09 2.90 -15.20
C VAL A 121 12.01 1.86 -14.58
N ILE A 122 11.50 0.64 -14.41
CA ILE A 122 12.31 -0.53 -14.09
C ILE A 122 12.31 -1.43 -15.34
N PRO A 123 13.47 -1.81 -15.87
CA PRO A 123 14.81 -1.54 -15.34
C PRO A 123 15.46 -0.19 -15.67
N HIS A 124 15.16 0.45 -16.79
CA HIS A 124 16.12 1.37 -17.41
C HIS A 124 16.41 2.63 -16.58
N ILE A 125 15.41 3.23 -15.94
CA ILE A 125 15.70 4.37 -15.08
C ILE A 125 16.46 3.95 -13.83
N THR A 126 16.03 2.85 -13.20
CA THR A 126 16.73 2.39 -12.01
C THR A 126 18.13 1.90 -12.32
N ASP A 127 18.34 1.36 -13.53
CA ASP A 127 19.67 1.00 -13.99
C ASP A 127 20.55 2.22 -14.18
N GLU A 128 20.02 3.31 -14.72
CA GLU A 128 20.81 4.53 -14.84
C GLU A 128 21.18 5.12 -13.48
N ILE A 129 20.24 5.13 -12.54
CA ILE A 129 20.56 5.58 -11.19
C ILE A 129 21.58 4.67 -10.51
N LYS A 130 21.40 3.36 -10.61
CA LYS A 130 22.35 2.42 -10.02
C LYS A 130 23.74 2.55 -10.62
N ARG A 131 23.82 2.78 -11.93
CA ARG A 131 25.10 3.07 -12.56
C ARG A 131 25.73 4.33 -12.00
N ARG A 132 24.95 5.39 -11.84
CA ARG A 132 25.50 6.62 -11.27
C ARG A 132 25.95 6.46 -9.83
N ILE A 133 25.30 5.60 -9.06
CA ILE A 133 25.75 5.30 -7.70
C ILE A 133 27.05 4.51 -7.72
N LEU A 134 27.06 3.37 -8.40
CA LEU A 134 28.25 2.52 -8.45
C LEU A 134 29.44 3.20 -9.13
N ALA A 135 29.22 4.19 -9.99
CA ALA A 135 30.32 4.96 -10.56
C ALA A 135 31.13 5.71 -9.52
N MET A 136 30.50 6.13 -8.42
CA MET A 136 31.23 6.86 -7.38
C MET A 136 32.36 6.02 -6.77
N ALA A 137 32.20 4.70 -6.76
CA ALA A 137 33.18 3.80 -6.16
C ALA A 137 34.40 3.54 -7.03
N GLN A 138 34.46 4.06 -8.23
CA GLN A 138 35.60 3.83 -9.11
C GLN A 138 36.80 4.69 -8.71
N PRO A 139 38.02 4.22 -9.00
CA PRO A 139 39.21 5.00 -8.62
C PRO A 139 39.23 6.38 -9.25
N ASP A 140 39.71 7.34 -8.47
CA ASP A 140 39.86 8.71 -8.94
C ASP A 140 41.06 8.81 -9.90
N ALA A 141 41.27 10.03 -10.42
CA ALA A 141 42.35 10.29 -11.36
C ALA A 141 43.73 10.05 -10.76
N ASP A 142 43.85 9.97 -9.44
CA ASP A 142 45.11 9.66 -8.78
C ASP A 142 45.18 8.21 -8.31
N GLY A 143 44.18 7.40 -8.65
CA GLY A 143 44.19 5.98 -8.35
C GLY A 143 43.64 5.62 -7.00
N ASN A 144 43.07 6.57 -6.27
CA ASN A 144 42.53 6.30 -4.94
C ASN A 144 41.10 5.79 -5.09
N ARG A 145 40.82 4.68 -4.46
CA ARG A 145 39.46 4.19 -4.37
C ARG A 145 38.90 4.50 -2.99
N PRO A 146 37.69 5.05 -2.90
CA PRO A 146 37.11 5.33 -1.58
C PRO A 146 36.83 4.06 -0.78
N ASP A 147 36.92 4.20 0.54
CA ASP A 147 36.49 3.12 1.42
C ASP A 147 34.97 3.07 1.56
N VAL A 148 34.31 4.23 1.65
CA VAL A 148 32.85 4.30 1.68
C VAL A 148 32.40 5.41 0.73
N VAL A 149 31.26 5.18 0.09
CA VAL A 149 30.48 6.25 -0.54
C VAL A 149 29.23 6.47 0.31
N ILE A 150 29.05 7.68 0.80
CA ILE A 150 27.82 8.08 1.51
C ILE A 150 26.88 8.76 0.52
N THR A 151 25.71 8.17 0.31
CA THR A 151 24.71 8.67 -0.63
C THR A 151 23.46 9.14 0.12
N GLU A 152 23.16 10.43 0.04
CA GLU A 152 21.96 10.99 0.65
C GLU A 152 20.82 11.02 -0.37
N ILE A 153 19.69 10.40 -0.01
CA ILE A 153 18.52 10.35 -0.87
C ILE A 153 17.58 11.46 -0.44
N GLY A 154 17.31 12.40 -1.33
CA GLY A 154 16.44 13.52 -1.05
C GLY A 154 14.98 13.16 -1.01
N GLY A 155 14.20 14.09 -0.48
CA GLY A 155 12.79 13.88 -0.22
C GLY A 155 12.49 13.12 1.07
N THR A 156 11.26 12.64 1.15
CA THR A 156 10.75 11.87 2.27
C THR A 156 10.24 10.52 1.77
N VAL A 157 10.49 9.48 2.56
CA VAL A 157 10.02 8.13 2.24
C VAL A 157 8.51 8.09 2.25
N GLY A 158 7.90 7.90 1.08
CA GLY A 158 6.48 8.10 0.91
C GLY A 158 6.15 9.06 -0.23
N ASP A 159 7.11 9.89 -0.61
CA ASP A 159 6.96 10.73 -1.79
C ASP A 159 7.00 9.91 -3.08
N ILE A 160 6.09 10.24 -3.99
CA ILE A 160 6.07 9.62 -5.31
C ILE A 160 7.40 9.82 -6.03
N GLU A 161 7.97 11.03 -5.93
CA GLU A 161 9.23 11.33 -6.61
C GLU A 161 10.44 10.60 -6.04
N SER A 162 10.39 10.16 -4.78
CA SER A 162 11.50 9.44 -4.17
C SER A 162 11.63 7.99 -4.62
N GLN A 163 10.58 7.40 -5.19
CA GLN A 163 10.52 5.95 -5.33
C GLN A 163 11.58 5.33 -6.23
N PRO A 164 11.96 5.92 -7.38
CA PRO A 164 13.03 5.31 -8.19
C PRO A 164 14.37 5.20 -7.49
N PHE A 165 14.77 6.21 -6.74
CA PHE A 165 16.07 6.17 -6.06
C PHE A 165 16.09 5.16 -4.93
N LEU A 166 15.00 5.06 -4.16
CA LEU A 166 14.89 4.04 -3.13
C LEU A 166 14.88 2.63 -3.72
N GLU A 167 14.23 2.44 -4.87
CA GLU A 167 14.30 1.13 -5.52
C GLU A 167 15.70 0.81 -6.03
N ALA A 168 16.43 1.79 -6.58
CA ALA A 168 17.82 1.55 -6.94
C ALA A 168 18.71 1.24 -5.74
N ALA A 169 18.50 1.93 -4.62
CA ALA A 169 19.25 1.61 -3.41
C ALA A 169 18.95 0.22 -2.88
N ARG A 170 17.69 -0.21 -2.97
CA ARG A 170 17.37 -1.60 -2.66
C ARG A 170 18.10 -2.58 -3.58
N GLN A 171 18.13 -2.29 -4.88
CA GLN A 171 18.86 -3.15 -5.80
C GLN A 171 20.36 -3.20 -5.51
N VAL A 172 20.94 -2.08 -5.07
CA VAL A 172 22.35 -2.10 -4.63
C VAL A 172 22.54 -2.99 -3.40
N ARG A 173 21.63 -2.91 -2.43
CA ARG A 173 21.69 -3.84 -1.30
C ARG A 173 21.61 -5.29 -1.73
N HIS A 174 20.72 -5.60 -2.67
CA HIS A 174 20.63 -6.97 -3.16
C HIS A 174 21.88 -7.41 -3.91
N TYR A 175 22.46 -6.51 -4.71
CA TYR A 175 23.64 -6.85 -5.50
C TYR A 175 24.89 -7.02 -4.64
N LEU A 176 25.15 -6.10 -3.71
CA LEU A 176 26.37 -6.15 -2.91
C LEU A 176 26.22 -6.90 -1.59
N GLY A 177 24.99 -7.10 -1.11
CA GLY A 177 24.75 -7.78 0.14
C GLY A 177 24.88 -6.87 1.36
N ARG A 178 24.27 -7.33 2.45
CA ARG A 178 24.19 -6.59 3.70
C ARG A 178 25.53 -6.34 4.38
N GLU A 179 26.60 -7.02 3.96
CA GLU A 179 27.92 -6.76 4.52
C GLU A 179 28.55 -5.50 3.98
N ASP A 180 28.13 -5.05 2.80
CA ASP A 180 28.69 -3.90 2.12
C ASP A 180 27.76 -2.69 2.09
N VAL A 181 26.53 -2.81 2.58
CA VAL A 181 25.54 -1.75 2.47
C VAL A 181 24.90 -1.50 3.83
N PHE A 182 24.77 -0.24 4.20
CA PHE A 182 24.17 0.20 5.45
C PHE A 182 23.08 1.21 5.14
N PHE A 183 21.94 1.11 5.81
CA PHE A 183 20.86 2.10 5.69
C PHE A 183 20.65 2.89 6.98
N LEU A 184 20.83 4.20 6.90
CA LEU A 184 20.58 5.13 7.99
C LEU A 184 19.29 5.90 7.74
N HIS A 185 18.36 5.89 8.69
CA HIS A 185 17.07 6.54 8.55
C HIS A 185 16.87 7.64 9.58
N VAL A 186 16.64 8.87 9.11
CA VAL A 186 16.40 10.05 9.94
C VAL A 186 14.90 10.28 10.10
N SER A 187 14.45 10.51 11.33
CA SER A 187 13.02 10.62 11.61
C SER A 187 12.78 11.63 12.73
N LEU A 188 11.56 12.15 12.78
CA LEU A 188 11.15 13.16 13.77
C LEU A 188 10.38 12.52 14.93
N VAL A 189 10.73 12.91 16.14
CA VAL A 189 9.95 12.64 17.35
C VAL A 189 9.31 13.93 17.85
N PRO A 190 8.02 14.19 17.59
CA PRO A 190 7.41 15.43 18.08
C PRO A 190 6.98 15.39 19.54
N TYR A 191 7.01 16.57 20.17
CA TYR A 191 6.51 16.79 21.52
C TYR A 191 5.16 17.52 21.50
N LEU A 192 4.18 16.98 22.23
CA LEU A 192 2.86 17.59 22.36
C LEU A 192 2.75 18.26 23.72
N ALA A 193 2.66 19.59 23.73
CA ALA A 193 2.66 20.37 24.95
C ALA A 193 1.44 20.19 25.84
N PRO A 194 0.23 19.99 25.28
CA PRO A 194 -0.93 19.83 26.17
C PRO A 194 -0.87 18.58 27.03
N SER A 195 -0.38 17.47 26.49
CA SER A 195 -0.28 16.25 27.24
C SER A 195 1.14 15.95 27.74
N GLY A 196 2.13 16.70 27.26
CA GLY A 196 3.46 16.64 27.81
C GLY A 196 4.23 15.39 27.47
N GLU A 197 4.03 14.84 26.28
CA GLU A 197 4.54 13.52 25.94
C GLU A 197 5.20 13.56 24.56
N LEU A 198 6.27 12.80 24.40
CA LEU A 198 6.85 12.53 23.09
C LEU A 198 6.11 11.38 22.41
N LYS A 199 5.84 11.54 21.11
CA LYS A 199 5.08 10.54 20.37
C LYS A 199 6.00 9.74 19.45
N THR A 200 6.01 8.42 19.62
CA THR A 200 6.78 7.52 18.77
C THR A 200 6.05 7.08 17.50
N LYS A 201 4.73 7.26 17.45
CA LYS A 201 3.94 6.76 16.33
C LYS A 201 4.36 7.26 14.96
N PRO A 202 4.72 8.53 14.75
CA PRO A 202 5.24 8.94 13.43
C PRO A 202 6.46 8.19 12.95
N THR A 203 7.43 7.91 13.83
CA THR A 203 8.57 7.09 13.46
C THR A 203 8.16 5.66 13.12
N GLN A 204 7.25 5.08 13.89
CA GLN A 204 6.77 3.73 13.57
C GLN A 204 6.14 3.67 12.19
N HIS A 205 5.25 4.61 11.87
CA HIS A 205 4.66 4.63 10.53
C HIS A 205 5.67 4.90 9.43
N SER A 206 6.69 5.72 9.71
CA SER A 206 7.73 5.96 8.70
C SER A 206 8.57 4.72 8.42
N VAL A 207 8.99 4.01 9.47
CA VAL A 207 9.71 2.76 9.29
C VAL A 207 8.84 1.70 8.63
N ALA A 208 7.55 1.65 8.96
CA ALA A 208 6.65 0.76 8.24
C ALA A 208 6.54 1.09 6.76
N ALA A 209 6.50 2.38 6.42
CA ALA A 209 6.53 2.78 5.02
C ALA A 209 7.80 2.35 4.31
N LEU A 210 8.94 2.52 4.97
CA LEU A 210 10.21 2.06 4.41
C LEU A 210 10.24 0.54 4.23
N ARG A 211 9.78 -0.22 5.22
CA ARG A 211 9.67 -1.67 5.10
C ARG A 211 8.72 -2.10 3.99
N SER A 212 7.68 -1.33 3.71
CA SER A 212 6.76 -1.69 2.63
C SER A 212 7.38 -1.59 1.24
N ILE A 213 8.52 -0.93 1.09
CA ILE A 213 9.23 -0.90 -0.18
C ILE A 213 10.49 -1.77 -0.17
N GLY A 214 10.63 -2.63 0.83
CA GLY A 214 11.69 -3.62 0.86
C GLY A 214 12.98 -3.22 1.51
N ILE A 215 13.03 -2.13 2.27
CA ILE A 215 14.23 -1.67 2.95
C ILE A 215 13.99 -1.76 4.45
N THR A 216 14.93 -2.39 5.16
CA THR A 216 14.96 -2.33 6.62
C THR A 216 16.11 -1.45 7.09
N PRO A 217 15.86 -0.45 7.94
CA PRO A 217 16.95 0.40 8.41
C PRO A 217 17.89 -0.31 9.36
N ASP A 218 19.19 -0.05 9.21
CA ASP A 218 20.19 -0.52 10.15
C ASP A 218 20.26 0.35 11.40
N ALA A 219 19.98 1.65 11.28
CA ALA A 219 19.93 2.53 12.44
C ALA A 219 18.88 3.61 12.23
N LEU A 220 18.35 4.12 13.34
CA LEU A 220 17.42 5.24 13.36
C LEU A 220 18.03 6.44 14.06
N ILE A 221 18.00 7.60 13.42
CA ILE A 221 18.35 8.86 14.04
C ILE A 221 17.05 9.57 14.39
N LEU A 222 16.85 9.81 15.68
CA LEU A 222 15.63 10.42 16.20
C LEU A 222 15.87 11.91 16.40
N ARG A 223 15.17 12.74 15.64
CA ARG A 223 15.28 14.18 15.73
C ARG A 223 14.21 14.73 16.65
N CYS A 224 14.63 15.53 17.63
CA CYS A 224 13.77 15.92 18.74
C CYS A 224 14.31 17.22 19.28
N ASP A 225 13.46 17.96 20.00
CA ASP A 225 13.92 19.17 20.67
C ASP A 225 14.52 18.89 22.05
N ARG A 226 14.39 17.67 22.55
CA ARG A 226 14.87 17.29 23.86
C ARG A 226 15.36 15.86 23.78
N ASP A 227 16.18 15.46 24.75
CA ASP A 227 16.76 14.11 24.72
C ASP A 227 15.69 13.05 24.91
N VAL A 228 15.65 12.08 24.01
CA VAL A 228 14.62 11.05 24.02
C VAL A 228 14.87 10.11 25.21
N PRO A 229 13.86 9.80 26.02
CA PRO A 229 14.10 8.90 27.16
C PRO A 229 14.47 7.49 26.72
N GLU A 230 15.21 6.82 27.60
CA GLU A 230 15.67 5.45 27.33
C GLU A 230 14.51 4.50 27.08
N ALA A 231 13.43 4.63 27.85
CA ALA A 231 12.23 3.81 27.65
C ALA A 231 11.61 4.01 26.28
N LEU A 232 11.61 5.24 25.77
CA LEU A 232 11.08 5.47 24.43
C LEU A 232 11.98 4.88 23.35
N LYS A 233 13.30 5.04 23.49
CA LYS A 233 14.21 4.36 22.56
C LYS A 233 14.01 2.85 22.58
N ASN A 234 13.80 2.27 23.77
CA ASN A 234 13.50 0.84 23.86
C ASN A 234 12.21 0.46 23.15
N LYS A 235 11.14 1.23 23.37
CA LYS A 235 9.91 0.98 22.63
C LYS A 235 10.11 1.07 21.12
N ILE A 236 10.83 2.09 20.66
CA ILE A 236 11.11 2.23 19.23
C ILE A 236 11.90 1.02 18.71
N ALA A 237 13.00 0.68 19.38
CA ALA A 237 13.78 -0.49 18.97
C ALA A 237 12.92 -1.75 18.89
N LEU A 238 12.05 -1.96 19.86
CA LEU A 238 11.17 -3.13 19.87
C LEU A 238 10.17 -3.11 18.71
N MET A 239 9.46 -2.00 18.51
CA MET A 239 8.43 -1.95 17.48
C MET A 239 9.01 -1.91 16.07
N CYS A 240 10.13 -1.22 15.88
CA CYS A 240 10.74 -1.06 14.56
C CYS A 240 11.70 -2.17 14.17
N ASP A 241 11.91 -3.18 15.03
CA ASP A 241 12.89 -4.24 14.78
C ASP A 241 14.29 -3.72 14.51
N VAL A 242 14.74 -2.76 15.30
CA VAL A 242 16.04 -2.15 15.14
C VAL A 242 16.86 -2.45 16.39
N ASP A 243 18.15 -2.74 16.20
CA ASP A 243 19.06 -2.92 17.31
C ASP A 243 19.08 -1.67 18.18
N ILE A 244 18.90 -1.86 19.49
CA ILE A 244 18.89 -0.74 20.43
C ILE A 244 20.18 0.06 20.39
N ASP A 245 21.29 -0.58 20.01
CA ASP A 245 22.52 0.16 19.79
C ASP A 245 22.43 1.13 18.61
N GLY A 246 21.48 0.90 17.71
CA GLY A 246 21.25 1.72 16.54
C GLY A 246 20.12 2.72 16.63
N VAL A 247 19.52 2.93 17.79
CA VAL A 247 18.55 4.00 17.99
C VAL A 247 19.26 5.16 18.69
N ILE A 248 19.47 6.25 17.93
CA ILE A 248 20.35 7.35 18.31
C ILE A 248 19.49 8.56 18.63
N SER A 249 19.75 9.19 19.79
CA SER A 249 19.04 10.40 20.18
C SER A 249 19.88 11.62 19.81
N THR A 250 19.30 12.51 19.00
CA THR A 250 19.99 13.71 18.50
C THR A 250 19.12 14.95 18.70
N PRO A 251 19.08 15.50 19.91
CA PRO A 251 18.51 16.84 20.06
C PRO A 251 19.25 17.90 19.26
N ASP A 252 18.51 18.94 18.89
CA ASP A 252 19.05 20.08 18.16
C ASP A 252 20.21 20.74 18.90
N ALA A 253 21.35 20.87 18.22
CA ALA A 253 22.57 21.41 18.80
C ALA A 253 22.67 22.92 18.58
N PRO A 254 23.51 23.60 19.37
CA PRO A 254 23.64 25.05 19.23
C PRO A 254 24.19 25.51 17.90
N SER A 255 25.09 24.72 17.30
CA SER A 255 25.61 25.02 15.98
C SER A 255 25.77 23.71 15.22
N ILE A 256 25.89 23.84 13.90
CA ILE A 256 26.09 22.68 13.03
C ILE A 256 27.43 22.00 13.27
N TYR A 257 28.40 22.69 13.88
CA TYR A 257 29.69 22.10 14.13
C TYR A 257 29.73 21.22 15.37
N ASP A 258 28.70 21.26 16.20
CA ASP A 258 28.53 20.33 17.31
C ASP A 258 28.02 18.96 16.90
N ILE A 259 27.39 18.83 15.73
CA ILE A 259 26.76 17.56 15.37
C ILE A 259 27.76 16.41 15.35
N PRO A 260 28.99 16.56 14.88
CA PRO A 260 29.95 15.44 15.00
C PRO A 260 30.16 14.97 16.43
N LYS A 261 30.32 15.89 17.38
CA LYS A 261 30.46 15.51 18.78
C LYS A 261 29.23 14.79 19.30
N VAL A 262 28.04 15.26 18.92
CA VAL A 262 26.81 14.60 19.35
C VAL A 262 26.74 13.18 18.82
N LEU A 263 27.01 12.99 17.53
CA LEU A 263 26.97 11.66 16.95
C LEU A 263 28.03 10.73 17.52
N HIS A 264 29.18 11.27 17.92
CA HIS A 264 30.21 10.47 18.57
C HIS A 264 29.87 10.09 20.00
N ARG A 265 29.30 11.02 20.76
CA ARG A 265 28.78 10.70 22.08
C ARG A 265 27.81 9.51 22.06
N GLU A 266 26.91 9.48 21.08
CA GLU A 266 25.99 8.35 20.93
C GLU A 266 26.63 7.11 20.32
N GLU A 267 27.88 7.21 19.84
CA GLU A 267 28.59 6.09 19.23
C GLU A 267 27.98 5.60 17.92
N LEU A 268 27.39 6.50 17.12
CA LEU A 268 26.86 6.09 15.83
C LEU A 268 27.97 5.62 14.89
N ASP A 269 29.09 6.34 14.86
CA ASP A 269 30.20 5.97 13.98
C ASP A 269 30.82 4.63 14.39
N ALA A 270 30.94 4.36 15.68
CA ALA A 270 31.42 3.05 16.14
C ALA A 270 30.44 1.93 15.75
N PHE A 271 29.14 2.19 15.85
CA PHE A 271 28.15 1.24 15.36
C PHE A 271 28.31 0.98 13.87
N VAL A 272 28.47 2.04 13.08
CA VAL A 272 28.67 1.90 11.64
C VAL A 272 29.94 1.11 11.32
N VAL A 273 31.07 1.50 11.93
CA VAL A 273 32.34 0.83 11.68
C VAL A 273 32.27 -0.65 12.03
N ARG A 274 31.68 -1.00 13.18
CA ARG A 274 31.48 -2.40 13.51
C ARG A 274 30.61 -3.11 12.49
N ARG A 275 29.45 -2.53 12.17
CA ARG A 275 28.49 -3.18 11.28
C ARG A 275 29.06 -3.42 9.89
N LEU A 276 29.79 -2.45 9.34
CA LEU A 276 30.43 -2.60 8.04
C LEU A 276 31.76 -3.35 8.09
N ASN A 277 32.26 -3.68 9.28
CA ASN A 277 33.55 -4.34 9.46
C ASN A 277 34.69 -3.59 8.76
N LEU A 278 34.70 -2.28 8.93
CA LEU A 278 35.75 -1.44 8.39
C LEU A 278 36.98 -1.46 9.31
N PRO A 279 38.17 -1.15 8.77
CA PRO A 279 39.34 -0.96 9.64
C PRO A 279 39.13 0.13 10.69
N PHE A 280 38.94 -0.31 11.93
CA PHE A 280 38.67 0.59 13.06
C PHE A 280 39.91 1.43 13.37
N ARG A 281 39.67 2.65 13.84
CA ARG A 281 40.69 3.45 14.50
C ARG A 281 39.97 4.47 15.38
N ASP A 282 40.68 5.00 16.38
CA ASP A 282 40.16 6.14 17.11
C ASP A 282 40.13 7.42 16.27
N VAL A 283 39.17 8.28 16.58
CA VAL A 283 39.13 9.66 16.09
C VAL A 283 40.22 10.49 16.77
N ASP A 284 40.89 11.34 16.00
CA ASP A 284 41.67 12.44 16.54
C ASP A 284 40.85 13.71 16.47
N TRP A 285 40.59 14.33 17.62
CA TRP A 285 39.77 15.52 17.74
C TRP A 285 40.52 16.85 17.66
N THR A 286 41.84 16.86 17.66
CA THR A 286 42.58 18.07 18.00
C THR A 286 42.19 19.29 17.15
N GLU A 287 42.00 19.09 15.85
CA GLU A 287 41.65 20.22 15.00
C GLU A 287 40.20 20.62 15.14
N TRP A 288 39.29 19.66 15.28
CA TRP A 288 37.89 20.03 15.47
C TRP A 288 37.67 20.59 16.88
N ASP A 289 38.49 20.18 17.84
CA ASP A 289 38.50 20.86 19.14
C ASP A 289 38.95 22.31 19.04
N ASP A 290 39.96 22.59 18.21
CA ASP A 290 40.33 24.00 18.00
C ASP A 290 39.24 24.79 17.28
N LEU A 291 38.60 24.17 16.30
CA LEU A 291 37.43 24.81 15.67
C LEU A 291 36.37 25.14 16.71
N LEU A 292 35.97 24.17 17.52
CA LEU A 292 34.91 24.41 18.48
C LEU A 292 35.29 25.40 19.57
N ARG A 293 36.57 25.52 19.91
CA ARG A 293 36.99 26.65 20.74
C ARG A 293 36.76 27.99 20.05
N ARG A 294 37.14 28.11 18.79
CA ARG A 294 36.91 29.36 18.07
C ARG A 294 35.42 29.64 17.85
N VAL A 295 34.61 28.60 17.73
CA VAL A 295 33.15 28.76 17.68
C VAL A 295 32.60 29.26 19.00
N HIS A 296 32.86 28.55 20.09
CA HIS A 296 32.13 28.76 21.33
C HIS A 296 32.77 29.74 22.30
N GLU A 297 34.03 30.11 22.13
CA GLU A 297 34.69 31.05 23.03
C GLU A 297 35.36 32.19 22.26
N PRO A 298 34.57 32.95 21.50
CA PRO A 298 35.12 34.14 20.83
C PRO A 298 35.53 35.22 21.81
N HIS A 299 36.58 35.96 21.44
CA HIS A 299 37.04 37.07 22.28
C HIS A 299 36.26 38.36 22.06
N GLU A 300 35.65 38.57 20.90
CA GLU A 300 34.94 39.82 20.65
C GLU A 300 33.84 39.59 19.64
N THR A 301 32.97 40.60 19.52
CA THR A 301 31.87 40.59 18.56
C THR A 301 31.96 41.80 17.64
N VAL A 302 31.61 41.58 16.37
CA VAL A 302 31.57 42.63 15.35
C VAL A 302 30.33 42.39 14.49
N ARG A 303 29.70 43.47 14.06
CA ARG A 303 28.46 43.41 13.27
C ARG A 303 28.75 43.68 11.81
N ILE A 304 28.32 42.77 10.96
CA ILE A 304 28.40 42.91 9.51
C ILE A 304 26.97 43.03 8.99
N ALA A 305 26.68 44.13 8.30
CA ALA A 305 25.47 44.24 7.49
C ALA A 305 25.57 43.36 6.25
N LEU A 306 24.51 42.60 5.98
CA LEU A 306 24.32 41.92 4.71
C LEU A 306 23.15 42.57 3.96
N VAL A 307 23.45 43.24 2.85
CA VAL A 307 22.44 44.01 2.13
C VAL A 307 21.76 43.11 1.10
N GLY A 308 20.88 42.23 1.56
CA GLY A 308 20.21 41.24 0.73
C GLY A 308 18.80 41.60 0.35
N LYS A 309 18.03 40.56 0.01
CA LYS A 309 16.62 40.70 -0.35
C LYS A 309 15.78 41.15 0.84
N TYR A 310 15.96 40.54 2.01
CA TYR A 310 15.06 40.77 3.12
C TYR A 310 15.82 40.71 4.44
N VAL A 311 15.21 41.29 5.48
CA VAL A 311 15.81 41.48 6.79
C VAL A 311 15.82 40.21 7.63
N GLU A 312 15.82 39.05 6.98
CA GLU A 312 15.81 37.78 7.71
C GLU A 312 16.74 36.79 7.03
N LEU A 313 17.16 35.79 7.79
CA LEU A 313 18.02 34.74 7.27
C LEU A 313 17.36 34.03 6.11
N SER A 314 18.13 33.83 5.04
CA SER A 314 17.69 33.08 3.88
C SER A 314 18.82 32.18 3.43
N ASP A 315 18.48 30.95 3.04
CA ASP A 315 19.46 30.06 2.43
C ASP A 315 20.01 30.60 1.13
N ALA A 316 19.40 31.65 0.58
CA ALA A 316 19.99 32.38 -0.53
C ALA A 316 21.40 32.87 -0.23
N TYR A 317 21.76 33.01 1.03
CA TYR A 317 23.10 33.45 1.40
C TYR A 317 23.68 32.56 2.49
N LEU A 318 23.39 31.26 2.40
CA LEU A 318 23.92 30.31 3.37
C LEU A 318 25.43 30.28 3.37
N SER A 319 26.04 30.13 2.20
CA SER A 319 27.49 30.06 2.12
C SER A 319 28.17 31.41 2.37
N VAL A 320 27.49 32.52 2.11
CA VAL A 320 28.06 33.82 2.48
C VAL A 320 28.05 34.01 3.99
N ALA A 321 26.96 33.61 4.65
CA ALA A 321 26.91 33.70 6.11
C ALA A 321 27.94 32.79 6.76
N GLU A 322 28.08 31.56 6.26
CA GLU A 322 29.11 30.67 6.77
C GLU A 322 30.51 31.20 6.50
N ALA A 323 30.75 31.76 5.32
CA ALA A 323 32.07 32.32 5.03
C ALA A 323 32.38 33.51 5.94
N LEU A 324 31.40 34.34 6.26
CA LEU A 324 31.63 35.44 7.20
C LEU A 324 31.97 34.94 8.60
N ARG A 325 31.24 33.95 9.09
CA ARG A 325 31.60 33.36 10.38
C ARG A 325 32.99 32.73 10.36
N ALA A 326 33.30 31.93 9.33
CA ALA A 326 34.64 31.35 9.21
C ALA A 326 35.73 32.43 9.16
N GLY A 327 35.51 33.51 8.42
CA GLY A 327 36.45 34.62 8.44
C GLY A 327 36.59 35.25 9.81
N GLY A 328 35.53 35.23 10.61
CA GLY A 328 35.65 35.67 11.99
C GLY A 328 36.42 34.71 12.88
N PHE A 329 36.26 33.41 12.66
CA PHE A 329 36.95 32.41 13.48
C PHE A 329 38.46 32.64 13.49
N LYS A 330 39.03 33.09 12.39
CA LYS A 330 40.46 33.39 12.36
C LYS A 330 40.87 34.41 13.42
N HIS A 331 40.05 35.42 13.65
CA HIS A 331 40.35 36.45 14.65
C HIS A 331 39.87 36.11 16.05
N ARG A 332 39.25 34.94 16.25
CA ARG A 332 38.53 34.64 17.47
C ARG A 332 37.41 35.64 17.76
N ALA A 333 36.74 36.10 16.71
CA ALA A 333 35.66 37.06 16.84
C ALA A 333 34.33 36.41 16.49
N LYS A 334 33.29 36.77 17.24
CA LYS A 334 31.92 36.47 16.84
C LYS A 334 31.44 37.49 15.82
N VAL A 335 31.12 37.03 14.62
CA VAL A 335 30.52 37.88 13.59
C VAL A 335 29.01 37.68 13.64
N GLU A 336 28.32 38.70 14.12
CA GLU A 336 26.86 38.73 14.15
C GLU A 336 26.37 39.34 12.85
N ILE A 337 25.54 38.60 12.12
CA ILE A 337 25.03 39.06 10.84
C ILE A 337 23.80 39.92 11.08
N CYS A 338 23.87 41.18 10.65
CA CYS A 338 22.75 42.10 10.59
C CYS A 338 22.15 42.06 9.18
N TRP A 339 21.11 41.27 9.00
CA TRP A 339 20.43 41.16 7.71
C TRP A 339 19.67 42.44 7.40
N VAL A 340 20.10 43.16 6.38
CA VAL A 340 19.54 44.45 6.00
C VAL A 340 18.93 44.30 4.62
N ALA A 341 17.73 44.85 4.45
CA ALA A 341 17.11 44.89 3.13
C ALA A 341 17.77 45.90 2.21
N SER A 342 17.92 45.51 0.95
CA SER A 342 18.42 46.43 -0.07
C SER A 342 17.57 47.69 -0.16
N ASP A 343 16.25 47.56 0.01
CA ASP A 343 15.33 48.65 -0.30
C ASP A 343 15.27 49.70 0.80
N GLY A 344 15.52 49.32 2.05
CA GLY A 344 15.68 50.29 3.12
C GLY A 344 16.88 51.19 2.96
N CYS A 345 17.84 50.80 2.14
CA CYS A 345 19.02 51.62 1.86
C CYS A 345 18.87 52.50 0.64
N GLU A 346 17.70 52.52 0.01
CA GLU A 346 17.54 53.28 -1.23
C GLU A 346 17.59 54.79 -0.97
N THR A 347 16.93 55.26 0.09
CA THR A 347 17.14 56.63 0.53
C THR A 347 18.38 56.74 1.41
N THR A 348 19.06 57.88 1.31
CA THR A 348 20.27 58.07 2.10
C THR A 348 19.96 58.09 3.59
N SER A 349 18.82 58.65 3.97
CA SER A 349 18.37 58.56 5.36
C SER A 349 18.01 57.13 5.75
N GLY A 350 17.38 56.40 4.83
CA GLY A 350 17.10 54.99 5.11
C GLY A 350 18.36 54.16 5.22
N ALA A 351 19.33 54.40 4.35
CA ALA A 351 20.65 53.77 4.50
C ALA A 351 21.28 54.08 5.85
N ALA A 352 21.29 55.36 6.23
CA ALA A 352 21.86 55.75 7.51
C ALA A 352 21.08 55.17 8.68
N ALA A 353 19.82 54.82 8.50
CA ALA A 353 19.10 54.10 9.55
C ALA A 353 19.49 52.62 9.60
N ALA A 354 19.40 51.92 8.47
CA ALA A 354 19.64 50.48 8.47
C ALA A 354 21.11 50.14 8.63
N LEU A 355 21.99 50.82 7.89
CA LEU A 355 23.43 50.55 7.94
C LEU A 355 24.15 51.41 8.95
N GLY A 356 23.47 51.88 9.99
CA GLY A 356 24.06 52.82 10.93
C GLY A 356 24.89 52.21 12.03
N ASP A 357 24.45 51.09 12.59
CA ASP A 357 25.09 50.50 13.77
C ASP A 357 26.12 49.45 13.41
N VAL A 358 26.32 49.17 12.13
CA VAL A 358 27.15 48.06 11.69
C VAL A 358 28.56 48.54 11.44
N HIS A 359 29.49 47.58 11.35
CA HIS A 359 30.90 47.88 11.18
C HIS A 359 31.42 47.47 9.80
N GLY A 360 30.69 46.66 9.08
CA GLY A 360 31.04 46.36 7.69
C GLY A 360 29.79 46.00 6.92
N VAL A 361 29.83 46.26 5.62
CA VAL A 361 28.73 45.98 4.71
C VAL A 361 29.20 44.98 3.66
N LEU A 362 28.46 43.90 3.52
CA LEU A 362 28.68 42.91 2.46
C LEU A 362 27.56 43.03 1.44
N ILE A 363 27.94 43.14 0.17
CA ILE A 363 26.98 43.22 -0.94
C ILE A 363 26.98 41.90 -1.70
N PRO A 364 26.05 40.99 -1.42
CA PRO A 364 26.11 39.67 -2.02
C PRO A 364 25.53 39.64 -3.42
N GLY A 365 25.90 38.60 -4.15
CA GLY A 365 25.58 38.45 -5.55
C GLY A 365 24.40 37.54 -5.78
N GLY A 366 24.47 36.78 -6.87
CA GLY A 366 23.48 35.78 -7.21
C GLY A 366 22.55 36.26 -8.30
N PHE A 367 21.80 35.29 -8.84
CA PHE A 367 20.62 35.59 -9.63
C PHE A 367 19.39 35.68 -8.75
N GLY A 368 18.24 35.95 -9.36
CA GLY A 368 17.02 36.08 -8.60
C GLY A 368 16.79 37.44 -7.98
N ILE A 369 17.54 38.46 -8.40
CA ILE A 369 17.32 39.83 -7.94
C ILE A 369 16.98 40.67 -9.14
N ARG A 370 16.11 41.67 -8.94
CA ARG A 370 15.80 42.66 -9.96
C ARG A 370 15.89 44.05 -9.34
N GLY A 371 16.58 44.95 -10.03
CA GLY A 371 16.86 46.26 -9.50
C GLY A 371 18.00 46.27 -8.50
N ILE A 372 18.91 47.25 -8.64
CA ILE A 372 20.11 47.32 -7.83
C ILE A 372 20.31 48.68 -7.18
N GLU A 373 19.39 49.62 -7.35
CA GLU A 373 19.65 50.99 -6.92
C GLU A 373 19.82 51.11 -5.42
N GLY A 374 19.13 50.28 -4.65
CA GLY A 374 19.32 50.28 -3.20
C GLY A 374 20.70 49.85 -2.77
N LYS A 375 21.27 48.86 -3.44
CA LYS A 375 22.64 48.44 -3.14
C LYS A 375 23.65 49.52 -3.50
N ILE A 376 23.42 50.24 -4.59
CA ILE A 376 24.29 51.38 -4.91
C ILE A 376 24.16 52.46 -3.85
N GLY A 377 22.96 52.66 -3.32
CA GLY A 377 22.80 53.57 -2.20
C GLY A 377 23.55 53.13 -0.95
N ALA A 378 23.47 51.85 -0.63
CA ALA A 378 24.25 51.29 0.47
C ALA A 378 25.75 51.50 0.28
N ILE A 379 26.27 51.26 -0.92
CA ILE A 379 27.69 51.47 -1.18
C ILE A 379 28.06 52.94 -1.03
N ALA A 380 27.28 53.83 -1.62
CA ALA A 380 27.56 55.26 -1.50
C ALA A 380 27.56 55.72 -0.05
N TYR A 381 26.55 55.32 0.72
CA TYR A 381 26.53 55.62 2.15
C TYR A 381 27.76 55.08 2.86
N ALA A 382 28.12 53.81 2.61
CA ALA A 382 29.23 53.19 3.32
C ALA A 382 30.56 53.90 3.02
N ARG A 383 30.80 54.24 1.75
CA ARG A 383 31.97 55.04 1.41
C ARG A 383 31.93 56.43 2.04
N ALA A 384 30.74 57.04 2.15
CA ALA A 384 30.69 58.33 2.84
C ALA A 384 31.03 58.19 4.32
N ARG A 385 30.46 57.19 4.98
CA ARG A 385 30.76 56.94 6.39
C ARG A 385 32.19 56.44 6.58
N GLY A 386 32.76 55.82 5.55
CA GLY A 386 34.07 55.21 5.67
C GLY A 386 34.05 53.79 6.15
N LEU A 387 32.93 53.10 6.01
CA LEU A 387 32.84 51.69 6.35
C LEU A 387 33.63 50.84 5.37
N PRO A 388 34.14 49.68 5.81
CA PRO A 388 34.63 48.69 4.87
C PRO A 388 33.50 47.97 4.16
N VAL A 389 33.75 47.60 2.90
CA VAL A 389 32.74 47.00 2.04
C VAL A 389 33.38 45.85 1.26
N LEU A 390 32.69 44.71 1.20
CA LEU A 390 33.05 43.61 0.32
C LEU A 390 31.87 43.34 -0.59
N GLY A 391 32.08 43.47 -1.89
CA GLY A 391 31.08 43.24 -2.90
C GLY A 391 31.34 41.98 -3.72
N LEU A 392 30.40 41.04 -3.73
CA LEU A 392 30.63 39.77 -4.39
C LEU A 392 29.85 39.73 -5.71
N CYS A 393 30.59 39.53 -6.81
CA CYS A 393 30.08 39.60 -8.18
C CYS A 393 29.25 40.83 -8.52
N LEU A 394 27.91 40.72 -8.39
CA LEU A 394 27.05 41.88 -8.46
C LEU A 394 27.49 42.99 -7.52
N GLY A 395 28.11 42.65 -6.40
CA GLY A 395 28.65 43.71 -5.56
C GLY A 395 29.76 44.50 -6.22
N LEU A 396 30.62 43.82 -6.97
CA LEU A 396 31.59 44.53 -7.79
C LEU A 396 30.89 45.41 -8.82
N GLN A 397 29.87 44.87 -9.47
CA GLN A 397 29.17 45.64 -10.50
C GLN A 397 28.53 46.89 -9.92
N CYS A 398 27.89 46.77 -8.75
CA CYS A 398 27.37 47.94 -8.06
C CYS A 398 28.46 48.93 -7.65
N ILE A 399 29.61 48.44 -7.17
CA ILE A 399 30.70 49.36 -6.84
C ILE A 399 31.18 50.13 -8.06
N VAL A 400 31.32 49.45 -9.20
CA VAL A 400 31.73 50.13 -10.44
C VAL A 400 30.67 51.12 -10.91
N ILE A 401 29.39 50.77 -10.80
CA ILE A 401 28.33 51.69 -11.18
C ILE A 401 28.27 52.89 -10.24
N GLU A 402 28.38 52.66 -8.94
CA GLU A 402 28.44 53.77 -7.98
C GLU A 402 29.63 54.69 -8.25
N ALA A 403 30.78 54.12 -8.60
CA ALA A 403 31.91 54.96 -9.00
C ALA A 403 31.60 55.78 -10.25
N ALA A 404 31.05 55.13 -11.28
CA ALA A 404 30.72 55.84 -12.51
C ALA A 404 29.78 57.00 -12.25
N ARG A 405 28.74 56.78 -11.45
CA ARG A 405 27.84 57.87 -11.10
C ARG A 405 28.53 58.94 -10.27
N SER A 406 29.48 58.55 -9.40
CA SER A 406 30.23 59.53 -8.64
C SER A 406 31.13 60.41 -9.51
N VAL A 407 31.60 59.91 -10.65
CA VAL A 407 32.38 60.76 -11.56
C VAL A 407 31.49 61.55 -12.51
N GLY A 408 30.19 61.57 -12.25
CA GLY A 408 29.28 62.42 -13.01
C GLY A 408 28.53 61.75 -14.14
N LEU A 409 28.74 60.46 -14.36
CA LEU A 409 27.94 59.71 -15.35
C LEU A 409 26.62 59.30 -14.69
N THR A 410 25.81 60.32 -14.37
CA THR A 410 24.67 60.13 -13.49
C THR A 410 23.74 59.02 -13.97
N ASN A 411 23.59 58.88 -15.28
CA ASN A 411 22.75 57.83 -15.85
C ASN A 411 23.48 56.52 -16.09
N ALA A 412 24.76 56.44 -15.75
CA ALA A 412 25.50 55.20 -15.95
C ALA A 412 24.88 54.08 -15.14
N ASN A 413 24.78 52.89 -15.76
CA ASN A 413 24.08 51.79 -15.13
C ASN A 413 24.60 50.49 -15.74
N SER A 414 24.14 49.38 -15.18
CA SER A 414 24.25 48.09 -15.87
C SER A 414 23.17 47.98 -16.94
N ALA A 415 23.57 47.54 -18.13
CA ALA A 415 22.63 47.23 -19.18
C ALA A 415 21.64 46.14 -18.80
N GLU A 416 21.94 45.36 -17.76
CA GLU A 416 21.00 44.37 -17.28
C GLU A 416 19.81 45.02 -16.57
N PHE A 417 19.99 46.22 -16.04
CA PHE A 417 18.98 46.91 -15.28
C PHE A 417 18.53 48.23 -15.89
N ASP A 418 19.28 48.79 -16.83
CA ASP A 418 18.75 49.82 -17.72
C ASP A 418 19.32 49.59 -19.13
N PRO A 419 18.62 48.80 -19.94
CA PRO A 419 19.08 48.59 -21.33
C PRO A 419 19.16 49.88 -22.14
N ASP A 420 18.48 50.94 -21.72
CA ASP A 420 18.48 52.21 -22.43
C ASP A 420 19.46 53.21 -21.83
N THR A 421 20.28 52.79 -20.88
CA THR A 421 21.27 53.68 -20.30
C THR A 421 22.18 54.22 -21.40
N PRO A 422 22.47 55.53 -21.41
CA PRO A 422 23.43 56.05 -22.38
C PRO A 422 24.87 55.64 -22.10
N ASP A 423 25.18 55.18 -20.90
CA ASP A 423 26.54 54.81 -20.50
C ASP A 423 26.50 53.45 -19.82
N PRO A 424 26.44 52.36 -20.59
CA PRO A 424 26.45 50.99 -20.05
C PRO A 424 27.82 50.55 -19.56
N VAL A 425 28.18 51.06 -18.38
CA VAL A 425 29.48 50.74 -17.80
C VAL A 425 29.58 49.28 -17.38
N ILE A 426 28.47 48.58 -17.18
CA ILE A 426 28.44 47.13 -17.07
C ILE A 426 27.63 46.57 -18.23
N ALA A 427 28.23 45.67 -19.01
CA ALA A 427 27.61 45.16 -20.21
C ALA A 427 28.15 43.77 -20.48
N THR A 428 27.45 43.04 -21.35
CA THR A 428 27.93 41.76 -21.82
C THR A 428 29.13 41.95 -22.74
N MET A 429 30.21 41.20 -22.48
CA MET A 429 31.40 41.29 -23.31
C MET A 429 31.08 40.74 -24.70
N GLY A 443 22.76 37.88 -25.27
CA GLY A 443 22.71 37.68 -23.83
C GLY A 443 24.08 37.36 -23.24
N GLY A 444 25.11 37.40 -24.08
CA GLY A 444 26.45 37.09 -23.63
C GLY A 444 26.59 35.64 -23.22
N THR A 445 27.80 35.31 -22.76
CA THR A 445 28.16 33.97 -22.33
C THR A 445 28.33 33.93 -20.82
N MET A 446 27.59 33.05 -20.15
CA MET A 446 27.80 32.81 -18.73
C MET A 446 29.16 32.16 -18.53
N ARG A 447 30.04 32.85 -17.82
CA ARG A 447 31.25 32.24 -17.25
C ARG A 447 30.90 31.39 -16.04
N LEU A 448 31.36 30.14 -16.06
CA LEU A 448 31.09 29.19 -14.99
C LEU A 448 32.38 28.50 -14.55
N GLY A 449 32.51 28.31 -13.25
CA GLY A 449 33.62 27.56 -12.68
C GLY A 449 34.90 28.36 -12.55
N SER A 450 35.99 27.64 -12.41
CA SER A 450 37.28 28.23 -12.08
C SER A 450 37.90 28.93 -13.28
N TYR A 451 38.33 30.18 -13.07
CA TYR A 451 39.13 30.90 -14.04
C TYR A 451 40.31 31.51 -13.31
N PRO A 452 41.49 31.56 -13.94
CA PRO A 452 42.64 32.22 -13.31
C PRO A 452 42.55 33.73 -13.32
N ALA A 453 43.24 34.35 -12.38
CA ALA A 453 43.44 35.79 -12.38
C ALA A 453 44.85 36.12 -11.94
N VAL A 454 45.32 37.29 -12.37
CA VAL A 454 46.56 37.89 -11.90
C VAL A 454 46.24 39.16 -11.13
N LEU A 455 47.00 39.40 -10.06
CA LEU A 455 46.77 40.56 -9.18
C LEU A 455 47.97 41.49 -9.24
N GLU A 456 47.68 42.78 -9.32
CA GLU A 456 48.72 43.80 -9.28
C GLU A 456 49.54 43.68 -8.00
N PRO A 457 50.87 43.72 -8.09
CA PRO A 457 51.70 43.54 -6.90
C PRO A 457 51.45 44.60 -5.85
N ASP A 458 51.35 44.16 -4.59
CA ASP A 458 51.02 44.99 -3.43
C ASP A 458 49.68 45.71 -3.56
N SER A 459 48.84 45.31 -4.50
CA SER A 459 47.44 45.66 -4.42
C SER A 459 46.83 45.08 -3.15
N VAL A 460 45.75 45.71 -2.69
CA VAL A 460 45.06 45.27 -1.47
C VAL A 460 44.67 43.81 -1.55
N VAL A 461 44.16 43.38 -2.71
CA VAL A 461 43.84 41.97 -2.92
C VAL A 461 45.10 41.12 -2.92
N ALA A 462 46.19 41.62 -3.47
CA ALA A 462 47.43 40.85 -3.43
C ALA A 462 47.93 40.66 -2.01
N GLN A 463 47.76 41.68 -1.18
CA GLN A 463 48.06 41.53 0.25
C GLN A 463 47.12 40.52 0.91
N ALA A 464 45.83 40.53 0.54
CA ALA A 464 44.91 39.55 1.13
C ALA A 464 45.29 38.13 0.76
N TYR A 465 45.42 37.84 -0.53
CA TYR A 465 45.86 36.51 -0.95
C TYR A 465 47.33 36.25 -0.63
N GLN A 466 48.12 37.30 -0.45
CA GLN A 466 49.58 37.19 -0.35
C GLN A 466 50.16 36.49 -1.58
N THR A 467 49.60 36.80 -2.75
CA THR A 467 50.14 36.29 -4.02
C THR A 467 49.62 37.18 -5.14
N THR A 468 50.28 37.11 -6.28
CA THR A 468 49.80 37.75 -7.50
C THR A 468 48.98 36.85 -8.42
N GLN A 469 48.84 35.55 -8.11
CA GLN A 469 48.13 34.63 -8.99
C GLN A 469 47.15 33.77 -8.22
N VAL A 470 45.89 33.78 -8.66
CA VAL A 470 44.78 33.15 -7.94
C VAL A 470 43.84 32.54 -8.96
N SER A 471 42.95 31.67 -8.48
CA SER A 471 41.84 31.17 -9.28
C SER A 471 40.58 31.16 -8.44
N GLU A 472 39.46 31.50 -9.05
CA GLU A 472 38.21 31.65 -8.33
C GLU A 472 37.07 31.13 -9.20
N ARG A 473 35.99 30.74 -8.56
CA ARG A 473 34.82 30.21 -9.25
C ARG A 473 33.90 31.33 -9.71
N HIS A 474 33.35 31.17 -10.92
CA HIS A 474 32.55 32.18 -11.58
C HIS A 474 31.15 31.69 -11.89
N ARG A 475 30.20 32.64 -11.89
CA ARG A 475 28.84 32.40 -12.32
C ARG A 475 28.20 33.71 -12.72
N HIS A 476 28.57 34.24 -13.89
CA HIS A 476 28.09 35.53 -14.35
C HIS A 476 28.25 35.63 -15.86
N ARG A 477 27.54 36.60 -16.45
CA ARG A 477 27.56 36.81 -17.89
C ARG A 477 27.78 38.25 -18.34
N TYR A 478 27.90 39.20 -17.42
CA TYR A 478 28.28 40.58 -17.71
C TYR A 478 29.68 40.89 -17.22
N GLU A 479 30.32 41.86 -17.88
CA GLU A 479 31.69 42.24 -17.58
C GLU A 479 31.77 43.76 -17.48
N VAL A 480 32.85 44.23 -16.85
CA VAL A 480 33.14 45.66 -16.80
C VAL A 480 33.50 46.13 -18.20
N ASN A 481 32.89 47.25 -18.63
CA ASN A 481 33.11 47.76 -19.97
C ASN A 481 34.47 48.40 -20.07
N ASN A 482 35.36 47.79 -20.88
CA ASN A 482 36.70 48.30 -21.06
C ASN A 482 36.73 49.71 -21.65
N ALA A 483 35.65 50.12 -22.32
CA ALA A 483 35.56 51.48 -22.84
C ALA A 483 35.47 52.55 -21.76
N TYR A 484 35.11 52.17 -20.53
CA TYR A 484 34.90 53.15 -19.47
C TYR A 484 35.98 53.14 -18.40
N ARG A 485 36.96 52.25 -18.52
CA ARG A 485 37.99 52.12 -17.50
C ARG A 485 38.67 53.45 -17.19
N ASP A 486 39.08 54.18 -18.23
CA ASP A 486 39.79 55.44 -18.02
C ASP A 486 38.95 56.46 -17.27
N LYS A 487 37.63 56.48 -17.51
CA LYS A 487 36.77 57.43 -16.83
C LYS A 487 36.50 56.99 -15.38
N ILE A 488 36.18 55.72 -15.19
CA ILE A 488 36.00 55.18 -13.84
C ILE A 488 37.25 55.41 -12.99
N ALA A 489 38.44 55.23 -13.57
CA ALA A 489 39.68 55.48 -12.86
C ALA A 489 39.88 56.92 -12.43
N GLU A 490 39.10 57.87 -12.96
CA GLU A 490 39.19 59.24 -12.44
C GLU A 490 38.72 59.32 -10.99
N SER A 491 37.95 58.33 -10.52
CA SER A 491 37.65 58.22 -9.10
C SER A 491 38.86 57.78 -8.29
N GLY A 492 39.90 57.28 -8.93
CA GLY A 492 41.00 56.65 -8.24
C GLY A 492 40.85 55.16 -8.07
N LEU A 493 39.76 54.57 -8.58
CA LEU A 493 39.56 53.13 -8.52
C LEU A 493 40.69 52.44 -9.27
N ARG A 494 41.18 51.33 -8.71
CA ARG A 494 42.15 50.50 -9.40
C ARG A 494 41.51 49.19 -9.86
N PHE A 495 41.73 48.86 -11.13
CA PHE A 495 41.39 47.55 -11.68
C PHE A 495 42.46 46.52 -11.30
N SER A 496 42.67 46.38 -10.00
CA SER A 496 43.88 45.75 -9.49
C SER A 496 43.97 44.26 -9.80
N GLY A 497 42.88 43.59 -10.12
CA GLY A 497 42.93 42.20 -10.56
C GLY A 497 42.16 41.97 -11.85
N THR A 498 42.75 41.17 -12.72
CA THR A 498 42.21 40.94 -14.05
C THR A 498 42.41 39.48 -14.45
N SER A 499 41.77 39.09 -15.53
CA SER A 499 42.20 37.95 -16.34
C SER A 499 43.67 38.07 -16.69
N PRO A 500 44.35 36.97 -17.03
CA PRO A 500 45.81 37.05 -17.23
C PRO A 500 46.23 37.95 -18.38
N ASP A 501 45.37 38.17 -19.38
CA ASP A 501 45.66 39.11 -20.44
C ASP A 501 45.31 40.55 -20.08
N GLY A 502 44.67 40.77 -18.94
CA GLY A 502 44.16 42.08 -18.58
C GLY A 502 42.87 42.46 -19.26
N HIS A 503 42.33 41.59 -20.12
CA HIS A 503 41.15 41.94 -20.89
C HIS A 503 39.91 42.09 -20.00
N LEU A 504 39.80 41.25 -18.97
CA LEU A 504 38.67 41.27 -18.05
C LEU A 504 39.11 41.77 -16.68
N VAL A 505 38.34 42.72 -16.13
CA VAL A 505 38.44 43.07 -14.72
C VAL A 505 37.89 41.94 -13.86
N GLU A 506 38.68 41.51 -12.86
CA GLU A 506 38.27 40.53 -11.88
C GLU A 506 38.14 41.10 -10.47
N PHE A 507 38.98 42.07 -10.11
CA PHE A 507 38.96 42.72 -8.80
C PHE A 507 39.07 44.22 -8.96
N VAL A 508 38.36 44.95 -8.11
CA VAL A 508 38.49 46.39 -8.01
C VAL A 508 38.79 46.73 -6.56
N GLU A 509 39.58 47.79 -6.36
CA GLU A 509 39.88 48.29 -5.03
C GLU A 509 40.02 49.79 -5.09
N TYR A 510 39.73 50.44 -3.96
CA TYR A 510 40.22 51.79 -3.71
C TYR A 510 41.57 51.75 -3.01
N PRO A 511 42.49 52.66 -3.35
CA PRO A 511 43.74 52.73 -2.61
C PRO A 511 43.51 52.96 -1.14
N PRO A 512 44.43 52.46 -0.29
CA PRO A 512 44.18 52.49 1.17
C PRO A 512 43.95 53.86 1.76
N ASP A 513 44.51 54.91 1.17
CA ASP A 513 44.31 56.27 1.66
C ASP A 513 43.00 56.89 1.22
N ARG A 514 42.32 56.32 0.24
CA ARG A 514 40.94 56.74 -0.04
C ARG A 514 39.97 56.06 0.93
N HIS A 515 40.06 54.74 1.06
CA HIS A 515 39.24 54.02 2.02
C HIS A 515 40.05 52.85 2.56
N PRO A 516 39.80 52.42 3.81
CA PRO A 516 40.61 51.33 4.38
C PRO A 516 40.45 50.01 3.66
N PHE A 517 39.23 49.63 3.29
CA PHE A 517 39.01 48.41 2.53
C PHE A 517 37.65 48.52 1.83
N VAL A 518 37.67 48.74 0.52
CA VAL A 518 36.47 48.65 -0.30
C VAL A 518 36.84 47.81 -1.52
N VAL A 519 36.40 46.57 -1.53
CA VAL A 519 36.83 45.58 -2.52
C VAL A 519 35.60 44.90 -3.10
N GLY A 520 35.61 44.71 -4.41
CA GLY A 520 34.69 43.83 -5.08
C GLY A 520 35.48 42.78 -5.84
N THR A 521 34.90 41.59 -5.96
CA THR A 521 35.41 40.59 -6.87
C THR A 521 34.26 40.04 -7.71
N GLN A 522 34.55 39.78 -8.98
CA GLN A 522 33.60 39.13 -9.86
C GLN A 522 33.31 37.69 -9.47
N ALA A 523 34.17 37.08 -8.68
CA ALA A 523 34.04 35.67 -8.34
C ALA A 523 33.09 35.46 -7.16
N HIS A 524 32.87 34.19 -6.84
CA HIS A 524 32.17 33.78 -5.63
C HIS A 524 33.12 33.09 -4.65
N PRO A 525 33.95 33.84 -3.94
CA PRO A 525 34.94 33.21 -3.05
C PRO A 525 34.34 32.47 -1.88
N GLU A 526 33.10 32.75 -1.49
CA GLU A 526 32.47 32.04 -0.38
C GLU A 526 32.37 30.54 -0.62
N LEU A 527 32.45 30.11 -1.87
CA LEU A 527 32.39 28.69 -2.21
C LEU A 527 33.70 27.97 -1.94
N LYS A 528 34.82 28.70 -1.89
CA LYS A 528 36.12 28.13 -1.54
C LYS A 528 36.40 28.15 -0.04
N SER A 529 35.60 28.84 0.76
CA SER A 529 35.80 28.95 2.19
C SER A 529 35.42 27.66 2.93
N ARG A 530 36.12 27.42 4.04
CA ARG A 530 35.81 26.34 4.97
C ARG A 530 35.99 26.84 6.40
N PRO A 531 35.28 26.25 7.37
CA PRO A 531 35.51 26.63 8.77
C PRO A 531 36.90 26.32 9.28
N THR A 532 37.50 25.24 8.79
CA THR A 532 38.87 24.88 9.09
C THR A 532 39.90 25.61 8.23
N ARG A 533 39.45 26.36 7.21
CA ARG A 533 40.36 27.06 6.31
C ARG A 533 39.65 28.29 5.76
N PRO A 534 39.63 29.38 6.54
CA PRO A 534 38.97 30.61 6.08
C PRO A 534 39.59 31.13 4.77
N HIS A 535 38.72 31.70 3.93
CA HIS A 535 39.19 32.31 2.70
C HIS A 535 39.90 33.63 2.99
N PRO A 536 41.01 33.92 2.29
CA PRO A 536 41.77 35.16 2.56
C PRO A 536 41.00 36.48 2.51
N LEU A 537 40.08 36.66 1.57
CA LEU A 537 39.35 37.93 1.50
C LEU A 537 38.40 38.11 2.67
N PHE A 538 37.69 37.07 3.08
CA PHE A 538 36.85 37.19 4.26
C PHE A 538 37.65 37.44 5.52
N VAL A 539 38.85 36.88 5.61
CA VAL A 539 39.75 37.24 6.71
C VAL A 539 40.12 38.72 6.67
N ALA A 540 40.49 39.22 5.49
CA ALA A 540 40.90 40.63 5.39
C ALA A 540 39.73 41.59 5.56
N PHE A 541 38.54 41.20 5.12
CA PHE A 541 37.35 42.03 5.30
C PHE A 541 36.93 42.10 6.76
N VAL A 542 36.80 40.95 7.43
CA VAL A 542 36.49 40.97 8.85
C VAL A 542 37.58 41.66 9.66
N GLY A 543 38.84 41.57 9.21
CA GLY A 543 39.89 42.38 9.81
C GLY A 543 39.67 43.88 9.67
N ALA A 544 39.28 44.33 8.49
CA ALA A 544 38.98 45.76 8.32
C ALA A 544 37.76 46.20 9.14
N ALA A 545 36.75 45.34 9.25
CA ALA A 545 35.61 45.63 10.13
C ALA A 545 36.02 45.74 11.59
N ILE A 546 36.85 44.81 12.07
CA ILE A 546 37.38 44.91 13.43
C ILE A 546 38.17 46.20 13.61
N ASP A 547 39.04 46.54 12.66
CA ASP A 547 39.79 47.79 12.75
C ASP A 547 38.89 49.02 12.75
N TYR A 548 37.79 49.00 12.01
CA TYR A 548 36.86 50.12 12.07
C TYR A 548 36.19 50.22 13.43
N LYS A 549 35.67 49.11 13.95
CA LYS A 549 35.11 49.12 15.30
C LYS A 549 36.12 49.63 16.32
N ALA A 550 37.39 49.25 16.16
CA ALA A 550 38.42 49.73 17.07
C ALA A 550 38.68 51.22 16.92
N GLY A 551 38.70 51.72 15.69
CA GLY A 551 38.98 53.13 15.49
C GLY A 551 37.81 54.05 15.79
N GLU A 552 36.60 53.56 15.61
CA GLU A 552 35.41 54.38 15.82
C GLU A 552 35.23 54.70 17.29
N PRO B 5 25.37 -34.26 16.70
CA PRO B 5 24.02 -33.98 17.17
C PRO B 5 23.11 -33.41 16.09
N GLN B 6 21.80 -33.50 16.31
CA GLN B 6 20.84 -32.96 15.36
C GLN B 6 20.98 -31.45 15.25
N THR B 7 20.79 -30.92 14.05
CA THR B 7 20.81 -29.49 13.82
C THR B 7 19.60 -28.81 14.49
N ALA B 8 19.59 -27.48 14.42
CA ALA B 8 18.37 -26.72 14.65
C ALA B 8 17.26 -27.13 13.68
N THR B 9 16.02 -27.08 14.18
CA THR B 9 14.87 -27.42 13.36
C THR B 9 14.57 -26.30 12.37
N LYS B 10 14.39 -26.67 11.10
CA LYS B 10 14.10 -25.71 10.05
C LYS B 10 12.60 -25.49 9.97
N HIS B 11 12.20 -24.27 9.60
CA HIS B 11 10.81 -23.95 9.32
C HIS B 11 10.64 -23.56 7.85
N LEU B 12 9.81 -24.30 7.12
CA LEU B 12 9.47 -24.02 5.74
C LEU B 12 8.01 -23.57 5.63
N PHE B 13 7.80 -22.33 5.15
CA PHE B 13 6.47 -21.74 5.04
C PHE B 13 5.97 -21.80 3.60
N VAL B 14 4.78 -22.39 3.40
CA VAL B 14 4.15 -22.47 2.09
C VAL B 14 3.00 -21.46 2.00
N SER B 15 3.01 -20.65 0.94
CA SER B 15 2.10 -19.54 0.77
C SER B 15 1.61 -19.50 -0.67
N GLY B 16 0.48 -18.85 -0.89
CA GLY B 16 -0.19 -18.90 -2.18
C GLY B 16 -0.58 -17.52 -2.66
N GLY B 17 -0.54 -17.36 -3.99
CA GLY B 17 -0.84 -16.11 -4.63
C GLY B 17 -1.82 -16.24 -5.78
N VAL B 18 -2.29 -15.08 -6.23
CA VAL B 18 -3.30 -14.94 -7.28
C VAL B 18 -4.64 -15.50 -6.85
N ALA B 19 -4.70 -16.79 -6.52
CA ALA B 19 -5.96 -17.41 -6.16
C ALA B 19 -5.72 -18.52 -5.16
N SER B 20 -6.79 -18.93 -4.50
CA SER B 20 -6.88 -20.21 -3.81
C SER B 20 -7.16 -21.33 -4.80
N SER B 21 -7.25 -22.55 -4.27
CA SER B 21 -7.44 -23.77 -5.04
C SER B 21 -6.27 -24.10 -5.96
N LEU B 22 -5.11 -23.49 -5.76
CA LEU B 22 -3.97 -23.79 -6.60
C LEU B 22 -3.25 -25.08 -6.21
N GLY B 23 -3.66 -25.72 -5.12
CA GLY B 23 -3.06 -26.97 -4.71
C GLY B 23 -1.83 -26.86 -3.83
N LYS B 24 -1.65 -25.75 -3.11
CA LYS B 24 -0.49 -25.60 -2.24
C LYS B 24 -0.48 -26.59 -1.07
N GLY B 25 -1.65 -27.12 -0.68
CA GLY B 25 -1.66 -28.17 0.33
C GLY B 25 -1.17 -29.51 -0.18
N LEU B 26 -1.46 -29.82 -1.43
CA LEU B 26 -0.83 -30.99 -2.05
C LEU B 26 0.64 -30.76 -2.34
N THR B 27 1.03 -29.52 -2.65
CA THR B 27 2.44 -29.20 -2.77
C THR B 27 3.18 -29.46 -1.46
N ALA B 28 2.69 -28.90 -0.36
CA ALA B 28 3.28 -29.15 0.95
C ALA B 28 3.31 -30.64 1.31
N SER B 29 2.25 -31.38 0.99
CA SER B 29 2.26 -32.83 1.22
C SER B 29 3.32 -33.56 0.39
N SER B 30 3.49 -33.16 -0.87
CA SER B 30 4.48 -33.82 -1.72
C SER B 30 5.90 -33.48 -1.31
N LEU B 31 6.15 -32.23 -0.91
CA LEU B 31 7.45 -31.87 -0.36
C LEU B 31 7.74 -32.62 0.94
N GLY B 32 6.73 -32.82 1.78
CA GLY B 32 6.90 -33.66 2.95
C GLY B 32 7.23 -35.11 2.63
N GLN B 33 6.55 -35.69 1.65
CA GLN B 33 6.88 -37.04 1.17
C GLN B 33 8.31 -37.14 0.64
N LEU B 34 8.73 -36.15 -0.14
CA LEU B 34 10.11 -36.14 -0.65
C LEU B 34 11.14 -36.01 0.46
N LEU B 35 10.97 -35.04 1.36
CA LEU B 35 11.94 -34.89 2.44
C LEU B 35 11.95 -36.07 3.40
N THR B 36 10.81 -36.72 3.60
CA THR B 36 10.80 -37.94 4.39
C THR B 36 11.59 -39.06 3.71
N ALA B 37 11.46 -39.18 2.39
CA ALA B 37 12.20 -40.23 1.69
C ALA B 37 13.70 -39.99 1.66
N ARG B 38 14.17 -38.76 1.81
CA ARG B 38 15.58 -38.47 2.03
C ARG B 38 16.02 -38.64 3.48
N GLY B 39 15.18 -39.21 4.33
CA GLY B 39 15.56 -39.57 5.69
C GLY B 39 15.38 -38.51 6.75
N LEU B 40 14.88 -37.33 6.40
CA LEU B 40 14.58 -36.31 7.40
C LEU B 40 13.26 -36.60 8.09
N HIS B 41 13.13 -36.14 9.34
CA HIS B 41 11.86 -36.21 10.07
C HIS B 41 11.06 -34.92 9.90
N VAL B 42 9.91 -35.03 9.25
CA VAL B 42 9.06 -33.89 8.90
C VAL B 42 7.82 -33.92 9.77
N THR B 43 7.39 -32.76 10.26
CA THR B 43 6.06 -32.58 10.81
C THR B 43 5.40 -31.38 10.14
N MET B 44 4.06 -31.37 10.14
CA MET B 44 3.28 -30.47 9.30
C MET B 44 2.21 -29.73 10.11
N GLN B 45 1.94 -28.49 9.69
CA GLN B 45 0.93 -27.63 10.31
C GLN B 45 0.16 -26.86 9.25
N LYS B 46 -1.15 -26.69 9.43
CA LYS B 46 -1.95 -25.74 8.65
C LYS B 46 -2.48 -24.58 9.48
N LEU B 47 -2.40 -23.38 8.93
CA LEU B 47 -3.02 -22.18 9.48
C LEU B 47 -4.24 -21.78 8.64
N ASP B 48 -5.43 -21.77 9.26
CA ASP B 48 -6.66 -21.37 8.57
C ASP B 48 -7.08 -19.97 8.99
N PRO B 49 -7.16 -19.00 8.08
CA PRO B 49 -7.48 -17.62 8.47
C PRO B 49 -8.94 -17.34 8.78
N TYR B 50 -9.86 -18.28 8.57
CA TYR B 50 -11.26 -18.05 8.90
C TYR B 50 -11.50 -18.03 10.41
N LEU B 51 -12.58 -17.33 10.81
CA LEU B 51 -12.92 -17.11 12.21
C LEU B 51 -13.71 -18.23 12.86
N ASN B 52 -14.20 -19.21 12.12
CA ASN B 52 -14.80 -20.38 12.75
C ASN B 52 -13.78 -21.06 13.65
N VAL B 53 -14.21 -21.42 14.87
CA VAL B 53 -13.26 -22.04 15.79
C VAL B 53 -12.88 -23.43 15.31
N ASP B 54 -13.78 -24.10 14.61
CA ASP B 54 -13.47 -25.31 13.86
C ASP B 54 -14.48 -25.43 12.74
N PRO B 55 -14.18 -26.23 11.71
CA PRO B 55 -15.15 -26.39 10.61
C PRO B 55 -16.36 -27.23 10.95
N GLY B 56 -16.52 -27.68 12.20
CA GLY B 56 -17.66 -28.51 12.55
C GLY B 56 -19.00 -27.81 12.37
N THR B 57 -19.00 -26.49 12.33
CA THR B 57 -20.20 -25.71 12.01
C THR B 57 -20.40 -25.51 10.51
N MET B 58 -19.36 -25.66 9.69
CA MET B 58 -19.43 -25.28 8.30
C MET B 58 -20.09 -26.38 7.47
N ASN B 59 -20.79 -25.97 6.43
CA ASN B 59 -21.47 -26.90 5.53
C ASN B 59 -20.48 -27.67 4.69
N PRO B 60 -20.46 -29.01 4.75
CA PRO B 60 -19.42 -29.78 4.05
C PRO B 60 -19.62 -29.80 2.54
N PHE B 61 -20.83 -29.57 2.07
CA PHE B 61 -21.08 -29.53 0.63
C PHE B 61 -20.66 -28.23 -0.01
N GLN B 62 -20.51 -27.17 0.78
CA GLN B 62 -19.91 -25.94 0.30
C GLN B 62 -18.40 -25.91 0.55
N HIS B 63 -17.95 -26.36 1.71
CA HIS B 63 -16.58 -26.15 2.17
C HIS B 63 -15.77 -27.44 2.33
N GLY B 64 -16.31 -28.58 1.93
CA GLY B 64 -15.62 -29.85 2.05
C GLY B 64 -15.77 -30.51 3.40
N GLU B 65 -15.40 -31.78 3.44
CA GLU B 65 -15.49 -32.62 4.63
C GLU B 65 -14.73 -32.05 5.82
N VAL B 66 -15.18 -32.44 7.00
CA VAL B 66 -14.42 -32.27 8.23
C VAL B 66 -13.57 -33.53 8.45
N PHE B 67 -12.27 -33.35 8.58
CA PHE B 67 -11.37 -34.42 8.97
C PHE B 67 -11.42 -34.60 10.48
N VAL B 68 -11.27 -35.84 10.94
CA VAL B 68 -11.29 -36.14 12.37
C VAL B 68 -10.01 -36.87 12.74
N THR B 69 -9.36 -36.41 13.81
CA THR B 69 -8.10 -36.95 14.33
C THR B 69 -8.35 -38.05 15.36
N GLU B 70 -7.27 -38.73 15.75
CA GLU B 70 -7.37 -39.75 16.78
C GLU B 70 -7.80 -39.17 18.12
N ASP B 71 -7.26 -38.00 18.48
CA ASP B 71 -7.65 -37.29 19.70
C ASP B 71 -8.98 -36.57 19.57
N GLY B 72 -9.70 -36.74 18.46
CA GLY B 72 -11.04 -36.24 18.35
C GLY B 72 -11.14 -34.77 18.03
N ALA B 73 -10.12 -34.19 17.43
CA ALA B 73 -10.23 -32.84 16.88
C ALA B 73 -10.95 -32.88 15.54
N GLU B 74 -11.86 -31.94 15.35
CA GLU B 74 -12.41 -31.63 14.03
C GLU B 74 -11.49 -30.65 13.33
N THR B 75 -10.93 -31.03 12.19
CA THR B 75 -9.93 -30.23 11.51
C THR B 75 -10.28 -30.04 10.03
N ASP B 76 -9.60 -29.08 9.43
CA ASP B 76 -9.62 -28.92 7.97
C ASP B 76 -9.12 -30.17 7.25
N LEU B 77 -9.61 -30.35 6.03
CA LEU B 77 -9.35 -31.57 5.26
C LEU B 77 -7.91 -31.68 4.77
N ASP B 78 -7.17 -30.57 4.72
CA ASP B 78 -5.76 -30.62 4.34
C ASP B 78 -4.93 -31.48 5.29
N VAL B 79 -5.34 -31.56 6.56
CA VAL B 79 -4.71 -32.46 7.51
C VAL B 79 -4.85 -33.90 7.05
N GLY B 80 -5.85 -34.21 6.24
CA GLY B 80 -5.96 -35.54 5.67
C GLY B 80 -5.00 -35.81 4.53
N HIS B 81 -4.65 -34.78 3.75
CA HIS B 81 -3.56 -34.93 2.80
C HIS B 81 -2.23 -35.12 3.51
N TYR B 82 -2.01 -34.38 4.60
CA TYR B 82 -0.81 -34.63 5.40
C TYR B 82 -0.75 -36.07 5.92
N GLU B 83 -1.84 -36.55 6.52
CA GLU B 83 -1.88 -37.95 6.94
C GLU B 83 -1.65 -38.94 5.81
N ARG B 84 -2.26 -38.73 4.65
CA ARG B 84 -2.11 -39.71 3.57
C ARG B 84 -0.72 -39.71 2.95
N PHE B 85 -0.05 -38.56 2.88
CA PHE B 85 1.30 -38.55 2.32
C PHE B 85 2.38 -38.92 3.34
N LEU B 86 2.20 -38.54 4.61
CA LEU B 86 3.16 -38.92 5.64
C LEU B 86 2.90 -40.31 6.19
N ASP B 87 1.67 -40.79 6.10
CA ASP B 87 1.19 -41.93 6.88
C ASP B 87 1.52 -41.79 8.36
N ARG B 88 1.01 -40.70 8.95
CA ARG B 88 1.24 -40.34 10.34
C ARG B 88 -0.07 -39.92 10.96
N ASN B 89 -0.33 -40.32 12.20
CA ASN B 89 -1.44 -39.74 12.95
C ASN B 89 -1.05 -38.34 13.43
N LEU B 90 -1.72 -37.31 12.90
CA LEU B 90 -1.43 -35.94 13.28
C LEU B 90 -2.33 -35.51 14.45
N PRO B 91 -1.82 -34.65 15.34
CA PRO B 91 -2.64 -34.14 16.43
C PRO B 91 -3.63 -33.07 15.98
N GLY B 92 -4.56 -32.75 16.87
CA GLY B 92 -5.38 -31.56 16.73
C GLY B 92 -4.61 -30.26 16.66
N SER B 93 -3.42 -30.22 17.25
CA SER B 93 -2.55 -29.06 17.15
C SER B 93 -2.09 -28.76 15.72
N ALA B 94 -2.26 -29.70 14.80
CA ALA B 94 -1.88 -29.48 13.41
C ALA B 94 -2.75 -28.48 12.68
N ASN B 95 -3.87 -28.03 13.24
CA ASN B 95 -4.70 -27.02 12.58
C ASN B 95 -4.94 -25.86 13.54
N VAL B 96 -4.60 -24.65 13.11
CA VAL B 96 -4.85 -23.40 13.84
C VAL B 96 -5.81 -22.55 13.04
N THR B 97 -6.70 -21.83 13.74
CA THR B 97 -7.61 -20.88 13.12
C THR B 97 -7.56 -19.55 13.86
N THR B 98 -7.95 -18.49 13.14
CA THR B 98 -8.12 -17.16 13.75
C THR B 98 -9.09 -17.18 14.92
N GLY B 99 -10.17 -17.95 14.81
CA GLY B 99 -11.11 -18.07 15.90
C GLY B 99 -10.52 -18.64 17.17
N GLN B 100 -9.67 -19.66 17.04
CA GLN B 100 -8.97 -20.21 18.19
C GLN B 100 -8.02 -19.20 18.81
N VAL B 101 -7.26 -18.48 17.99
CA VAL B 101 -6.30 -17.53 18.50
C VAL B 101 -6.99 -16.39 19.23
N TYR B 102 -7.99 -15.76 18.60
CA TYR B 102 -8.71 -14.68 19.26
C TYR B 102 -9.44 -15.14 20.52
N SER B 103 -10.13 -16.27 20.46
CA SER B 103 -10.75 -16.80 21.67
C SER B 103 -9.75 -17.04 22.80
N THR B 104 -8.55 -17.51 22.47
CA THR B 104 -7.52 -17.73 23.49
C THR B 104 -6.99 -16.43 24.08
N VAL B 105 -6.67 -15.46 23.23
CA VAL B 105 -6.15 -14.19 23.73
C VAL B 105 -7.20 -13.44 24.54
N ILE B 106 -8.46 -13.45 24.09
CA ILE B 106 -9.52 -12.78 24.83
C ILE B 106 -9.79 -13.48 26.17
N ALA B 107 -9.71 -14.81 26.21
CA ALA B 107 -9.83 -15.50 27.49
C ALA B 107 -8.68 -15.16 28.45
N LYS B 108 -7.44 -15.17 27.97
CA LYS B 108 -6.32 -14.70 28.80
C LYS B 108 -6.51 -13.27 29.28
N GLU B 109 -7.06 -12.39 28.43
CA GLU B 109 -7.25 -11.00 28.82
C GLU B 109 -8.29 -10.87 29.92
N ARG B 110 -9.42 -11.56 29.78
CA ARG B 110 -10.46 -11.55 30.80
C ARG B 110 -10.02 -12.18 32.12
N ARG B 111 -9.01 -13.04 32.11
CA ARG B 111 -8.40 -13.55 33.33
C ARG B 111 -7.31 -12.67 33.92
N GLY B 112 -6.99 -11.53 33.30
CA GLY B 112 -6.01 -10.62 33.83
C GLY B 112 -4.56 -10.98 33.57
N GLU B 113 -4.29 -11.93 32.68
CA GLU B 113 -2.95 -12.47 32.52
C GLU B 113 -1.98 -11.50 31.84
N TYR B 114 -2.48 -10.50 31.11
CA TYR B 114 -1.63 -9.49 30.49
C TYR B 114 -1.32 -8.30 31.39
N LEU B 115 -1.57 -8.44 32.69
CA LEU B 115 -1.06 -7.51 33.70
C LEU B 115 -1.40 -6.05 33.42
N GLY B 116 -2.63 -5.80 32.98
CA GLY B 116 -3.06 -4.43 32.77
C GLY B 116 -2.61 -3.75 31.51
N ASP B 117 -2.18 -4.50 30.49
CA ASP B 117 -1.80 -3.90 29.22
C ASP B 117 -3.01 -3.63 28.34
N THR B 118 -2.81 -2.74 27.37
CA THR B 118 -3.63 -2.72 26.17
C THR B 118 -3.27 -3.91 25.29
N VAL B 119 -4.27 -4.71 24.94
CA VAL B 119 -4.08 -5.91 24.13
C VAL B 119 -4.32 -5.56 22.67
N GLN B 120 -3.42 -6.03 21.81
CA GLN B 120 -3.29 -5.52 20.45
C GLN B 120 -3.13 -6.71 19.52
N VAL B 121 -3.26 -6.45 18.22
CA VAL B 121 -2.98 -7.50 17.24
C VAL B 121 -1.49 -7.82 17.23
N ILE B 122 -0.66 -6.79 17.15
CA ILE B 122 0.78 -6.88 17.40
C ILE B 122 1.05 -6.15 18.70
N PRO B 123 1.68 -6.79 19.69
CA PRO B 123 2.25 -8.14 19.65
C PRO B 123 1.31 -9.33 19.89
N HIS B 124 0.25 -9.19 20.68
CA HIS B 124 -0.30 -10.35 21.39
C HIS B 124 -0.90 -11.43 20.49
N ILE B 125 -1.61 -11.06 19.42
CA ILE B 125 -2.10 -12.08 18.51
C ILE B 125 -0.96 -12.74 17.73
N THR B 126 -0.02 -11.93 17.23
CA THR B 126 1.10 -12.50 16.50
C THR B 126 2.01 -13.32 17.40
N ASP B 127 2.10 -12.96 18.68
CA ASP B 127 2.82 -13.76 19.67
C ASP B 127 2.14 -15.11 19.90
N GLU B 128 0.82 -15.13 19.97
CA GLU B 128 0.12 -16.41 20.12
C GLU B 128 0.30 -17.30 18.89
N ILE B 129 0.22 -16.73 17.70
CA ILE B 129 0.49 -17.51 16.48
C ILE B 129 1.93 -18.01 16.45
N LYS B 130 2.89 -17.12 16.73
CA LYS B 130 4.30 -17.53 16.73
C LYS B 130 4.58 -18.62 17.76
N ARG B 131 3.96 -18.53 18.93
CA ARG B 131 4.06 -19.60 19.91
C ARG B 131 3.51 -20.91 19.37
N ARG B 132 2.35 -20.88 18.72
CA ARG B 132 1.79 -22.10 18.15
C ARG B 132 2.65 -22.68 17.04
N ILE B 133 3.35 -21.85 16.28
CA ILE B 133 4.29 -22.34 15.27
C ILE B 133 5.50 -22.98 15.92
N LEU B 134 6.19 -22.23 16.78
CA LEU B 134 7.40 -22.74 17.44
C LEU B 134 7.13 -23.94 18.35
N ALA B 135 5.91 -24.11 18.84
CA ALA B 135 5.55 -25.30 19.61
C ALA B 135 5.67 -26.58 18.79
N MET B 136 5.46 -26.52 17.49
CA MET B 136 5.56 -27.72 16.65
C MET B 136 6.96 -28.32 16.68
N ALA B 137 7.98 -27.49 16.89
CA ALA B 137 9.38 -27.93 16.88
C ALA B 137 9.82 -28.61 18.17
N GLN B 138 8.97 -28.68 19.18
CA GLN B 138 9.35 -29.31 20.44
C GLN B 138 9.32 -30.84 20.34
N PRO B 139 10.13 -31.53 21.14
CA PRO B 139 10.18 -32.99 21.08
C PRO B 139 8.82 -33.63 21.37
N ASP B 140 8.53 -34.70 20.63
CA ASP B 140 7.31 -35.45 20.84
C ASP B 140 7.40 -36.29 22.12
N ALA B 141 6.31 -37.00 22.42
CA ALA B 141 6.23 -37.84 23.61
C ALA B 141 7.25 -38.97 23.61
N ASP B 142 7.85 -39.29 22.47
CA ASP B 142 8.92 -40.29 22.41
C ASP B 142 10.30 -39.67 22.30
N GLY B 143 10.40 -38.35 22.40
CA GLY B 143 11.67 -37.66 22.43
C GLY B 143 12.22 -37.29 21.08
N ASN B 144 11.45 -37.49 20.01
CA ASN B 144 11.91 -37.17 18.68
C ASN B 144 11.65 -35.70 18.38
N ARG B 145 12.67 -35.01 17.95
CA ARG B 145 12.49 -33.65 17.47
C ARG B 145 12.49 -33.64 15.95
N PRO B 146 11.54 -32.97 15.31
CA PRO B 146 11.53 -32.91 13.84
C PRO B 146 12.74 -32.18 13.28
N ASP B 147 13.14 -32.59 12.08
CA ASP B 147 14.15 -31.84 11.35
C ASP B 147 13.58 -30.60 10.68
N VAL B 148 12.37 -30.70 10.12
CA VAL B 148 11.67 -29.55 9.55
C VAL B 148 10.22 -29.58 10.01
N VAL B 149 9.66 -28.39 10.23
CA VAL B 149 8.21 -28.19 10.30
C VAL B 149 7.79 -27.47 9.02
N ILE B 150 6.90 -28.06 8.26
CA ILE B 150 6.29 -27.41 7.09
C ILE B 150 4.95 -26.81 7.50
N THR B 151 4.83 -25.49 7.39
CA THR B 151 3.64 -24.74 7.78
C THR B 151 2.99 -24.14 6.54
N GLU B 152 1.76 -24.55 6.24
CA GLU B 152 0.98 -24.00 5.13
C GLU B 152 0.08 -22.87 5.64
N ILE B 153 0.23 -21.68 5.04
CA ILE B 153 -0.57 -20.53 5.40
C ILE B 153 -1.74 -20.44 4.43
N GLY B 154 -2.95 -20.54 4.95
CA GLY B 154 -4.16 -20.49 4.14
C GLY B 154 -4.49 -19.10 3.64
N GLY B 155 -5.41 -19.07 2.69
CA GLY B 155 -5.77 -17.86 1.99
C GLY B 155 -4.81 -17.47 0.87
N THR B 156 -4.94 -16.22 0.45
CA THR B 156 -4.12 -15.62 -0.59
C THR B 156 -3.43 -14.39 -0.05
N VAL B 157 -2.17 -14.19 -0.46
CA VAL B 157 -1.40 -13.03 -0.06
C VAL B 157 -2.04 -11.76 -0.62
N GLY B 158 -2.56 -10.92 0.27
CA GLY B 158 -3.43 -9.83 -0.14
C GLY B 158 -4.77 -9.84 0.57
N ASP B 159 -5.17 -10.99 1.10
CA ASP B 159 -6.35 -11.08 1.95
C ASP B 159 -6.14 -10.41 3.30
N ILE B 160 -7.14 -9.65 3.72
CA ILE B 160 -7.12 -9.02 5.04
C ILE B 160 -6.96 -10.08 6.15
N GLU B 161 -7.65 -11.21 6.01
CA GLU B 161 -7.58 -12.26 7.02
C GLU B 161 -6.25 -12.98 7.10
N SER B 162 -5.45 -12.96 6.03
CA SER B 162 -4.14 -13.61 6.02
C SER B 162 -3.06 -12.85 6.78
N GLN B 163 -3.26 -11.56 7.04
CA GLN B 163 -2.14 -10.70 7.44
C GLN B 163 -1.49 -11.06 8.78
N PRO B 164 -2.22 -11.44 9.83
CA PRO B 164 -1.54 -11.82 11.08
C PRO B 164 -0.61 -13.00 10.96
N PHE B 165 -0.98 -14.03 10.21
CA PHE B 165 -0.13 -15.21 10.08
C PHE B 165 1.12 -14.92 9.27
N LEU B 166 1.00 -14.13 8.20
CA LEU B 166 2.17 -13.71 7.43
C LEU B 166 3.10 -12.83 8.25
N GLU B 167 2.55 -11.95 9.10
CA GLU B 167 3.41 -11.17 9.99
C GLU B 167 4.11 -12.04 11.02
N ALA B 168 3.44 -13.05 11.59
CA ALA B 168 4.11 -13.99 12.47
C ALA B 168 5.20 -14.79 11.76
N ALA B 169 4.95 -15.23 10.53
CA ALA B 169 5.98 -15.92 9.77
C ALA B 169 7.19 -15.04 9.46
N ARG B 170 6.95 -13.76 9.18
CA ARG B 170 8.06 -12.81 9.06
C ARG B 170 8.84 -12.71 10.37
N GLN B 171 8.14 -12.61 11.50
CA GLN B 171 8.84 -12.56 12.79
C GLN B 171 9.65 -13.82 13.07
N VAL B 172 9.15 -14.99 12.65
CA VAL B 172 9.96 -16.22 12.77
C VAL B 172 11.21 -16.15 11.91
N ARG B 173 11.10 -15.65 10.68
CA ARG B 173 12.30 -15.44 9.86
C ARG B 173 13.30 -14.50 10.53
N HIS B 174 12.81 -13.41 11.12
CA HIS B 174 13.72 -12.50 11.81
C HIS B 174 14.35 -13.14 13.04
N TYR B 175 13.59 -13.93 13.79
CA TYR B 175 14.10 -14.55 15.01
C TYR B 175 15.11 -15.67 14.72
N LEU B 176 14.81 -16.56 13.78
CA LEU B 176 15.68 -17.70 13.51
C LEU B 176 16.71 -17.44 12.41
N GLY B 177 16.50 -16.43 11.57
CA GLY B 177 17.41 -16.13 10.48
C GLY B 177 17.16 -16.97 9.24
N ARG B 178 17.67 -16.45 8.12
CA ARG B 178 17.48 -17.04 6.79
C ARG B 178 18.12 -18.41 6.62
N GLU B 179 19.00 -18.84 7.53
CA GLU B 179 19.58 -20.17 7.45
C GLU B 179 18.62 -21.25 7.91
N ASP B 180 17.64 -20.90 8.74
CA ASP B 180 16.70 -21.84 9.32
C ASP B 180 15.28 -21.72 8.76
N VAL B 181 15.02 -20.75 7.90
CA VAL B 181 13.67 -20.48 7.41
C VAL B 181 13.68 -20.37 5.89
N PHE B 182 12.72 -21.02 5.25
CA PHE B 182 12.56 -21.02 3.80
C PHE B 182 11.13 -20.60 3.49
N PHE B 183 10.94 -19.76 2.48
CA PHE B 183 9.61 -19.38 1.99
C PHE B 183 9.34 -19.90 0.58
N LEU B 184 8.32 -20.72 0.45
CA LEU B 184 7.85 -21.24 -0.83
C LEU B 184 6.55 -20.55 -1.22
N HIS B 185 6.50 -19.98 -2.43
CA HIS B 185 5.33 -19.24 -2.91
C HIS B 185 4.72 -19.88 -4.14
N VAL B 186 3.43 -20.26 -4.05
CA VAL B 186 2.67 -20.86 -5.13
C VAL B 186 1.87 -19.80 -5.87
N SER B 187 1.93 -19.80 -7.20
CA SER B 187 1.31 -18.74 -8.00
C SER B 187 0.78 -19.32 -9.31
N LEU B 188 -0.17 -18.61 -9.91
CA LEU B 188 -0.81 -19.01 -11.16
C LEU B 188 -0.22 -18.29 -12.36
N VAL B 189 0.07 -19.03 -13.42
CA VAL B 189 0.38 -18.50 -14.74
C VAL B 189 -0.78 -18.77 -15.70
N PRO B 190 -1.65 -17.81 -15.99
CA PRO B 190 -2.77 -18.06 -16.91
C PRO B 190 -2.40 -18.00 -18.39
N TYR B 191 -3.11 -18.77 -19.19
CA TYR B 191 -3.03 -18.77 -20.64
C TYR B 191 -4.23 -18.05 -21.26
N LEU B 192 -3.96 -17.10 -22.17
CA LEU B 192 -5.00 -16.37 -22.90
C LEU B 192 -5.10 -16.93 -24.31
N ALA B 193 -6.23 -17.55 -24.62
CA ALA B 193 -6.42 -18.24 -25.90
C ALA B 193 -6.49 -17.32 -27.11
N PRO B 194 -7.06 -16.11 -27.00
CA PRO B 194 -7.13 -15.26 -28.20
C PRO B 194 -5.76 -14.83 -28.70
N SER B 195 -4.84 -14.51 -27.81
CA SER B 195 -3.50 -14.10 -28.20
C SER B 195 -2.46 -15.20 -28.07
N GLY B 196 -2.81 -16.31 -27.44
CA GLY B 196 -1.97 -17.49 -27.43
C GLY B 196 -0.73 -17.38 -26.58
N GLU B 197 -0.80 -16.67 -25.46
CA GLU B 197 0.38 -16.32 -24.69
C GLU B 197 0.14 -16.60 -23.22
N LEU B 198 1.19 -17.03 -22.52
CA LEU B 198 1.19 -17.09 -21.06
C LEU B 198 1.55 -15.74 -20.48
N LYS B 199 0.83 -15.32 -19.43
CA LYS B 199 1.04 -14.01 -18.82
C LYS B 199 1.77 -14.14 -17.50
N THR B 200 2.91 -13.48 -17.37
CA THR B 200 3.68 -13.46 -16.13
C THR B 200 3.26 -12.36 -15.16
N LYS B 201 2.51 -11.36 -15.63
CA LYS B 201 2.16 -10.21 -14.80
C LYS B 201 1.44 -10.54 -13.50
N PRO B 202 0.48 -11.48 -13.44
CA PRO B 202 -0.11 -11.85 -12.14
C PRO B 202 0.88 -12.35 -11.10
N THR B 203 1.85 -13.18 -11.49
CA THR B 203 2.90 -13.60 -10.57
C THR B 203 3.77 -12.42 -10.11
N GLN B 204 4.12 -11.52 -11.02
CA GLN B 204 4.89 -10.34 -10.63
C GLN B 204 4.16 -9.51 -9.59
N HIS B 205 2.87 -9.22 -9.83
CA HIS B 205 2.11 -8.47 -8.82
C HIS B 205 1.94 -9.22 -7.52
N SER B 206 1.82 -10.55 -7.56
CA SER B 206 1.72 -11.31 -6.32
C SER B 206 3.01 -11.28 -5.50
N VAL B 207 4.15 -11.46 -6.16
CA VAL B 207 5.43 -11.35 -5.47
C VAL B 207 5.67 -9.93 -4.97
N ALA B 208 5.26 -8.91 -5.73
CA ALA B 208 5.33 -7.55 -5.22
C ALA B 208 4.47 -7.34 -3.99
N ALA B 209 3.27 -7.92 -3.96
CA ALA B 209 2.45 -7.87 -2.76
C ALA B 209 3.11 -8.53 -1.57
N LEU B 210 3.70 -9.70 -1.77
CA LEU B 210 4.46 -10.37 -0.72
C LEU B 210 5.65 -9.55 -0.22
N ARG B 211 6.42 -8.97 -1.14
CA ARG B 211 7.51 -8.08 -0.77
C ARG B 211 7.05 -6.84 -0.02
N SER B 212 5.85 -6.34 -0.30
CA SER B 212 5.34 -5.17 0.42
C SER B 212 5.03 -5.45 1.89
N ILE B 213 4.94 -6.70 2.31
CA ILE B 213 4.77 -7.04 3.71
C ILE B 213 6.04 -7.61 4.33
N GLY B 214 7.17 -7.47 3.66
CA GLY B 214 8.47 -7.81 4.22
C GLY B 214 8.95 -9.22 4.02
N ILE B 215 8.34 -9.99 3.12
CA ILE B 215 8.76 -11.37 2.85
C ILE B 215 9.28 -11.43 1.41
N THR B 216 10.46 -12.01 1.24
CA THR B 216 10.96 -12.37 -0.09
C THR B 216 10.91 -13.87 -0.28
N PRO B 217 10.30 -14.38 -1.35
CA PRO B 217 10.25 -15.83 -1.55
C PRO B 217 11.61 -16.41 -1.92
N ASP B 218 11.91 -17.58 -1.37
CA ASP B 218 13.08 -18.35 -1.77
C ASP B 218 12.86 -19.13 -3.05
N ALA B 219 11.63 -19.57 -3.31
CA ALA B 219 11.30 -20.25 -4.57
C ALA B 219 9.87 -19.92 -4.98
N LEU B 220 9.62 -19.98 -6.28
CA LEU B 220 8.30 -19.83 -6.87
C LEU B 220 7.85 -21.12 -7.54
N ILE B 221 6.65 -21.58 -7.20
CA ILE B 221 6.00 -22.67 -7.91
C ILE B 221 4.97 -22.06 -8.84
N LEU B 222 5.15 -22.30 -10.13
CA LEU B 222 4.30 -21.72 -11.17
C LEU B 222 3.26 -22.76 -11.58
N ARG B 223 2.00 -22.47 -11.31
CA ARG B 223 0.90 -23.35 -11.65
C ARG B 223 0.30 -22.96 -12.99
N CYS B 224 0.20 -23.94 -13.89
CA CYS B 224 -0.10 -23.67 -15.29
C CYS B 224 -0.73 -24.92 -15.86
N ASP B 225 -1.45 -24.77 -16.97
CA ASP B 225 -1.99 -25.94 -17.67
C ASP B 225 -1.00 -26.56 -18.64
N ARG B 226 0.12 -25.90 -18.89
CA ARG B 226 1.13 -26.37 -19.83
C ARG B 226 2.49 -25.97 -19.29
N ASP B 227 3.53 -26.63 -19.78
CA ASP B 227 4.87 -26.38 -19.27
C ASP B 227 5.34 -24.97 -19.61
N VAL B 228 5.79 -24.25 -18.60
CA VAL B 228 6.18 -22.84 -18.77
C VAL B 228 7.50 -22.79 -19.57
N PRO B 229 7.60 -21.97 -20.61
CA PRO B 229 8.86 -21.91 -21.37
C PRO B 229 10.01 -21.38 -20.55
N GLU B 230 11.21 -21.80 -20.93
CA GLU B 230 12.44 -21.38 -20.24
C GLU B 230 12.61 -19.88 -20.24
N ALA B 231 12.30 -19.22 -21.37
CA ALA B 231 12.38 -17.76 -21.45
C ALA B 231 11.43 -17.07 -20.47
N LEU B 232 10.25 -17.63 -20.26
CA LEU B 232 9.33 -17.05 -19.28
C LEU B 232 9.82 -17.24 -17.86
N LYS B 233 10.33 -18.43 -17.53
CA LYS B 233 10.95 -18.63 -16.22
C LYS B 233 12.11 -17.67 -16.00
N ASN B 234 12.93 -17.42 -17.03
CA ASN B 234 13.99 -16.42 -16.92
C ASN B 234 13.47 -15.02 -16.67
N LYS B 235 12.45 -14.60 -17.42
CA LYS B 235 11.83 -13.30 -17.14
C LYS B 235 11.30 -13.21 -15.71
N ILE B 236 10.61 -14.26 -15.25
CA ILE B 236 10.11 -14.26 -13.88
C ILE B 236 11.26 -14.16 -12.88
N ALA B 237 12.27 -15.00 -13.01
CA ALA B 237 13.42 -14.94 -12.11
C ALA B 237 14.04 -13.55 -12.08
N LEU B 238 14.19 -12.92 -13.25
CA LEU B 238 14.75 -11.58 -13.33
C LEU B 238 13.87 -10.53 -12.65
N MET B 239 12.58 -10.50 -12.96
CA MET B 239 11.70 -9.46 -12.40
C MET B 239 11.41 -9.68 -10.92
N CYS B 240 11.28 -10.92 -10.48
CA CYS B 240 10.92 -11.24 -9.10
C CYS B 240 12.13 -11.34 -8.16
N ASP B 241 13.35 -11.15 -8.66
CA ASP B 241 14.57 -11.32 -7.86
C ASP B 241 14.67 -12.70 -7.20
N VAL B 242 14.36 -13.75 -7.96
CA VAL B 242 14.39 -15.12 -7.46
C VAL B 242 15.46 -15.88 -8.24
N ASP B 243 16.18 -16.73 -7.54
CA ASP B 243 17.16 -17.61 -8.18
C ASP B 243 16.46 -18.47 -9.22
N ILE B 244 17.01 -18.50 -10.43
CA ILE B 244 16.43 -19.28 -11.52
C ILE B 244 16.34 -20.77 -11.18
N ASP B 245 17.21 -21.25 -10.30
CA ASP B 245 17.07 -22.62 -9.80
C ASP B 245 15.80 -22.81 -8.97
N GLY B 246 15.24 -21.72 -8.45
CA GLY B 246 14.05 -21.73 -7.65
C GLY B 246 12.76 -21.37 -8.34
N VAL B 247 12.74 -21.22 -9.66
CA VAL B 247 11.51 -21.05 -10.42
C VAL B 247 11.12 -22.40 -11.02
N ILE B 248 10.05 -22.99 -10.49
CA ILE B 248 9.68 -24.38 -10.74
C ILE B 248 8.42 -24.40 -11.60
N SER B 249 8.44 -25.17 -12.68
CA SER B 249 7.28 -25.33 -13.54
C SER B 249 6.52 -26.59 -13.16
N THR B 250 5.24 -26.43 -12.81
CA THR B 250 4.38 -27.53 -12.35
C THR B 250 3.05 -27.52 -13.11
N PRO B 251 3.03 -28.03 -14.34
CA PRO B 251 1.73 -28.32 -14.96
C PRO B 251 0.90 -29.33 -14.18
N ASP B 252 -0.42 -29.20 -14.33
CA ASP B 252 -1.38 -30.10 -13.71
C ASP B 252 -1.13 -31.56 -14.09
N ALA B 253 -0.98 -32.43 -13.08
CA ALA B 253 -0.67 -33.84 -13.28
C ALA B 253 -1.94 -34.67 -13.36
N PRO B 254 -1.84 -35.89 -13.91
CA PRO B 254 -3.03 -36.74 -14.04
C PRO B 254 -3.63 -37.17 -12.72
N SER B 255 -2.81 -37.36 -11.68
CA SER B 255 -3.30 -37.65 -10.36
C SER B 255 -2.44 -36.94 -9.34
N ILE B 256 -2.97 -36.84 -8.12
CA ILE B 256 -2.25 -36.20 -7.02
C ILE B 256 -1.00 -36.98 -6.62
N TYR B 257 -0.92 -38.27 -6.95
CA TYR B 257 0.23 -39.07 -6.59
C TYR B 257 1.42 -38.88 -7.52
N ASP B 258 1.22 -38.22 -8.66
CA ASP B 258 2.31 -37.83 -9.54
C ASP B 258 3.06 -36.59 -9.06
N ILE B 259 2.46 -35.77 -8.21
CA ILE B 259 3.10 -34.49 -7.85
C ILE B 259 4.48 -34.69 -7.23
N PRO B 260 4.72 -35.68 -6.38
CA PRO B 260 6.11 -35.89 -5.91
C PRO B 260 7.11 -36.10 -7.04
N LYS B 261 6.77 -36.93 -8.03
CA LYS B 261 7.65 -37.14 -9.18
C LYS B 261 7.88 -35.84 -9.94
N VAL B 262 6.84 -35.04 -10.13
CA VAL B 262 6.99 -33.77 -10.83
C VAL B 262 7.93 -32.84 -10.09
N LEU B 263 7.74 -32.70 -8.78
CA LEU B 263 8.60 -31.83 -7.99
C LEU B 263 10.03 -32.32 -7.92
N HIS B 264 10.25 -33.63 -7.99
CA HIS B 264 11.60 -34.17 -8.03
C HIS B 264 12.28 -33.99 -9.38
N ARG B 265 11.54 -34.18 -10.47
CA ARG B 265 12.05 -33.85 -11.79
C ARG B 265 12.58 -32.42 -11.88
N GLU B 266 11.86 -31.46 -11.31
CA GLU B 266 12.31 -30.08 -11.27
C GLU B 266 13.39 -29.81 -10.23
N GLU B 267 13.69 -30.78 -9.36
CA GLU B 267 14.71 -30.64 -8.31
C GLU B 267 14.36 -29.60 -7.25
N LEU B 268 13.07 -29.45 -6.93
CA LEU B 268 12.70 -28.52 -5.85
C LEU B 268 13.24 -28.99 -4.50
N ASP B 269 13.13 -30.28 -4.22
CA ASP B 269 13.61 -30.81 -2.94
C ASP B 269 15.13 -30.69 -2.80
N ALA B 270 15.87 -30.91 -3.88
CA ALA B 270 17.32 -30.68 -3.84
C ALA B 270 17.66 -29.21 -3.62
N PHE B 271 16.91 -28.31 -4.24
CA PHE B 271 17.07 -26.88 -3.96
C PHE B 271 16.81 -26.56 -2.50
N VAL B 272 15.73 -27.10 -1.94
CA VAL B 272 15.41 -26.90 -0.53
C VAL B 272 16.50 -27.45 0.39
N VAL B 273 16.90 -28.71 0.16
CA VAL B 273 17.94 -29.34 0.99
C VAL B 273 19.24 -28.56 0.95
N ARG B 274 19.68 -28.12 -0.23
CA ARG B 274 20.86 -27.28 -0.32
C ARG B 274 20.68 -25.97 0.44
N ARG B 275 19.57 -25.27 0.19
CA ARG B 275 19.36 -23.96 0.78
C ARG B 275 19.30 -24.01 2.30
N LEU B 276 18.63 -25.01 2.86
CA LEU B 276 18.56 -25.18 4.31
C LEU B 276 19.78 -25.88 4.90
N ASN B 277 20.70 -26.35 4.07
CA ASN B 277 21.89 -27.09 4.52
C ASN B 277 21.53 -28.28 5.40
N LEU B 278 20.53 -29.04 4.99
CA LEU B 278 20.11 -30.23 5.69
C LEU B 278 21.00 -31.42 5.31
N PRO B 279 21.07 -32.45 6.16
CA PRO B 279 21.76 -33.68 5.75
C PRO B 279 21.16 -34.31 4.50
N PHE B 280 21.88 -34.18 3.40
CA PHE B 280 21.44 -34.67 2.10
C PHE B 280 21.42 -36.20 2.08
N ARG B 281 20.47 -36.75 1.32
CA ARG B 281 20.52 -38.16 0.93
C ARG B 281 19.68 -38.30 -0.34
N ASP B 282 19.92 -39.37 -1.10
CA ASP B 282 19.02 -39.71 -2.19
C ASP B 282 17.66 -40.20 -1.70
N VAL B 283 16.63 -39.93 -2.51
CA VAL B 283 15.32 -40.53 -2.37
C VAL B 283 15.37 -42.00 -2.75
N ASP B 284 14.70 -42.85 -1.98
CA ASP B 284 14.34 -44.20 -2.42
C ASP B 284 12.89 -44.19 -2.92
N TRP B 285 12.70 -44.55 -4.19
CA TRP B 285 11.40 -44.53 -4.83
C TRP B 285 10.62 -45.84 -4.77
N THR B 286 11.19 -46.94 -4.28
CA THR B 286 10.66 -48.26 -4.58
C THR B 286 9.18 -48.41 -4.20
N GLU B 287 8.78 -47.89 -3.05
CA GLU B 287 7.39 -48.04 -2.63
C GLU B 287 6.47 -47.08 -3.37
N TRP B 288 6.90 -45.85 -3.63
CA TRP B 288 6.05 -44.95 -4.40
C TRP B 288 6.01 -45.35 -5.86
N ASP B 289 7.06 -46.01 -6.36
CA ASP B 289 6.98 -46.65 -7.68
C ASP B 289 5.95 -47.77 -7.72
N ASP B 290 5.87 -48.58 -6.66
CA ASP B 290 4.80 -49.59 -6.62
C ASP B 290 3.41 -48.98 -6.53
N LEU B 291 3.27 -47.92 -5.74
CA LEU B 291 2.01 -47.17 -5.73
C LEU B 291 1.64 -46.70 -7.13
N LEU B 292 2.55 -46.02 -7.81
CA LEU B 292 2.24 -45.47 -9.11
C LEU B 292 1.99 -46.55 -10.17
N ARG B 293 2.58 -47.72 -10.04
CA ARG B 293 2.14 -48.85 -10.87
C ARG B 293 0.70 -49.22 -10.61
N ARG B 294 0.31 -49.34 -9.35
CA ARG B 294 -1.08 -49.68 -9.04
C ARG B 294 -2.05 -48.57 -9.44
N VAL B 295 -1.60 -47.32 -9.41
CA VAL B 295 -2.40 -46.20 -9.93
C VAL B 295 -2.57 -46.29 -11.43
N HIS B 296 -1.48 -46.35 -12.18
CA HIS B 296 -1.52 -46.11 -13.61
C HIS B 296 -1.69 -47.37 -14.46
N GLU B 297 -1.48 -48.56 -13.92
CA GLU B 297 -1.63 -49.80 -14.70
C GLU B 297 -2.56 -50.78 -14.00
N PRO B 298 -3.81 -50.40 -13.75
CA PRO B 298 -4.78 -51.34 -13.19
C PRO B 298 -5.13 -52.46 -14.15
N HIS B 299 -5.40 -53.64 -13.58
CA HIS B 299 -5.80 -54.79 -14.40
C HIS B 299 -7.28 -54.80 -14.76
N GLU B 300 -8.14 -54.17 -13.97
CA GLU B 300 -9.57 -54.20 -14.26
C GLU B 300 -10.25 -52.97 -13.69
N THR B 301 -11.50 -52.77 -14.11
CA THR B 301 -12.33 -51.67 -13.64
C THR B 301 -13.62 -52.20 -13.01
N VAL B 302 -14.06 -51.54 -11.94
CA VAL B 302 -15.30 -51.85 -11.26
C VAL B 302 -15.97 -50.53 -10.87
N ARG B 303 -17.30 -50.51 -10.93
CA ARG B 303 -18.07 -49.31 -10.66
C ARG B 303 -18.71 -49.38 -9.28
N ILE B 304 -18.46 -48.35 -8.47
CA ILE B 304 -19.07 -48.20 -7.16
C ILE B 304 -19.99 -46.99 -7.23
N ALA B 305 -21.27 -47.19 -6.94
CA ALA B 305 -22.19 -46.10 -6.67
C ALA B 305 -21.87 -45.46 -5.32
N LEU B 306 -21.83 -44.12 -5.30
CA LEU B 306 -21.82 -43.34 -4.08
C LEU B 306 -23.13 -42.58 -3.96
N VAL B 307 -23.96 -42.95 -2.98
CA VAL B 307 -25.31 -42.38 -2.85
C VAL B 307 -25.24 -41.13 -1.98
N GLY B 308 -24.74 -40.04 -2.53
CA GLY B 308 -24.53 -38.80 -1.83
C GLY B 308 -25.60 -37.75 -2.07
N LYS B 309 -25.20 -36.49 -1.82
CA LYS B 309 -26.07 -35.34 -2.03
C LYS B 309 -26.39 -35.13 -3.52
N TYR B 310 -25.38 -35.20 -4.38
CA TYR B 310 -25.56 -34.81 -5.77
C TYR B 310 -24.69 -35.68 -6.68
N VAL B 311 -25.06 -35.70 -7.96
CA VAL B 311 -24.47 -36.57 -8.98
C VAL B 311 -23.12 -36.07 -9.47
N GLU B 312 -22.40 -35.31 -8.64
CA GLU B 312 -21.11 -34.77 -9.04
C GLU B 312 -20.14 -34.86 -7.88
N LEU B 313 -18.85 -34.83 -8.22
CA LEU B 313 -17.80 -34.86 -7.22
C LEU B 313 -17.94 -33.70 -6.25
N SER B 314 -17.81 -34.01 -4.96
CA SER B 314 -17.83 -33.00 -3.91
C SER B 314 -16.75 -33.36 -2.91
N ASP B 315 -16.03 -32.33 -2.42
CA ASP B 315 -15.09 -32.54 -1.33
C ASP B 315 -15.76 -33.01 -0.06
N ALA B 316 -17.09 -32.96 0.00
CA ALA B 316 -17.82 -33.60 1.08
C ALA B 316 -17.51 -35.08 1.21
N TYR B 317 -16.99 -35.71 0.17
CA TYR B 317 -16.63 -37.12 0.23
C TYR B 317 -15.24 -37.35 -0.36
N LEU B 318 -14.34 -36.39 -0.11
CA LEU B 318 -12.97 -36.51 -0.61
C LEU B 318 -12.28 -37.74 -0.06
N SER B 319 -12.31 -37.91 1.26
CA SER B 319 -11.64 -39.05 1.88
C SER B 319 -12.35 -40.38 1.62
N VAL B 320 -13.66 -40.37 1.37
CA VAL B 320 -14.33 -41.60 0.98
C VAL B 320 -13.95 -42.01 -0.43
N ALA B 321 -13.87 -41.05 -1.34
CA ALA B 321 -13.42 -41.35 -2.71
C ALA B 321 -11.99 -41.84 -2.74
N GLU B 322 -11.10 -41.19 -1.99
CA GLU B 322 -9.72 -41.66 -1.88
C GLU B 322 -9.63 -43.03 -1.24
N ALA B 323 -10.42 -43.29 -0.20
CA ALA B 323 -10.40 -44.61 0.43
C ALA B 323 -10.90 -45.69 -0.52
N LEU B 324 -11.91 -45.40 -1.34
CA LEU B 324 -12.36 -46.36 -2.35
C LEU B 324 -11.29 -46.67 -3.39
N ARG B 325 -10.63 -45.64 -3.90
CA ARG B 325 -9.51 -45.89 -4.81
C ARG B 325 -8.38 -46.68 -4.16
N ALA B 326 -7.97 -46.30 -2.94
CA ALA B 326 -6.94 -47.06 -2.23
C ALA B 326 -7.35 -48.51 -2.01
N GLY B 327 -8.61 -48.76 -1.64
CA GLY B 327 -9.09 -50.13 -1.55
C GLY B 327 -9.05 -50.87 -2.86
N GLY B 328 -9.21 -50.16 -3.97
CA GLY B 328 -9.02 -50.77 -5.28
C GLY B 328 -7.57 -51.08 -5.60
N PHE B 329 -6.66 -50.20 -5.20
CA PHE B 329 -5.23 -50.40 -5.48
C PHE B 329 -4.74 -51.76 -4.99
N LYS B 330 -5.26 -52.24 -3.88
CA LYS B 330 -4.88 -53.57 -3.39
C LYS B 330 -5.14 -54.66 -4.41
N HIS B 331 -6.25 -54.58 -5.13
CA HIS B 331 -6.60 -55.59 -6.14
C HIS B 331 -6.02 -55.30 -7.51
N ARG B 332 -5.27 -54.21 -7.68
CA ARG B 332 -4.90 -53.71 -9.00
C ARG B 332 -6.11 -53.39 -9.87
N ALA B 333 -7.17 -52.86 -9.26
CA ALA B 333 -8.39 -52.53 -9.97
C ALA B 333 -8.57 -51.02 -9.99
N LYS B 334 -9.06 -50.51 -11.13
CA LYS B 334 -9.57 -49.14 -11.21
C LYS B 334 -10.98 -49.09 -10.66
N VAL B 335 -11.18 -48.33 -9.59
CA VAL B 335 -12.52 -48.08 -9.06
C VAL B 335 -13.00 -46.75 -9.61
N GLU B 336 -13.98 -46.83 -10.50
CA GLU B 336 -14.64 -45.66 -11.07
C GLU B 336 -15.83 -45.31 -10.19
N ILE B 337 -15.86 -44.09 -9.67
CA ILE B 337 -16.93 -43.66 -8.79
C ILE B 337 -18.09 -43.16 -9.64
N CYS B 338 -19.25 -43.80 -9.48
CA CYS B 338 -20.53 -43.36 -10.03
C CYS B 338 -21.27 -42.57 -8.96
N TRP B 339 -21.14 -41.25 -9.01
CA TRP B 339 -21.83 -40.37 -8.06
C TRP B 339 -23.33 -40.36 -8.33
N VAL B 340 -24.10 -40.90 -7.38
CA VAL B 340 -25.54 -41.05 -7.51
C VAL B 340 -26.20 -40.18 -6.45
N ALA B 341 -27.25 -39.46 -6.84
CA ALA B 341 -28.02 -38.70 -5.88
C ALA B 341 -28.89 -39.60 -5.02
N SER B 342 -28.98 -39.26 -3.73
CA SER B 342 -29.88 -39.95 -2.81
C SER B 342 -31.32 -39.92 -3.32
N ASP B 343 -31.74 -38.79 -3.91
CA ASP B 343 -33.15 -38.57 -4.19
C ASP B 343 -33.63 -39.30 -5.43
N GLY B 344 -32.75 -39.56 -6.39
CA GLY B 344 -33.09 -40.43 -7.51
C GLY B 344 -33.34 -41.87 -7.11
N CYS B 345 -32.89 -42.28 -5.94
CA CYS B 345 -33.13 -43.63 -5.42
C CYS B 345 -34.37 -43.73 -4.55
N GLU B 346 -35.13 -42.65 -4.40
CA GLU B 346 -36.27 -42.68 -3.49
C GLU B 346 -37.39 -43.58 -4.02
N THR B 347 -37.69 -43.51 -5.31
CA THR B 347 -38.56 -44.51 -5.92
C THR B 347 -37.77 -45.76 -6.30
N THR B 348 -38.44 -46.91 -6.19
CA THR B 348 -37.78 -48.17 -6.51
C THR B 348 -37.39 -48.23 -7.99
N SER B 349 -38.21 -47.66 -8.87
CA SER B 349 -37.85 -47.54 -10.27
C SER B 349 -36.69 -46.56 -10.46
N GLY B 350 -36.70 -45.46 -9.71
CA GLY B 350 -35.58 -44.53 -9.77
C GLY B 350 -34.29 -45.13 -9.25
N ALA B 351 -34.37 -45.88 -8.15
CA ALA B 351 -33.22 -46.65 -7.68
C ALA B 351 -32.70 -47.60 -8.74
N ALA B 352 -33.61 -48.39 -9.34
CA ALA B 352 -33.20 -49.31 -10.39
C ALA B 352 -32.65 -48.62 -11.61
N ALA B 353 -32.99 -47.35 -11.83
CA ALA B 353 -32.33 -46.60 -12.90
C ALA B 353 -30.94 -46.13 -12.50
N ALA B 354 -30.82 -45.45 -11.36
CA ALA B 354 -29.53 -44.87 -10.98
C ALA B 354 -28.54 -45.92 -10.51
N LEU B 355 -28.97 -46.85 -9.66
CA LEU B 355 -28.10 -47.89 -9.12
C LEU B 355 -28.11 -49.16 -9.95
N GLY B 356 -28.42 -49.06 -11.25
CA GLY B 356 -28.59 -50.25 -12.07
C GLY B 356 -27.33 -50.84 -12.65
N ASP B 357 -26.41 -49.99 -13.09
CA ASP B 357 -25.21 -50.44 -13.80
C ASP B 357 -24.00 -50.65 -12.88
N VAL B 358 -24.16 -50.39 -11.60
CA VAL B 358 -23.05 -50.39 -10.66
C VAL B 358 -22.90 -51.76 -10.02
N HIS B 359 -21.74 -51.98 -9.40
CA HIS B 359 -21.42 -53.25 -8.79
C HIS B 359 -21.36 -53.19 -7.27
N GLY B 360 -21.28 -51.99 -6.70
CA GLY B 360 -21.39 -51.83 -5.26
C GLY B 360 -21.92 -50.46 -4.94
N VAL B 361 -22.59 -50.37 -3.80
CA VAL B 361 -23.19 -49.12 -3.31
C VAL B 361 -22.54 -48.76 -1.98
N LEU B 362 -22.04 -47.54 -1.90
CA LEU B 362 -21.51 -46.98 -0.65
C LEU B 362 -22.48 -45.91 -0.16
N ILE B 363 -22.86 -46.02 1.12
CA ILE B 363 -23.76 -45.05 1.76
C ILE B 363 -22.95 -44.19 2.71
N PRO B 364 -22.52 -42.99 2.31
CA PRO B 364 -21.63 -42.21 3.15
C PRO B 364 -22.38 -41.43 4.22
N GLY B 365 -21.62 -41.02 5.23
CA GLY B 365 -22.15 -40.40 6.42
C GLY B 365 -22.02 -38.90 6.39
N GLY B 366 -21.76 -38.33 7.56
CA GLY B 366 -21.50 -36.91 7.72
C GLY B 366 -22.70 -36.17 8.26
N PHE B 367 -22.44 -34.93 8.68
CA PHE B 367 -23.49 -33.96 8.91
C PHE B 367 -23.79 -33.19 7.63
N GLY B 368 -24.74 -32.25 7.71
CA GLY B 368 -25.12 -31.48 6.56
C GLY B 368 -26.10 -32.15 5.62
N ILE B 369 -26.76 -33.23 6.06
CA ILE B 369 -27.81 -33.87 5.29
C ILE B 369 -29.09 -33.80 6.09
N ARG B 370 -30.21 -33.66 5.38
CA ARG B 370 -31.53 -33.73 5.98
C ARG B 370 -32.41 -34.67 5.18
N GLY B 371 -33.10 -35.58 5.87
CA GLY B 371 -33.84 -36.62 5.22
C GLY B 371 -32.99 -37.77 4.73
N ILE B 372 -33.44 -39.00 4.98
CA ILE B 372 -32.66 -40.20 4.67
C ILE B 372 -33.45 -41.22 3.87
N GLU B 373 -34.69 -40.94 3.50
CA GLU B 373 -35.55 -41.97 2.92
C GLU B 373 -35.02 -42.49 1.60
N GLY B 374 -34.37 -41.63 0.81
CA GLY B 374 -33.76 -42.09 -0.44
C GLY B 374 -32.63 -43.08 -0.24
N LYS B 375 -31.82 -42.87 0.79
CA LYS B 375 -30.75 -43.83 1.09
C LYS B 375 -31.32 -45.16 1.56
N ILE B 376 -32.41 -45.14 2.33
CA ILE B 376 -33.07 -46.39 2.70
C ILE B 376 -33.64 -47.09 1.46
N GLY B 377 -34.14 -46.32 0.50
CA GLY B 377 -34.55 -46.90 -0.77
C GLY B 377 -33.40 -47.54 -1.53
N ALA B 378 -32.27 -46.86 -1.59
CA ALA B 378 -31.06 -47.42 -2.18
C ALA B 378 -30.64 -48.72 -1.51
N ILE B 379 -30.65 -48.76 -0.18
CA ILE B 379 -30.29 -50.00 0.52
C ILE B 379 -31.26 -51.11 0.21
N ALA B 380 -32.57 -50.83 0.29
CA ALA B 380 -33.57 -51.84 -0.01
C ALA B 380 -33.41 -52.40 -1.43
N TYR B 381 -33.25 -51.51 -2.41
CA TYR B 381 -32.99 -51.96 -3.78
C TYR B 381 -31.74 -52.83 -3.86
N ALA B 382 -30.64 -52.38 -3.24
CA ALA B 382 -29.38 -53.12 -3.35
C ALA B 382 -29.47 -54.52 -2.74
N ARG B 383 -30.10 -54.63 -1.57
CA ARG B 383 -30.37 -55.95 -0.99
C ARG B 383 -31.29 -56.79 -1.87
N ALA B 384 -32.28 -56.17 -2.53
CA ALA B 384 -33.11 -56.96 -3.44
C ALA B 384 -32.30 -57.46 -4.63
N ARG B 385 -31.50 -56.60 -5.24
CA ARG B 385 -30.65 -57.00 -6.35
C ARG B 385 -29.53 -57.94 -5.90
N GLY B 386 -29.15 -57.87 -4.64
CA GLY B 386 -28.02 -58.64 -4.14
C GLY B 386 -26.69 -57.96 -4.31
N LEU B 387 -26.67 -56.64 -4.43
CA LEU B 387 -25.43 -55.89 -4.49
C LEU B 387 -24.74 -55.88 -3.12
N PRO B 388 -23.41 -55.76 -3.12
CA PRO B 388 -22.72 -55.44 -1.86
C PRO B 388 -22.89 -53.98 -1.48
N VAL B 389 -22.94 -53.73 -0.17
CA VAL B 389 -23.21 -52.40 0.36
C VAL B 389 -22.27 -52.15 1.54
N LEU B 390 -21.66 -50.96 1.58
CA LEU B 390 -20.92 -50.49 2.74
C LEU B 390 -21.55 -49.18 3.19
N GLY B 391 -22.03 -49.17 4.42
CA GLY B 391 -22.66 -48.00 5.02
C GLY B 391 -21.82 -47.38 6.12
N LEU B 392 -21.47 -46.11 5.99
CA LEU B 392 -20.58 -45.47 6.93
C LEU B 392 -21.36 -44.55 7.85
N CYS B 393 -21.26 -44.82 9.16
CA CYS B 393 -22.05 -44.15 10.21
C CYS B 393 -23.55 -44.06 9.95
N LEU B 394 -24.01 -42.94 9.38
CA LEU B 394 -25.37 -42.84 8.89
C LEU B 394 -25.74 -43.99 7.96
N GLY B 395 -24.78 -44.55 7.23
CA GLY B 395 -25.10 -45.73 6.44
C GLY B 395 -25.49 -46.92 7.30
N LEU B 396 -24.83 -47.11 8.44
CA LEU B 396 -25.28 -48.12 9.39
C LEU B 396 -26.68 -47.79 9.88
N GLN B 397 -26.93 -46.54 10.21
CA GLN B 397 -28.24 -46.17 10.73
C GLN B 397 -29.35 -46.43 9.72
N CYS B 398 -29.11 -46.09 8.45
CA CYS B 398 -30.04 -46.43 7.39
C CYS B 398 -30.22 -47.94 7.21
N ILE B 399 -29.14 -48.72 7.29
CA ILE B 399 -29.27 -50.17 7.20
C ILE B 399 -30.14 -50.73 8.33
N VAL B 400 -29.94 -50.23 9.55
CA VAL B 400 -30.76 -50.67 10.68
C VAL B 400 -32.21 -50.25 10.52
N ILE B 401 -32.45 -49.03 10.03
CA ILE B 401 -33.82 -48.58 9.80
C ILE B 401 -34.50 -49.37 8.68
N GLU B 402 -33.79 -49.60 7.59
CA GLU B 402 -34.31 -50.44 6.51
C GLU B 402 -34.64 -51.86 7.00
N ALA B 403 -33.79 -52.44 7.85
CA ALA B 403 -34.10 -53.72 8.45
C ALA B 403 -35.37 -53.65 9.31
N ALA B 404 -35.46 -52.64 10.17
CA ALA B 404 -36.64 -52.49 11.02
C ALA B 404 -37.91 -52.39 10.20
N ARG B 405 -37.90 -51.59 9.15
CA ARG B 405 -39.07 -51.51 8.28
C ARG B 405 -39.34 -52.83 7.55
N SER B 406 -38.29 -53.57 7.20
CA SER B 406 -38.47 -54.88 6.57
C SER B 406 -39.11 -55.89 7.51
N VAL B 407 -38.92 -55.78 8.82
CA VAL B 407 -39.58 -56.68 9.75
C VAL B 407 -40.97 -56.19 10.13
N GLY B 408 -41.48 -55.18 9.41
CA GLY B 408 -42.85 -54.73 9.59
C GLY B 408 -43.04 -53.52 10.48
N LEU B 409 -41.98 -52.95 11.03
CA LEU B 409 -42.08 -51.69 11.78
C LEU B 409 -42.08 -50.53 10.79
N THR B 410 -43.16 -50.48 10.00
CA THR B 410 -43.18 -49.63 8.82
C THR B 410 -42.87 -48.18 9.15
N ASN B 411 -43.29 -47.70 10.32
CA ASN B 411 -43.02 -46.33 10.72
C ASN B 411 -41.71 -46.19 11.50
N ALA B 412 -40.95 -47.26 11.67
CA ALA B 412 -39.68 -47.16 12.37
C ALA B 412 -38.74 -46.22 11.65
N ASN B 413 -38.04 -45.38 12.41
CA ASN B 413 -37.21 -44.34 11.82
C ASN B 413 -36.15 -43.94 12.83
N SER B 414 -35.23 -43.09 12.38
CA SER B 414 -34.39 -42.34 13.31
C SER B 414 -35.17 -41.18 13.91
N ALA B 415 -35.05 -41.03 15.23
CA ALA B 415 -35.61 -39.86 15.91
C ALA B 415 -35.01 -38.56 15.41
N GLU B 416 -33.86 -38.60 14.75
CA GLU B 416 -33.29 -37.40 14.18
C GLU B 416 -34.09 -36.92 12.97
N PHE B 417 -34.80 -37.82 12.30
CA PHE B 417 -35.54 -37.53 11.09
C PHE B 417 -37.04 -37.73 11.22
N ASP B 418 -37.51 -38.46 12.23
CA ASP B 418 -38.91 -38.40 12.64
C ASP B 418 -38.99 -38.45 14.16
N PRO B 419 -38.94 -37.29 14.81
CA PRO B 419 -39.09 -37.26 16.28
C PRO B 419 -40.39 -37.83 16.78
N ASP B 420 -41.41 -37.92 15.93
CA ASP B 420 -42.71 -38.47 16.31
C ASP B 420 -42.88 -39.93 15.93
N THR B 421 -41.82 -40.57 15.44
CA THR B 421 -41.91 -41.98 15.11
C THR B 421 -42.36 -42.78 16.32
N PRO B 422 -43.30 -43.72 16.17
CA PRO B 422 -43.65 -44.59 17.30
C PRO B 422 -42.58 -45.61 17.65
N ASP B 423 -41.61 -45.85 16.76
CA ASP B 423 -40.56 -46.86 16.98
C ASP B 423 -39.22 -46.23 16.61
N PRO B 424 -38.64 -45.45 17.53
CA PRO B 424 -37.32 -44.82 17.32
C PRO B 424 -36.18 -45.82 17.46
N VAL B 425 -35.99 -46.62 16.41
CA VAL B 425 -34.94 -47.64 16.42
C VAL B 425 -33.56 -47.03 16.39
N ILE B 426 -33.41 -45.78 15.94
CA ILE B 426 -32.19 -45.01 16.14
C ILE B 426 -32.52 -43.80 17.00
N ALA B 427 -31.79 -43.67 18.10
CA ALA B 427 -32.08 -42.63 19.08
C ALA B 427 -30.79 -42.26 19.80
N THR B 428 -30.82 -41.11 20.49
CA THR B 428 -29.73 -40.74 21.36
C THR B 428 -29.69 -41.62 22.59
N MET B 429 -28.52 -42.16 22.90
CA MET B 429 -28.36 -43.01 24.07
C MET B 429 -28.56 -42.17 25.33
N GLY B 443 -30.13 -33.71 23.41
CA GLY B 443 -29.45 -33.87 22.14
C GLY B 443 -28.38 -34.94 22.16
N GLY B 444 -28.25 -35.63 23.28
CA GLY B 444 -27.24 -36.66 23.43
C GLY B 444 -25.83 -36.07 23.41
N THR B 445 -24.86 -36.99 23.49
CA THR B 445 -23.45 -36.64 23.52
C THR B 445 -22.79 -37.08 22.21
N MET B 446 -22.15 -36.13 21.52
CA MET B 446 -21.36 -36.48 20.35
C MET B 446 -20.13 -37.28 20.81
N ARG B 447 -20.05 -38.52 20.34
CA ARG B 447 -18.81 -39.29 20.38
C ARG B 447 -17.82 -38.80 19.34
N LEU B 448 -16.61 -38.51 19.78
CA LEU B 448 -15.56 -37.99 18.91
C LEU B 448 -14.26 -38.78 19.12
N GLY B 449 -13.57 -39.06 18.02
CA GLY B 449 -12.27 -39.68 18.06
C GLY B 449 -12.30 -41.18 18.25
N SER B 450 -11.17 -41.72 18.66
CA SER B 450 -10.96 -43.16 18.71
C SER B 450 -11.70 -43.79 19.88
N TYR B 451 -12.45 -44.85 19.59
CA TYR B 451 -13.04 -45.69 20.62
C TYR B 451 -12.75 -47.14 20.26
N PRO B 452 -12.50 -48.00 21.25
CA PRO B 452 -12.29 -49.42 20.96
C PRO B 452 -13.58 -50.16 20.64
N ALA B 453 -13.44 -51.26 19.90
CA ALA B 453 -14.53 -52.18 19.67
C ALA B 453 -14.02 -53.62 19.72
N VAL B 454 -14.93 -54.53 20.03
CA VAL B 454 -14.69 -55.97 19.94
C VAL B 454 -15.59 -56.54 18.86
N LEU B 455 -15.07 -57.52 18.12
CA LEU B 455 -15.79 -58.13 17.00
C LEU B 455 -16.04 -59.59 17.30
N GLU B 456 -17.26 -60.03 16.98
CA GLU B 456 -17.63 -61.43 17.13
C GLU B 456 -16.70 -62.31 16.28
N PRO B 457 -16.17 -63.40 16.84
CA PRO B 457 -15.21 -64.23 16.10
C PRO B 457 -15.81 -64.81 14.83
N ASP B 458 -15.04 -64.75 13.75
CA ASP B 458 -15.44 -65.16 12.41
C ASP B 458 -16.67 -64.43 11.89
N SER B 459 -17.06 -63.32 12.52
CA SER B 459 -17.95 -62.38 11.85
C SER B 459 -17.28 -61.84 10.60
N VAL B 460 -18.10 -61.39 9.66
CA VAL B 460 -17.60 -60.85 8.40
C VAL B 460 -16.61 -59.72 8.63
N VAL B 461 -16.90 -58.84 9.58
CA VAL B 461 -15.97 -57.79 9.94
C VAL B 461 -14.71 -58.35 10.58
N ALA B 462 -14.84 -59.40 11.37
CA ALA B 462 -13.64 -60.00 11.95
C ALA B 462 -12.75 -60.61 10.88
N GLN B 463 -13.35 -61.20 9.84
CA GLN B 463 -12.58 -61.65 8.70
C GLN B 463 -11.93 -60.48 7.96
N ALA B 464 -12.64 -59.36 7.82
CA ALA B 464 -12.04 -58.20 7.17
C ALA B 464 -10.84 -57.67 7.93
N TYR B 465 -11.00 -57.36 9.21
CA TYR B 465 -9.88 -56.92 10.02
C TYR B 465 -8.91 -58.04 10.32
N GLN B 466 -9.35 -59.30 10.23
CA GLN B 466 -8.57 -60.44 10.70
C GLN B 466 -8.19 -60.30 12.17
N THR B 467 -9.12 -59.76 12.96
CA THR B 467 -8.94 -59.66 14.41
C THR B 467 -10.30 -59.48 15.05
N THR B 468 -10.36 -59.75 16.35
CA THR B 468 -11.54 -59.46 17.15
C THR B 468 -11.50 -58.11 17.87
N GLN B 469 -10.39 -57.37 17.81
CA GLN B 469 -10.27 -56.11 18.53
C GLN B 469 -9.72 -55.01 17.65
N VAL B 470 -10.44 -53.89 17.59
CA VAL B 470 -10.15 -52.79 16.67
C VAL B 470 -10.45 -51.48 17.38
N SER B 471 -9.95 -50.38 16.80
CA SER B 471 -10.32 -49.05 17.21
C SER B 471 -10.57 -48.17 16.00
N GLU B 472 -11.57 -47.31 16.08
CA GLU B 472 -11.99 -46.52 14.94
C GLU B 472 -12.38 -45.13 15.43
N ARG B 473 -12.31 -44.16 14.53
CA ARG B 473 -12.64 -42.78 14.84
C ARG B 473 -14.14 -42.53 14.69
N HIS B 474 -14.69 -41.74 15.61
CA HIS B 474 -16.12 -41.50 15.72
C HIS B 474 -16.45 -40.03 15.59
N ARG B 475 -17.64 -39.77 15.06
CA ARG B 475 -18.21 -38.43 15.00
C ARG B 475 -19.72 -38.52 14.86
N HIS B 476 -20.41 -38.87 15.95
CA HIS B 476 -21.85 -39.07 15.92
C HIS B 476 -22.41 -38.94 17.33
N ARG B 477 -23.73 -38.75 17.41
CA ARG B 477 -24.41 -38.59 18.68
C ARG B 477 -25.65 -39.46 18.87
N TYR B 478 -26.04 -40.25 17.89
CA TYR B 478 -27.11 -41.24 18.00
C TYR B 478 -26.57 -42.65 18.00
N GLU B 479 -27.32 -43.56 18.64
CA GLU B 479 -26.92 -44.95 18.79
C GLU B 479 -28.09 -45.85 18.40
N VAL B 480 -27.77 -47.11 18.13
CA VAL B 480 -28.79 -48.13 17.89
C VAL B 480 -29.54 -48.39 19.19
N ASN B 481 -30.86 -48.39 19.13
CA ASN B 481 -31.69 -48.56 20.33
C ASN B 481 -31.64 -50.01 20.79
N ASN B 482 -31.04 -50.24 21.95
CA ASN B 482 -30.93 -51.58 22.51
C ASN B 482 -32.29 -52.23 22.77
N ALA B 483 -33.34 -51.43 22.90
CA ALA B 483 -34.69 -51.97 23.06
C ALA B 483 -35.21 -52.69 21.82
N TYR B 484 -34.62 -52.46 20.65
CA TYR B 484 -35.13 -53.02 19.41
C TYR B 484 -34.25 -54.12 18.84
N ARG B 485 -33.12 -54.43 19.48
CA ARG B 485 -32.18 -55.42 18.95
C ARG B 485 -32.86 -56.74 18.65
N ASP B 486 -33.65 -57.25 19.59
CA ASP B 486 -34.30 -58.55 19.41
C ASP B 486 -35.23 -58.56 18.20
N LYS B 487 -35.92 -57.46 17.95
CA LYS B 487 -36.82 -57.39 16.81
C LYS B 487 -36.06 -57.24 15.49
N ILE B 488 -35.09 -56.33 15.46
CA ILE B 488 -34.25 -56.18 14.28
C ILE B 488 -33.57 -57.49 13.91
N ALA B 489 -33.10 -58.24 14.91
CA ALA B 489 -32.50 -59.54 14.66
C ALA B 489 -33.44 -60.57 14.04
N GLU B 490 -34.76 -60.34 14.05
CA GLU B 490 -35.64 -61.24 13.32
C GLU B 490 -35.39 -61.20 11.82
N SER B 491 -34.76 -60.14 11.33
CA SER B 491 -34.29 -60.12 9.95
C SER B 491 -33.09 -61.04 9.73
N GLY B 492 -32.45 -61.51 10.81
CA GLY B 492 -31.19 -62.20 10.70
C GLY B 492 -29.98 -61.31 10.80
N LEU B 493 -30.18 -60.01 11.00
CA LEU B 493 -29.06 -59.09 11.17
C LEU B 493 -28.26 -59.49 12.39
N ARG B 494 -26.94 -59.41 12.30
CA ARG B 494 -26.07 -59.62 13.45
C ARG B 494 -25.45 -58.31 13.90
N PHE B 495 -25.54 -58.04 15.20
CA PHE B 495 -24.82 -56.95 15.86
C PHE B 495 -23.37 -57.35 16.12
N SER B 496 -22.68 -57.71 15.04
CA SER B 496 -21.43 -58.48 15.15
C SER B 496 -20.29 -57.69 15.77
N GLY B 497 -20.35 -56.37 15.80
CA GLY B 497 -19.35 -55.58 16.50
C GLY B 497 -19.97 -54.57 17.43
N THR B 498 -19.37 -54.43 18.62
CA THR B 498 -19.90 -53.59 19.68
C THR B 498 -18.76 -52.90 20.40
N SER B 499 -19.12 -51.94 21.24
CA SER B 499 -18.30 -51.51 22.35
C SER B 499 -17.87 -52.71 23.19
N PRO B 500 -16.79 -52.60 23.98
CA PRO B 500 -16.27 -53.78 24.67
C PRO B 500 -17.23 -54.37 25.69
N ASP B 501 -18.16 -53.59 26.23
CA ASP B 501 -19.20 -54.11 27.11
C ASP B 501 -20.39 -54.67 26.36
N GLY B 502 -20.45 -54.51 25.04
CA GLY B 502 -21.62 -54.87 24.27
C GLY B 502 -22.75 -53.87 24.34
N HIS B 503 -22.59 -52.79 25.10
CA HIS B 503 -23.68 -51.84 25.30
C HIS B 503 -24.02 -51.09 24.01
N LEU B 504 -23.01 -50.77 23.20
CA LEU B 504 -23.20 -50.04 21.95
C LEU B 504 -22.91 -50.95 20.76
N VAL B 505 -23.83 -50.95 19.79
CA VAL B 505 -23.56 -51.51 18.47
C VAL B 505 -22.57 -50.63 17.73
N GLU B 506 -21.51 -51.26 17.20
CA GLU B 506 -20.53 -50.59 16.35
C GLU B 506 -20.53 -51.08 14.92
N PHE B 507 -20.83 -52.36 14.68
CA PHE B 507 -20.88 -52.96 13.36
C PHE B 507 -22.13 -53.83 13.23
N VAL B 508 -22.73 -53.81 12.05
CA VAL B 508 -23.81 -54.72 11.71
C VAL B 508 -23.43 -55.44 10.43
N GLU B 509 -23.88 -56.68 10.31
CA GLU B 509 -23.66 -57.47 9.11
C GLU B 509 -24.86 -58.38 8.90
N TYR B 510 -25.10 -58.73 7.65
CA TYR B 510 -25.91 -59.89 7.32
C TYR B 510 -25.03 -61.13 7.18
N PRO B 511 -25.49 -62.30 7.63
CA PRO B 511 -24.72 -63.52 7.41
C PRO B 511 -24.46 -63.76 5.94
N PRO B 512 -23.35 -64.42 5.60
CA PRO B 512 -22.95 -64.53 4.19
C PRO B 512 -23.96 -65.19 3.27
N ASP B 513 -24.79 -66.09 3.81
CA ASP B 513 -25.81 -66.76 2.99
C ASP B 513 -27.06 -65.92 2.80
N ARG B 514 -27.25 -64.85 3.57
CA ARG B 514 -28.30 -63.89 3.22
C ARG B 514 -27.83 -62.94 2.14
N HIS B 515 -26.66 -62.33 2.32
CA HIS B 515 -26.08 -61.48 1.29
C HIS B 515 -24.56 -61.62 1.34
N PRO B 516 -23.87 -61.45 0.21
CA PRO B 516 -22.42 -61.65 0.21
C PRO B 516 -21.67 -60.66 1.08
N PHE B 517 -22.03 -59.38 1.04
CA PHE B 517 -21.41 -58.40 1.91
C PHE B 517 -22.34 -57.20 2.03
N VAL B 518 -22.99 -57.06 3.18
CA VAL B 518 -23.76 -55.86 3.51
C VAL B 518 -23.35 -55.46 4.92
N VAL B 519 -22.52 -54.43 5.02
CA VAL B 519 -21.89 -54.05 6.29
C VAL B 519 -22.09 -52.57 6.51
N GLY B 520 -22.41 -52.20 7.74
CA GLY B 520 -22.34 -50.83 8.19
C GLY B 520 -21.41 -50.76 9.39
N THR B 521 -20.73 -49.63 9.53
CA THR B 521 -20.02 -49.32 10.75
C THR B 521 -20.38 -47.91 11.21
N GLN B 522 -20.50 -47.74 12.53
CA GLN B 522 -20.72 -46.43 13.12
C GLN B 522 -19.53 -45.51 12.95
N ALA B 523 -18.35 -46.05 12.66
CA ALA B 523 -17.13 -45.26 12.60
C ALA B 523 -16.96 -44.61 11.23
N HIS B 524 -15.89 -43.82 11.10
CA HIS B 524 -15.42 -43.26 9.84
C HIS B 524 -14.09 -43.88 9.45
N PRO B 525 -14.07 -45.12 8.94
CA PRO B 525 -12.80 -45.77 8.63
C PRO B 525 -12.01 -45.12 7.50
N GLU B 526 -12.67 -44.34 6.62
CA GLU B 526 -11.96 -43.68 5.55
C GLU B 526 -10.87 -42.73 6.04
N LEU B 527 -10.93 -42.31 7.30
CA LEU B 527 -9.92 -41.43 7.87
C LEU B 527 -8.65 -42.18 8.26
N LYS B 528 -8.73 -43.49 8.47
CA LYS B 528 -7.57 -44.32 8.74
C LYS B 528 -6.90 -44.88 7.48
N SER B 529 -7.55 -44.76 6.32
CA SER B 529 -7.02 -45.27 5.06
C SER B 529 -5.87 -44.42 4.52
N ARG B 530 -4.95 -45.09 3.82
CA ARG B 530 -3.86 -44.46 3.08
C ARG B 530 -3.67 -45.17 1.74
N PRO B 531 -3.15 -44.48 0.73
CA PRO B 531 -2.85 -45.13 -0.54
C PRO B 531 -1.79 -46.21 -0.44
N THR B 532 -0.83 -46.04 0.46
CA THR B 532 0.18 -47.03 0.77
C THR B 532 -0.26 -48.08 1.77
N ARG B 533 -1.45 -47.91 2.37
CA ARG B 533 -1.94 -48.85 3.37
C ARG B 533 -3.46 -48.80 3.35
N PRO B 534 -4.08 -49.53 2.43
CA PRO B 534 -5.55 -49.55 2.36
C PRO B 534 -6.18 -50.07 3.65
N HIS B 535 -7.34 -49.50 3.98
CA HIS B 535 -8.08 -49.95 5.14
C HIS B 535 -8.74 -51.30 4.86
N PRO B 536 -8.74 -52.22 5.84
CA PRO B 536 -9.31 -53.56 5.62
C PRO B 536 -10.76 -53.63 5.12
N LEU B 537 -11.65 -52.78 5.60
CA LEU B 537 -13.04 -52.84 5.13
C LEU B 537 -13.18 -52.41 3.68
N PHE B 538 -12.50 -51.35 3.27
CA PHE B 538 -12.55 -50.97 1.87
C PHE B 538 -11.94 -52.02 0.96
N VAL B 539 -10.91 -52.73 1.43
CA VAL B 539 -10.41 -53.88 0.69
C VAL B 539 -11.48 -54.96 0.55
N ALA B 540 -12.15 -55.31 1.65
CA ALA B 540 -13.15 -56.36 1.61
C ALA B 540 -14.40 -55.96 0.83
N PHE B 541 -14.77 -54.68 0.87
CA PHE B 541 -15.90 -54.19 0.10
C PHE B 541 -15.62 -54.19 -1.39
N VAL B 542 -14.49 -53.61 -1.81
CA VAL B 542 -14.14 -53.65 -3.23
C VAL B 542 -13.92 -55.08 -3.70
N GLY B 543 -13.46 -55.97 -2.81
CA GLY B 543 -13.42 -57.38 -3.15
C GLY B 543 -14.80 -57.99 -3.41
N ALA B 544 -15.78 -57.66 -2.57
CA ALA B 544 -17.14 -58.15 -2.82
C ALA B 544 -17.75 -57.56 -4.08
N ALA B 545 -17.45 -56.29 -4.38
CA ALA B 545 -17.87 -55.69 -5.65
C ALA B 545 -17.26 -56.39 -6.86
N ILE B 546 -15.95 -56.66 -6.80
CA ILE B 546 -15.30 -57.43 -7.86
C ILE B 546 -15.93 -58.82 -8.01
N ASP B 547 -16.17 -59.51 -6.89
CA ASP B 547 -16.82 -60.81 -6.96
C ASP B 547 -18.23 -60.75 -7.53
N TYR B 548 -18.96 -59.66 -7.27
CA TYR B 548 -20.28 -59.50 -7.89
C TYR B 548 -20.16 -59.30 -9.40
N LYS B 549 -19.30 -58.40 -9.82
CA LYS B 549 -19.07 -58.22 -11.26
C LYS B 549 -18.66 -59.53 -11.92
N ALA B 550 -17.85 -60.34 -11.24
CA ALA B 550 -17.45 -61.63 -11.79
C ALA B 550 -18.62 -62.60 -11.87
N GLY B 551 -19.47 -62.63 -10.84
CA GLY B 551 -20.57 -63.57 -10.84
C GLY B 551 -21.72 -63.17 -11.74
N GLU B 552 -21.94 -61.87 -11.91
CA GLU B 552 -23.06 -61.38 -12.70
C GLU B 552 -22.87 -61.71 -14.18
N PRO C 5 -41.56 17.05 8.83
CA PRO C 5 -40.99 15.95 9.58
C PRO C 5 -39.47 16.03 9.71
N GLN C 6 -38.92 15.31 10.69
CA GLN C 6 -37.48 15.28 10.88
C GLN C 6 -36.79 14.65 9.67
N THR C 7 -35.61 15.17 9.34
CA THR C 7 -34.81 14.61 8.26
C THR C 7 -34.28 13.23 8.64
N ALA C 8 -33.61 12.60 7.68
CA ALA C 8 -32.72 11.48 7.98
C ALA C 8 -31.63 11.88 8.96
N THR C 9 -31.24 10.92 9.81
CA THR C 9 -30.18 11.15 10.78
C THR C 9 -28.82 11.16 10.10
N LYS C 10 -28.02 12.19 10.39
CA LYS C 10 -26.70 12.32 9.81
C LYS C 10 -25.69 11.58 10.67
N HIS C 11 -24.65 11.05 10.03
CA HIS C 11 -23.52 10.44 10.73
C HIS C 11 -22.25 11.24 10.44
N LEU C 12 -21.61 11.76 11.49
CA LEU C 12 -20.34 12.46 11.41
C LEU C 12 -19.24 11.64 12.07
N PHE C 13 -18.22 11.25 11.29
CA PHE C 13 -17.12 10.42 11.75
C PHE C 13 -15.88 11.26 12.03
N VAL C 14 -15.34 11.16 13.24
CA VAL C 14 -14.13 11.87 13.64
C VAL C 14 -12.95 10.89 13.68
N SER C 15 -11.86 11.26 13.01
CA SER C 15 -10.71 10.38 12.82
C SER C 15 -9.43 11.19 13.00
N GLY C 16 -8.35 10.49 13.29
CA GLY C 16 -7.10 11.14 13.69
C GLY C 16 -5.92 10.61 12.91
N GLY C 17 -4.96 11.52 12.67
CA GLY C 17 -3.78 11.20 11.91
C GLY C 17 -2.50 11.65 12.59
N VAL C 18 -1.38 11.17 12.03
CA VAL C 18 -0.04 11.40 12.54
C VAL C 18 0.17 10.75 13.90
N ALA C 19 -0.61 11.14 14.90
CA ALA C 19 -0.42 10.62 16.23
C ALA C 19 -1.76 10.58 16.95
N SER C 20 -1.80 9.81 18.03
CA SER C 20 -2.81 9.92 19.08
C SER C 20 -2.49 11.09 20.01
N SER C 21 -3.36 11.28 21.00
CA SER C 21 -3.28 12.38 21.95
C SER C 21 -3.47 13.75 21.32
N LEU C 22 -3.99 13.83 20.10
CA LEU C 22 -4.20 15.12 19.48
C LEU C 22 -5.46 15.82 19.95
N GLY C 23 -6.28 15.17 20.78
CA GLY C 23 -7.47 15.78 21.31
C GLY C 23 -8.72 15.66 20.46
N LYS C 24 -8.80 14.65 19.58
CA LYS C 24 -9.98 14.47 18.75
C LYS C 24 -11.24 14.13 19.55
N GLY C 25 -11.09 13.58 20.76
CA GLY C 25 -12.26 13.38 21.61
C GLY C 25 -12.81 14.66 22.21
N LEU C 26 -11.93 15.61 22.54
CA LEU C 26 -12.39 16.93 22.91
C LEU C 26 -12.92 17.71 21.71
N THR C 27 -12.37 17.48 20.53
CA THR C 27 -12.93 18.05 19.31
C THR C 27 -14.38 17.57 19.10
N ALA C 28 -14.58 16.26 19.12
CA ALA C 28 -15.93 15.71 19.00
C ALA C 28 -16.88 16.22 20.07
N SER C 29 -16.41 16.35 21.32
CA SER C 29 -17.23 16.92 22.38
C SER C 29 -17.60 18.38 22.13
N SER C 30 -16.66 19.18 21.62
CA SER C 30 -16.94 20.59 21.36
C SER C 30 -17.87 20.77 20.17
N LEU C 31 -17.70 19.96 19.14
CA LEU C 31 -18.65 19.97 18.02
C LEU C 31 -20.05 19.55 18.47
N GLY C 32 -20.14 18.56 19.37
CA GLY C 32 -21.43 18.23 19.95
C GLY C 32 -22.07 19.36 20.75
N GLN C 33 -21.27 20.05 21.56
CA GLN C 33 -21.75 21.23 22.28
C GLN C 33 -22.25 22.33 21.33
N LEU C 34 -21.50 22.59 20.27
CA LEU C 34 -21.93 23.59 19.28
C LEU C 34 -23.21 23.19 18.56
N LEU C 35 -23.28 21.96 18.05
CA LEU C 35 -24.49 21.54 17.36
C LEU C 35 -25.71 21.46 18.28
N THR C 36 -25.49 21.12 19.55
CA THR C 36 -26.60 21.16 20.51
C THR C 36 -27.09 22.59 20.73
N ALA C 37 -26.17 23.55 20.80
CA ALA C 37 -26.59 24.94 21.00
C ALA C 37 -27.32 25.52 19.81
N ARG C 38 -27.11 25.01 18.60
CA ARG C 38 -27.93 25.35 17.44
C ARG C 38 -29.25 24.59 17.38
N GLY C 39 -29.62 23.86 18.43
CA GLY C 39 -30.93 23.24 18.54
C GLY C 39 -31.06 21.85 17.97
N LEU C 40 -29.99 21.26 17.44
CA LEU C 40 -30.03 19.88 16.97
C LEU C 40 -29.89 18.92 18.14
N HIS C 41 -30.46 17.72 17.99
CA HIS C 41 -30.27 16.65 18.97
C HIS C 41 -29.12 15.74 18.56
N VAL C 42 -28.07 15.74 19.37
CA VAL C 42 -26.82 15.01 19.10
C VAL C 42 -26.72 13.83 20.04
N THR C 43 -26.28 12.69 19.52
CA THR C 43 -25.82 11.58 20.35
C THR C 43 -24.43 11.15 19.88
N MET C 44 -23.68 10.53 20.79
CA MET C 44 -22.24 10.32 20.60
C MET C 44 -21.84 8.86 20.85
N GLN C 45 -20.84 8.41 20.11
CA GLN C 45 -20.29 7.05 20.22
C GLN C 45 -18.78 7.08 20.11
N LYS C 46 -18.08 6.25 20.89
CA LYS C 46 -16.66 5.97 20.69
C LYS C 46 -16.39 4.53 20.27
N LEU C 47 -15.51 4.36 19.30
CA LEU C 47 -14.98 3.05 18.90
C LEU C 47 -13.53 2.89 19.38
N ASP C 48 -13.28 1.89 20.23
CA ASP C 48 -11.92 1.62 20.73
C ASP C 48 -11.33 0.40 20.04
N PRO C 49 -10.21 0.53 19.32
CA PRO C 49 -9.67 -0.60 18.56
C PRO C 49 -8.91 -1.64 19.38
N TYR C 50 -8.69 -1.42 20.67
CA TYR C 50 -8.01 -2.42 21.49
C TYR C 50 -8.89 -3.65 21.75
N LEU C 51 -8.24 -4.78 22.02
CA LEU C 51 -8.90 -6.07 22.20
C LEU C 51 -9.42 -6.34 23.60
N ASN C 52 -9.09 -5.53 24.59
CA ASN C 52 -9.72 -5.66 25.90
C ASN C 52 -11.21 -5.50 25.76
N VAL C 53 -11.97 -6.40 26.41
CA VAL C 53 -13.42 -6.31 26.28
C VAL C 53 -13.95 -5.08 27.00
N ASP C 54 -13.27 -4.65 28.05
CA ASP C 54 -13.49 -3.34 28.65
C ASP C 54 -12.21 -2.93 29.34
N PRO C 55 -12.05 -1.63 29.64
CA PRO C 55 -10.82 -1.20 30.33
C PRO C 55 -10.75 -1.58 31.80
N GLY C 56 -11.72 -2.32 32.32
CA GLY C 56 -11.70 -2.68 33.74
C GLY C 56 -10.50 -3.52 34.13
N THR C 57 -9.86 -4.18 33.17
CA THR C 57 -8.60 -4.89 33.39
C THR C 57 -7.37 -4.00 33.27
N MET C 58 -7.47 -2.85 32.61
CA MET C 58 -6.30 -2.06 32.27
C MET C 58 -5.87 -1.21 33.46
N ASN C 59 -4.57 -0.98 33.56
CA ASN C 59 -4.00 -0.17 34.63
C ASN C 59 -4.34 1.30 34.45
N PRO C 60 -5.02 1.94 35.42
CA PRO C 60 -5.47 3.32 35.20
C PRO C 60 -4.34 4.34 35.25
N PHE C 61 -3.22 4.01 35.87
CA PHE C 61 -2.08 4.92 35.90
C PHE C 61 -1.29 4.91 34.61
N GLN C 62 -1.43 3.86 33.81
CA GLN C 62 -0.87 3.86 32.46
C GLN C 62 -1.87 4.36 31.43
N HIS C 63 -3.14 3.96 31.54
CA HIS C 63 -4.13 4.15 30.48
C HIS C 63 -5.29 5.06 30.87
N GLY C 64 -5.24 5.69 32.04
CA GLY C 64 -6.30 6.57 32.50
C GLY C 64 -7.44 5.85 33.19
N GLU C 65 -8.26 6.65 33.86
CA GLU C 65 -9.41 6.17 34.62
C GLU C 65 -10.39 5.36 33.78
N VAL C 66 -11.13 4.50 34.46
CA VAL C 66 -12.32 3.86 33.92
C VAL C 66 -13.52 4.74 34.27
N PHE C 67 -14.27 5.15 33.25
CA PHE C 67 -15.54 5.83 33.45
C PHE C 67 -16.62 4.80 33.73
N VAL C 68 -17.59 5.16 34.57
CA VAL C 68 -18.70 4.28 34.91
C VAL C 68 -20.02 4.97 34.59
N THR C 69 -20.90 4.26 33.90
CA THR C 69 -22.21 4.74 33.47
C THR C 69 -23.29 4.44 34.52
N GLU C 70 -24.48 5.00 34.30
CA GLU C 70 -25.60 4.73 35.19
C GLU C 70 -26.00 3.26 35.16
N ASP C 71 -26.01 2.65 33.98
CA ASP C 71 -26.30 1.22 33.82
C ASP C 71 -25.12 0.33 34.20
N GLY C 72 -24.05 0.90 34.73
CA GLY C 72 -22.97 0.10 35.27
C GLY C 72 -22.02 -0.47 34.25
N ALA C 73 -21.92 0.15 33.08
CA ALA C 73 -20.86 -0.19 32.14
C ALA C 73 -19.55 0.47 32.55
N GLU C 74 -18.48 -0.29 32.49
CA GLU C 74 -17.12 0.25 32.53
C GLU C 74 -16.71 0.68 31.13
N THR C 75 -16.43 1.97 30.94
CA THR C 75 -16.16 2.52 29.62
C THR C 75 -14.87 3.33 29.61
N ASP C 76 -14.39 3.59 28.40
CA ASP C 76 -13.31 4.55 28.18
C ASP C 76 -13.68 5.95 28.70
N LEU C 77 -12.65 6.71 29.08
CA LEU C 77 -12.84 8.00 29.72
C LEU C 77 -13.36 9.07 28.77
N ASP C 78 -13.24 8.88 27.45
CA ASP C 78 -13.80 9.84 26.50
C ASP C 78 -15.32 9.96 26.63
N VAL C 79 -15.99 8.89 27.07
CA VAL C 79 -17.41 8.96 27.37
C VAL C 79 -17.68 9.97 28.47
N GLY C 80 -16.70 10.25 29.31
CA GLY C 80 -16.86 11.29 30.31
C GLY C 80 -16.75 12.70 29.76
N HIS C 81 -15.94 12.90 28.72
CA HIS C 81 -15.99 14.17 28.01
C HIS C 81 -17.31 14.36 27.29
N TYR C 82 -17.84 13.30 26.69
CA TYR C 82 -19.18 13.40 26.11
C TYR C 82 -20.23 13.78 27.15
N GLU C 83 -20.25 13.09 28.30
CA GLU C 83 -21.15 13.47 29.37
C GLU C 83 -20.96 14.91 29.85
N ARG C 84 -19.73 15.37 30.02
CA ARG C 84 -19.53 16.72 30.54
C ARG C 84 -19.90 17.81 29.55
N PHE C 85 -19.70 17.58 28.25
CA PHE C 85 -20.07 18.61 27.28
C PHE C 85 -21.55 18.55 26.89
N LEU C 86 -22.15 17.35 26.83
CA LEU C 86 -23.57 17.24 26.53
C LEU C 86 -24.43 17.43 27.76
N ASP C 87 -23.90 17.17 28.95
CA ASP C 87 -24.68 16.97 30.17
C ASP C 87 -25.82 15.97 29.95
N ARG C 88 -25.43 14.76 29.56
CA ARG C 88 -26.34 13.67 29.24
C ARG C 88 -25.83 12.41 29.89
N ASN C 89 -26.72 11.58 30.44
CA ASN C 89 -26.33 10.23 30.83
C ASN C 89 -26.24 9.35 29.60
N LEU C 90 -25.02 8.91 29.27
CA LEU C 90 -24.82 8.06 28.10
C LEU C 90 -24.91 6.58 28.49
N PRO C 91 -25.41 5.73 27.59
CA PRO C 91 -25.46 4.29 27.85
C PRO C 91 -24.09 3.62 27.72
N GLY C 92 -24.04 2.38 28.18
CA GLY C 92 -22.91 1.50 27.88
C GLY C 92 -22.70 1.24 26.41
N SER C 93 -23.76 1.34 25.61
CA SER C 93 -23.65 1.22 24.16
C SER C 93 -22.81 2.31 23.52
N ALA C 94 -22.51 3.38 24.25
CA ALA C 94 -21.67 4.46 23.73
C ALA C 94 -20.20 4.08 23.53
N ASN C 95 -19.76 2.92 24.02
CA ASN C 95 -18.37 2.50 23.81
C ASN C 95 -18.36 1.10 23.20
N VAL C 96 -17.70 0.96 22.05
CA VAL C 96 -17.48 -0.33 21.38
C VAL C 96 -15.99 -0.63 21.36
N THR C 97 -15.64 -1.91 21.49
CA THR C 97 -14.26 -2.37 21.37
C THR C 97 -14.18 -3.56 20.43
N THR C 98 -12.98 -3.76 19.87
CA THR C 98 -12.69 -4.96 19.07
C THR C 98 -12.96 -6.24 19.84
N GLY C 99 -12.62 -6.26 21.13
CA GLY C 99 -12.89 -7.43 21.94
C GLY C 99 -14.36 -7.79 22.05
N GLN C 100 -15.21 -6.79 22.20
CA GLN C 100 -16.65 -7.01 22.21
C GLN C 100 -17.16 -7.54 20.88
N VAL C 101 -16.69 -6.96 19.78
CA VAL C 101 -17.15 -7.38 18.46
C VAL C 101 -16.73 -8.81 18.16
N TYR C 102 -15.44 -9.13 18.34
CA TYR C 102 -14.99 -10.50 18.10
C TYR C 102 -15.64 -11.51 19.03
N SER C 103 -15.74 -11.21 20.32
CA SER C 103 -16.45 -12.10 21.22
C SER C 103 -17.90 -12.34 20.80
N THR C 104 -18.58 -11.30 20.29
CA THR C 104 -19.96 -11.46 19.83
C THR C 104 -20.07 -12.30 18.57
N VAL C 105 -19.22 -12.04 17.58
CA VAL C 105 -19.27 -12.81 16.34
C VAL C 105 -18.87 -14.27 16.58
N ILE C 106 -17.86 -14.51 17.41
CA ILE C 106 -17.46 -15.88 17.71
C ILE C 106 -18.54 -16.63 18.50
N ALA C 107 -19.22 -15.94 19.41
CA ALA C 107 -20.36 -16.56 20.10
C ALA C 107 -21.50 -16.91 19.14
N LYS C 108 -21.88 -15.98 18.26
CA LYS C 108 -22.86 -16.31 17.22
C LYS C 108 -22.42 -17.48 16.35
N GLU C 109 -21.13 -17.56 16.02
CA GLU C 109 -20.65 -18.64 15.17
C GLU C 109 -20.75 -19.99 15.87
N ARG C 110 -20.34 -20.05 17.13
CA ARG C 110 -20.44 -21.28 17.92
C ARG C 110 -21.87 -21.71 18.17
N ARG C 111 -22.84 -20.81 18.10
CA ARG C 111 -24.26 -21.15 18.16
C ARG C 111 -24.87 -21.52 16.81
N GLY C 112 -24.10 -21.51 15.73
CA GLY C 112 -24.61 -21.90 14.43
C GLY C 112 -25.41 -20.86 13.69
N GLU C 113 -25.39 -19.60 14.13
CA GLU C 113 -26.29 -18.59 13.58
C GLU C 113 -25.93 -18.14 12.18
N TYR C 114 -24.69 -18.36 11.72
CA TYR C 114 -24.27 -18.02 10.36
C TYR C 114 -24.52 -19.15 9.37
N LEU C 115 -25.33 -20.15 9.72
CA LEU C 115 -25.89 -21.11 8.79
C LEU C 115 -24.83 -21.81 7.94
N GLY C 116 -23.72 -22.19 8.56
CA GLY C 116 -22.70 -22.94 7.84
C GLY C 116 -21.78 -22.16 6.94
N ASP C 117 -21.68 -20.84 7.11
CA ASP C 117 -20.74 -20.05 6.32
C ASP C 117 -19.33 -20.11 6.89
N THR C 118 -18.37 -19.78 6.03
CA THR C 118 -17.08 -19.29 6.47
C THR C 118 -17.23 -17.87 7.03
N VAL C 119 -16.79 -17.67 8.27
CA VAL C 119 -16.90 -16.38 8.94
C VAL C 119 -15.61 -15.61 8.74
N GLN C 120 -15.74 -14.33 8.40
CA GLN C 120 -14.66 -13.54 7.83
C GLN C 120 -14.65 -12.18 8.52
N VAL C 121 -13.57 -11.43 8.32
CA VAL C 121 -13.54 -10.06 8.82
C VAL C 121 -14.52 -9.21 8.03
N ILE C 122 -14.47 -9.29 6.71
CA ILE C 122 -15.49 -8.75 5.82
C ILE C 122 -16.21 -9.96 5.19
N PRO C 123 -17.53 -10.05 5.30
CA PRO C 123 -18.44 -9.06 5.89
C PRO C 123 -18.63 -9.08 7.41
N HIS C 124 -18.50 -10.20 8.11
CA HIS C 124 -19.21 -10.39 9.37
C HIS C 124 -18.75 -9.46 10.50
N ILE C 125 -17.45 -9.19 10.63
CA ILE C 125 -17.02 -8.24 11.64
C ILE C 125 -17.44 -6.81 11.27
N THR C 126 -17.26 -6.43 10.01
CA THR C 126 -17.65 -5.09 9.60
C THR C 126 -19.16 -4.90 9.64
N ASP C 127 -19.92 -5.98 9.41
CA ASP C 127 -21.37 -5.95 9.59
C ASP C 127 -21.77 -5.75 11.04
N GLU C 128 -21.07 -6.40 11.97
CA GLU C 128 -21.37 -6.17 13.38
C GLU C 128 -21.05 -4.74 13.81
N ILE C 129 -19.92 -4.20 13.36
CA ILE C 129 -19.60 -2.80 13.65
C ILE C 129 -20.62 -1.85 13.03
N LYS C 130 -20.95 -2.07 11.75
CA LYS C 130 -21.94 -1.22 11.08
C LYS C 130 -23.31 -1.28 11.76
N ARG C 131 -23.71 -2.45 12.21
CA ARG C 131 -24.93 -2.57 13.00
C ARG C 131 -24.86 -1.77 14.28
N ARG C 132 -23.73 -1.85 15.00
CA ARG C 132 -23.60 -1.07 16.22
C ARG C 132 -23.59 0.44 15.98
N ILE C 133 -23.08 0.88 14.84
CA ILE C 133 -23.15 2.30 14.47
C ILE C 133 -24.58 2.71 14.15
N LEU C 134 -25.21 2.02 13.21
CA LEU C 134 -26.58 2.36 12.80
C LEU C 134 -27.60 2.18 13.93
N ALA C 135 -27.32 1.35 14.92
CA ALA C 135 -28.20 1.24 16.09
C ALA C 135 -28.29 2.54 16.88
N MET C 136 -27.25 3.36 16.88
CA MET C 136 -27.29 4.63 17.61
C MET C 136 -28.38 5.55 17.09
N ALA C 137 -28.73 5.45 15.81
CA ALA C 137 -29.71 6.33 15.18
C ALA C 137 -31.16 5.93 15.46
N GLN C 138 -31.41 4.86 16.18
CA GLN C 138 -32.77 4.44 16.47
C GLN C 138 -33.37 5.28 17.60
N PRO C 139 -34.70 5.42 17.60
CA PRO C 139 -35.36 6.24 18.64
C PRO C 139 -35.08 5.73 20.04
N ASP C 140 -34.90 6.67 20.96
CA ASP C 140 -34.70 6.34 22.36
C ASP C 140 -36.02 5.88 23.00
N ALA C 141 -35.92 5.54 24.29
CA ALA C 141 -37.08 5.06 25.04
C ALA C 141 -38.18 6.10 25.17
N ASP C 142 -37.89 7.37 24.91
CA ASP C 142 -38.90 8.42 24.90
C ASP C 142 -39.33 8.82 23.49
N GLY C 143 -38.86 8.11 22.48
CA GLY C 143 -39.28 8.33 21.11
C GLY C 143 -38.50 9.37 20.36
N ASN C 144 -37.42 9.90 20.95
CA ASN C 144 -36.62 10.92 20.30
C ASN C 144 -35.60 10.26 19.39
N ARG C 145 -35.56 10.70 18.16
CA ARG C 145 -34.51 10.26 17.25
C ARG C 145 -33.47 11.36 17.12
N PRO C 146 -32.18 11.04 17.23
CA PRO C 146 -31.15 12.08 17.09
C PRO C 146 -31.11 12.66 15.68
N ASP C 147 -30.71 13.93 15.62
CA ASP C 147 -30.44 14.54 14.32
C ASP C 147 -29.08 14.13 13.76
N VAL C 148 -28.06 14.03 14.62
CA VAL C 148 -26.74 13.54 14.22
C VAL C 148 -26.25 12.54 15.27
N VAL C 149 -25.54 11.52 14.80
CA VAL C 149 -24.67 10.70 15.65
C VAL C 149 -23.23 11.07 15.31
N ILE C 150 -22.47 11.52 16.30
CA ILE C 150 -21.03 11.75 16.16
C ILE C 150 -20.27 10.53 16.66
N THR C 151 -19.52 9.88 15.78
CA THR C 151 -18.77 8.67 16.08
C THR C 151 -17.27 8.95 15.99
N GLU C 152 -16.57 8.82 17.11
CA GLU C 152 -15.12 8.99 17.15
C GLU C 152 -14.43 7.63 16.98
N ILE C 153 -13.56 7.53 15.99
CA ILE C 153 -12.82 6.30 15.72
C ILE C 153 -11.45 6.42 16.37
N GLY C 154 -11.17 5.54 17.32
CA GLY C 154 -9.91 5.54 18.04
C GLY C 154 -8.74 5.04 17.22
N GLY C 155 -7.56 5.29 17.75
CA GLY C 155 -6.31 5.02 17.07
C GLY C 155 -5.92 6.08 16.04
N THR C 156 -4.98 5.69 15.19
CA THR C 156 -4.45 6.52 14.12
C THR C 156 -4.65 5.81 12.78
N VAL C 157 -4.99 6.58 11.75
CA VAL C 157 -5.16 6.06 10.40
C VAL C 157 -3.84 5.52 9.88
N GLY C 158 -3.76 4.20 9.70
CA GLY C 158 -2.50 3.54 9.47
C GLY C 158 -2.22 2.41 10.45
N ASP C 159 -2.89 2.44 11.59
CA ASP C 159 -2.84 1.32 12.54
C ASP C 159 -3.57 0.10 12.01
N ILE C 160 -2.95 -1.06 12.17
CA ILE C 160 -3.58 -2.33 11.80
C ILE C 160 -4.90 -2.52 12.55
N GLU C 161 -4.94 -2.16 13.83
CA GLU C 161 -6.15 -2.33 14.63
C GLU C 161 -7.30 -1.40 14.24
N SER C 162 -7.01 -0.27 13.61
CA SER C 162 -8.04 0.67 13.19
C SER C 162 -8.82 0.23 11.95
N GLN C 163 -8.29 -0.71 11.16
CA GLN C 163 -8.80 -0.93 9.80
C GLN C 163 -10.25 -1.41 9.73
N PRO C 164 -10.73 -2.32 10.59
CA PRO C 164 -12.15 -2.73 10.49
C PRO C 164 -13.14 -1.60 10.70
N PHE C 165 -12.89 -0.70 11.64
CA PHE C 165 -13.81 0.39 11.91
C PHE C 165 -13.84 1.41 10.78
N LEU C 166 -12.68 1.73 10.21
CA LEU C 166 -12.63 2.61 9.05
C LEU C 166 -13.30 1.98 7.83
N GLU C 167 -13.16 0.67 7.64
CA GLU C 167 -13.90 0.03 6.56
C GLU C 167 -15.41 0.05 6.79
N ALA C 168 -15.87 -0.16 8.02
CA ALA C 168 -17.30 -0.02 8.31
C ALA C 168 -17.80 1.41 8.10
N ALA C 169 -17.02 2.41 8.49
CA ALA C 169 -17.41 3.80 8.23
C ALA C 169 -17.46 4.12 6.74
N ARG C 170 -16.55 3.56 5.95
CA ARG C 170 -16.66 3.67 4.50
C ARG C 170 -17.94 3.02 3.98
N GLN C 171 -18.28 1.84 4.48
CA GLN C 171 -19.53 1.20 4.06
C GLN C 171 -20.77 2.01 4.45
N VAL C 172 -20.74 2.68 5.60
CA VAL C 172 -21.83 3.59 5.96
C VAL C 172 -21.93 4.77 4.99
N ARG C 173 -20.79 5.35 4.60
CA ARG C 173 -20.82 6.38 3.57
C ARG C 173 -21.41 5.89 2.26
N HIS C 174 -21.04 4.68 1.84
CA HIS C 174 -21.60 4.12 0.62
C HIS C 174 -23.11 3.85 0.74
N TYR C 175 -23.54 3.36 1.90
CA TYR C 175 -24.95 3.03 2.10
C TYR C 175 -25.85 4.28 2.20
N LEU C 176 -25.44 5.27 2.98
CA LEU C 176 -26.27 6.45 3.18
C LEU C 176 -25.98 7.59 2.21
N GLY C 177 -24.83 7.59 1.55
CA GLY C 177 -24.46 8.64 0.63
C GLY C 177 -23.86 9.86 1.31
N ARG C 178 -23.14 10.65 0.50
CA ARG C 178 -22.40 11.82 0.96
C ARG C 178 -23.27 12.94 1.50
N GLU C 179 -24.58 12.90 1.27
CA GLU C 179 -25.47 13.91 1.84
C GLU C 179 -25.75 13.69 3.32
N ASP C 180 -25.59 12.46 3.80
CA ASP C 180 -25.89 12.08 5.16
C ASP C 180 -24.65 11.77 6.00
N VAL C 181 -23.45 11.78 5.42
CA VAL C 181 -22.23 11.37 6.11
C VAL C 181 -21.16 12.43 5.90
N PHE C 182 -20.47 12.78 6.98
CA PHE C 182 -19.39 13.76 6.98
C PHE C 182 -18.18 13.12 7.63
N PHE C 183 -16.99 13.32 7.06
CA PHE C 183 -15.73 12.88 7.65
C PHE C 183 -14.85 14.04 8.11
N LEU C 184 -14.56 14.09 9.40
CA LEU C 184 -13.66 15.07 9.99
C LEU C 184 -12.34 14.40 10.35
N HIS C 185 -11.23 14.96 9.88
CA HIS C 185 -9.90 14.39 10.11
C HIS C 185 -9.00 15.33 10.89
N VAL C 186 -8.51 14.87 12.05
CA VAL C 186 -7.61 15.61 12.93
C VAL C 186 -6.16 15.24 12.64
N SER C 187 -5.29 16.23 12.50
CA SER C 187 -3.91 15.98 12.10
C SER C 187 -2.98 16.99 12.77
N LEU C 188 -1.70 16.62 12.86
CA LEU C 188 -0.67 17.44 13.50
C LEU C 188 0.15 18.21 12.47
N VAL C 189 0.36 19.50 12.73
CA VAL C 189 1.34 20.33 12.03
C VAL C 189 2.53 20.63 12.94
N PRO C 190 3.66 19.94 12.82
CA PRO C 190 4.81 20.23 13.70
C PRO C 190 5.63 21.44 13.28
N TYR C 191 6.24 22.08 14.28
CA TYR C 191 7.18 23.18 14.10
C TYR C 191 8.61 22.70 14.34
N LEU C 192 9.52 23.02 13.41
CA LEU C 192 10.94 22.69 13.53
C LEU C 192 11.71 23.95 13.89
N ALA C 193 12.27 23.98 15.10
CA ALA C 193 12.93 25.16 15.63
C ALA C 193 14.22 25.54 14.91
N PRO C 194 15.02 24.59 14.43
CA PRO C 194 16.28 24.99 13.77
C PRO C 194 16.05 25.76 12.48
N SER C 195 15.06 25.38 11.69
CA SER C 195 14.77 26.06 10.44
C SER C 195 13.58 27.01 10.55
N GLY C 196 12.83 26.95 11.64
CA GLY C 196 11.81 27.94 11.92
C GLY C 196 10.58 27.85 11.06
N GLU C 197 10.18 26.63 10.68
CA GLU C 197 9.14 26.44 9.68
C GLU C 197 8.15 25.40 10.16
N LEU C 198 6.88 25.60 9.80
CA LEU C 198 5.85 24.57 9.97
C LEU C 198 5.87 23.62 8.78
N LYS C 199 5.75 22.32 9.05
CA LYS C 199 5.82 21.30 8.01
C LYS C 199 4.44 20.74 7.71
N THR C 200 4.01 20.84 6.45
CA THR C 200 2.74 20.28 6.00
C THR C 200 2.82 18.82 5.57
N LYS C 201 4.03 18.31 5.32
CA LYS C 201 4.18 16.95 4.80
C LYS C 201 3.55 15.85 5.63
N PRO C 202 3.62 15.84 6.96
CA PRO C 202 2.90 14.82 7.73
C PRO C 202 1.39 14.78 7.50
N THR C 203 0.74 15.93 7.41
CA THR C 203 -0.68 15.95 7.07
C THR C 203 -0.95 15.42 5.66
N GLN C 204 -0.11 15.79 4.70
CA GLN C 204 -0.27 15.25 3.35
C GLN C 204 -0.17 13.73 3.32
N HIS C 205 0.84 13.16 3.96
CA HIS C 205 0.94 11.70 4.02
C HIS C 205 -0.21 11.06 4.78
N SER C 206 -0.72 11.71 5.83
CA SER C 206 -1.87 11.16 6.55
C SER C 206 -3.14 11.14 5.71
N VAL C 207 -3.42 12.23 5.01
CA VAL C 207 -4.56 12.27 4.11
C VAL C 207 -4.39 11.29 2.95
N ALA C 208 -3.17 11.14 2.43
CA ALA C 208 -2.93 10.11 1.44
C ALA C 208 -3.19 8.70 1.96
N ALA C 209 -2.80 8.43 3.21
CA ALA C 209 -3.13 7.15 3.83
C ALA C 209 -4.62 6.92 3.94
N LEU C 210 -5.36 7.96 4.36
CA LEU C 210 -6.81 7.87 4.43
C LEU C 210 -7.44 7.64 3.06
N ARG C 211 -6.99 8.36 2.04
CA ARG C 211 -7.45 8.15 0.67
C ARG C 211 -7.13 6.75 0.15
N SER C 212 -6.03 6.15 0.58
CA SER C 212 -5.69 4.80 0.14
C SER C 212 -6.65 3.73 0.67
N ILE C 213 -7.46 4.02 1.67
CA ILE C 213 -8.48 3.10 2.14
C ILE C 213 -9.89 3.52 1.73
N GLY C 214 -10.01 4.47 0.80
CA GLY C 214 -11.28 4.82 0.21
C GLY C 214 -12.06 5.91 0.88
N ILE C 215 -11.46 6.68 1.80
CA ILE C 215 -12.15 7.77 2.49
C ILE C 215 -11.48 9.08 2.07
N THR C 216 -12.30 10.05 1.67
CA THR C 216 -11.84 11.43 1.49
C THR C 216 -12.39 12.31 2.59
N PRO C 217 -11.54 13.07 3.30
CA PRO C 217 -12.04 13.93 4.37
C PRO C 217 -12.82 15.12 3.83
N ASP C 218 -13.91 15.46 4.52
CA ASP C 218 -14.66 16.68 4.25
C ASP C 218 -14.01 17.91 4.87
N ALA C 219 -13.34 17.75 6.01
CA ALA C 219 -12.61 18.85 6.62
C ALA C 219 -11.36 18.33 7.33
N LEU C 220 -10.36 19.20 7.44
CA LEU C 220 -9.14 18.94 8.19
C LEU C 220 -9.03 19.88 9.38
N ILE C 221 -8.79 19.31 10.56
CA ILE C 221 -8.44 20.08 11.75
C ILE C 221 -6.94 19.97 11.93
N LEU C 222 -6.26 21.12 11.88
CA LEU C 222 -4.81 21.19 11.97
C LEU C 222 -4.42 21.54 13.40
N ARG C 223 -3.75 20.61 14.07
CA ARG C 223 -3.30 20.80 15.44
C ARG C 223 -1.87 21.30 15.46
N CYS C 224 -1.64 22.41 16.17
CA CYS C 224 -0.39 23.14 16.07
C CYS C 224 -0.23 23.90 17.37
N ASP C 225 1.01 24.31 17.66
CA ASP C 225 1.26 25.15 18.82
C ASP C 225 1.06 26.63 18.53
N ARG C 226 0.91 27.00 17.26
CA ARG C 226 0.77 28.39 16.84
C ARG C 226 -0.19 28.42 15.66
N ASP C 227 -0.75 29.59 15.39
CA ASP C 227 -1.74 29.70 14.33
C ASP C 227 -1.12 29.46 12.96
N VAL C 228 -1.74 28.56 12.20
CA VAL C 228 -1.19 28.15 10.90
C VAL C 228 -1.37 29.30 9.91
N PRO C 229 -0.34 29.68 9.16
CA PRO C 229 -0.50 30.78 8.20
C PRO C 229 -1.48 30.45 7.09
N GLU C 230 -2.08 31.51 6.54
CA GLU C 230 -3.06 31.35 5.46
C GLU C 230 -2.47 30.66 4.24
N ALA C 231 -1.22 31.00 3.90
CA ALA C 231 -0.54 30.35 2.78
C ALA C 231 -0.36 28.85 3.00
N LEU C 232 -0.09 28.44 4.23
CA LEU C 232 0.03 27.01 4.52
C LEU C 232 -1.31 26.30 4.44
N LYS C 233 -2.36 26.91 4.97
CA LYS C 233 -3.70 26.34 4.79
C LYS C 233 -4.07 26.22 3.31
N ASN C 234 -3.71 27.22 2.50
CA ASN C 234 -3.93 27.13 1.06
C ASN C 234 -3.15 25.98 0.41
N LYS C 235 -1.87 25.84 0.75
CA LYS C 235 -1.10 24.69 0.26
C LYS C 235 -1.75 23.36 0.66
N ILE C 236 -2.16 23.24 1.92
CA ILE C 236 -2.81 22.02 2.37
C ILE C 236 -4.09 21.76 1.59
N ALA C 237 -4.97 22.76 1.50
CA ALA C 237 -6.20 22.61 0.73
C ALA C 237 -5.94 22.16 -0.69
N LEU C 238 -4.93 22.75 -1.34
CA LEU C 238 -4.58 22.38 -2.70
C LEU C 238 -4.06 20.95 -2.82
N MET C 239 -3.10 20.56 -1.96
CA MET C 239 -2.51 19.23 -2.08
C MET C 239 -3.45 18.12 -1.62
N CYS C 240 -4.25 18.38 -0.58
CA CYS C 240 -5.14 17.38 -0.01
C CYS C 240 -6.51 17.30 -0.68
N ASP C 241 -6.78 18.14 -1.69
CA ASP C 241 -8.10 18.20 -2.34
C ASP C 241 -9.23 18.47 -1.36
N VAL C 242 -9.03 19.42 -0.45
CA VAL C 242 -10.01 19.77 0.56
C VAL C 242 -10.43 21.21 0.32
N ASP C 243 -11.72 21.47 0.49
CA ASP C 243 -12.23 22.83 0.42
C ASP C 243 -11.53 23.71 1.46
N ILE C 244 -11.02 24.86 1.00
CA ILE C 244 -10.31 25.78 1.88
C ILE C 244 -11.19 26.24 3.04
N ASP C 245 -12.50 26.25 2.87
CA ASP C 245 -13.39 26.53 4.00
C ASP C 245 -13.33 25.44 5.06
N GLY C 246 -12.87 24.25 4.70
CA GLY C 246 -12.74 23.12 5.59
C GLY C 246 -11.36 22.84 6.15
N VAL C 247 -10.39 23.72 5.96
CA VAL C 247 -9.10 23.61 6.61
C VAL C 247 -9.08 24.57 7.80
N ILE C 248 -9.11 23.99 9.01
CA ILE C 248 -9.37 24.71 10.26
C ILE C 248 -8.08 24.76 11.05
N SER C 249 -7.70 25.95 11.52
CA SER C 249 -6.53 26.12 12.37
C SER C 249 -6.94 26.13 13.83
N THR C 250 -6.38 25.22 14.63
CA THR C 250 -6.71 25.04 16.04
C THR C 250 -5.45 24.99 16.89
N PRO C 251 -4.83 26.12 17.17
CA PRO C 251 -3.80 26.12 18.22
C PRO C 251 -4.33 25.69 19.58
N ASP C 252 -3.41 25.12 20.38
CA ASP C 252 -3.72 24.69 21.74
C ASP C 252 -4.26 25.83 22.59
N ALA C 253 -5.44 25.61 23.20
CA ALA C 253 -6.13 26.61 23.99
C ALA C 253 -5.74 26.51 25.47
N PRO C 254 -5.98 27.58 26.24
CA PRO C 254 -5.61 27.56 27.66
C PRO C 254 -6.37 26.54 28.48
N SER C 255 -7.63 26.27 28.14
CA SER C 255 -8.40 25.23 28.80
C SER C 255 -9.25 24.52 27.76
N ILE C 256 -9.73 23.35 28.15
CA ILE C 256 -10.60 22.55 27.28
C ILE C 256 -11.94 23.22 27.03
N TYR C 257 -12.35 24.17 27.87
CA TYR C 257 -13.62 24.85 27.70
C TYR C 257 -13.57 25.97 26.68
N ASP C 258 -12.38 26.38 26.25
CA ASP C 258 -12.21 27.31 25.15
C ASP C 258 -12.39 26.68 23.77
N ILE C 259 -12.26 25.36 23.65
CA ILE C 259 -12.28 24.74 22.32
C ILE C 259 -13.57 25.02 21.57
N PRO C 260 -14.75 25.03 22.19
CA PRO C 260 -15.95 25.44 21.43
C PRO C 260 -15.84 26.82 20.81
N LYS C 261 -15.36 27.81 21.56
CA LYS C 261 -15.17 29.15 21.02
C LYS C 261 -14.18 29.15 19.86
N VAL C 262 -13.09 28.40 19.98
CA VAL C 262 -12.11 28.33 18.91
C VAL C 262 -12.72 27.75 17.64
N LEU C 263 -13.44 26.63 17.78
CA LEU C 263 -14.07 26.01 16.62
C LEU C 263 -15.15 26.88 16.00
N HIS C 264 -15.83 27.69 16.79
CA HIS C 264 -16.82 28.62 16.26
C HIS C 264 -16.20 29.82 15.56
N ARG C 265 -15.12 30.37 16.12
CA ARG C 265 -14.36 31.40 15.43
C ARG C 265 -13.94 30.98 14.02
N GLU C 266 -13.48 29.74 13.87
CA GLU C 266 -13.12 29.22 12.55
C GLU C 266 -14.32 28.82 11.70
N GLU C 267 -15.53 28.82 12.27
CA GLU C 267 -16.76 28.46 11.56
C GLU C 267 -16.81 26.99 11.12
N LEU C 268 -16.24 26.08 11.91
CA LEU C 268 -16.33 24.67 11.58
C LEU C 268 -17.77 24.17 11.65
N ASP C 269 -18.50 24.57 12.69
CA ASP C 269 -19.89 24.14 12.85
C ASP C 269 -20.79 24.68 11.73
N ALA C 270 -20.57 25.92 11.30
CA ALA C 270 -21.31 26.45 10.15
C ALA C 270 -20.99 25.68 8.87
N PHE C 271 -19.72 25.32 8.67
CA PHE C 271 -19.34 24.47 7.54
C PHE C 271 -20.05 23.12 7.61
N VAL C 272 -20.07 22.50 8.78
CA VAL C 272 -20.75 21.22 8.96
C VAL C 272 -22.25 21.34 8.69
N VAL C 273 -22.91 22.33 9.30
CA VAL C 273 -24.34 22.52 9.12
C VAL C 273 -24.70 22.75 7.66
N ARG C 274 -23.94 23.59 6.96
CA ARG C 274 -24.17 23.76 5.54
C ARG C 274 -23.98 22.47 4.76
N ARG C 275 -22.86 21.78 4.99
CA ARG C 275 -22.53 20.58 4.23
C ARG C 275 -23.56 19.48 4.42
N LEU C 276 -24.03 19.27 5.65
CA LEU C 276 -25.06 18.28 5.93
C LEU C 276 -26.48 18.77 5.65
N ASN C 277 -26.64 20.04 5.30
CA ASN C 277 -27.96 20.64 5.07
C ASN C 277 -28.92 20.43 6.24
N LEU C 278 -28.40 20.65 7.44
CA LEU C 278 -29.20 20.57 8.65
C LEU C 278 -30.00 21.86 8.87
N PRO C 279 -31.09 21.80 9.63
CA PRO C 279 -31.77 23.05 10.04
C PRO C 279 -30.87 24.00 10.81
N PHE C 280 -30.46 25.07 10.12
CA PHE C 280 -29.54 26.06 10.69
C PHE C 280 -30.23 26.84 11.80
N ARG C 281 -29.43 27.24 12.80
CA ARG C 281 -29.83 28.27 13.75
C ARG C 281 -28.56 28.88 14.33
N ASP C 282 -28.67 30.07 14.89
CA ASP C 282 -27.57 30.63 15.66
C ASP C 282 -27.35 29.90 16.99
N VAL C 283 -26.10 29.88 17.43
CA VAL C 283 -25.73 29.48 18.78
C VAL C 283 -26.17 30.53 19.78
N ASP C 284 -26.71 30.09 20.92
CA ASP C 284 -26.83 30.93 22.11
C ASP C 284 -25.66 30.63 23.05
N TRP C 285 -24.85 31.64 23.34
CA TRP C 285 -23.67 31.51 24.18
C TRP C 285 -23.86 31.76 25.66
N THR C 286 -25.03 32.23 26.09
CA THR C 286 -25.14 32.88 27.41
C THR C 286 -24.63 32.00 28.55
N GLU C 287 -24.95 30.70 28.53
CA GLU C 287 -24.50 29.83 29.62
C GLU C 287 -23.03 29.47 29.51
N TRP C 288 -22.53 29.23 28.30
CA TRP C 288 -21.12 28.94 28.16
C TRP C 288 -20.28 30.19 28.37
N ASP C 289 -20.83 31.37 28.09
CA ASP C 289 -20.19 32.61 28.51
C ASP C 289 -20.09 32.75 30.02
N ASP C 290 -21.15 32.35 30.75
CA ASP C 290 -21.03 32.35 32.21
C ASP C 290 -20.02 31.33 32.72
N LEU C 291 -19.99 30.15 32.11
CA LEU C 291 -18.94 29.18 32.43
C LEU C 291 -17.56 29.79 32.23
N LEU C 292 -17.30 30.35 31.06
CA LEU C 292 -15.98 30.87 30.78
C LEU C 292 -15.61 32.07 31.65
N ARG C 293 -16.58 32.86 32.11
CA ARG C 293 -16.28 33.83 33.16
C ARG C 293 -15.81 33.17 34.45
N ARG C 294 -16.50 32.13 34.89
CA ARG C 294 -16.08 31.44 36.11
C ARG C 294 -14.75 30.71 35.93
N VAL C 295 -14.45 30.26 34.72
CA VAL C 295 -13.13 29.70 34.41
C VAL C 295 -12.04 30.76 34.48
N HIS C 296 -12.18 31.84 33.71
CA HIS C 296 -11.07 32.73 33.46
C HIS C 296 -10.96 33.91 34.43
N GLU C 297 -12.00 34.23 35.20
CA GLU C 297 -11.95 35.35 36.13
C GLU C 297 -12.37 34.93 37.53
N PRO C 298 -11.65 33.97 38.13
CA PRO C 298 -11.92 33.59 39.52
C PRO C 298 -11.58 34.71 40.50
N HIS C 299 -12.35 34.76 41.59
CA HIS C 299 -12.10 35.77 42.63
C HIS C 299 -11.02 35.35 43.62
N GLU C 300 -10.77 34.06 43.80
CA GLU C 300 -9.79 33.63 44.79
C GLU C 300 -9.23 32.28 44.40
N THR C 301 -8.14 31.90 45.08
CA THR C 301 -7.49 30.61 44.89
C THR C 301 -7.42 29.84 46.19
N VAL C 302 -7.60 28.53 46.09
CA VAL C 302 -7.51 27.61 47.22
C VAL C 302 -6.79 26.34 46.76
N ARG C 303 -5.99 25.77 47.64
CA ARG C 303 -5.18 24.60 47.32
C ARG C 303 -5.80 23.34 47.91
N ILE C 304 -6.02 22.35 47.06
CA ILE C 304 -6.50 21.03 47.47
C ILE C 304 -5.37 20.04 47.21
N ALA C 305 -4.94 19.35 48.26
CA ALA C 305 -4.10 18.17 48.12
C ALA C 305 -4.90 17.01 47.54
N LEU C 306 -4.33 16.34 46.54
CA LEU C 306 -4.82 15.05 46.06
C LEU C 306 -3.79 13.97 46.43
N VAL C 307 -4.16 13.07 47.33
CA VAL C 307 -3.24 12.06 47.85
C VAL C 307 -3.29 10.82 46.96
N GLY C 308 -2.69 10.90 45.78
CA GLY C 308 -2.72 9.84 44.80
C GLY C 308 -1.47 8.99 44.75
N LYS C 309 -1.29 8.35 43.58
CA LYS C 309 -0.11 7.52 43.32
C LYS C 309 1.17 8.34 43.28
N TYR C 310 1.16 9.47 42.57
CA TYR C 310 2.39 10.19 42.30
C TYR C 310 2.12 11.70 42.27
N VAL C 311 3.19 12.46 42.44
CA VAL C 311 3.16 13.92 42.59
C VAL C 311 2.96 14.64 41.26
N GLU C 312 2.34 13.98 40.28
CA GLU C 312 2.13 14.61 38.99
C GLU C 312 0.74 14.26 38.47
N LEU C 313 0.27 15.08 37.54
CA LEU C 313 -1.02 14.86 36.92
C LEU C 313 -1.07 13.50 36.25
N SER C 314 -2.17 12.77 36.48
CA SER C 314 -2.42 11.50 35.84
C SER C 314 -3.88 11.44 35.44
N ASP C 315 -4.15 10.90 34.25
CA ASP C 315 -5.51 10.65 33.83
C ASP C 315 -6.22 9.65 34.72
N ALA C 316 -5.49 8.98 35.61
CA ALA C 316 -6.10 8.18 36.66
C ALA C 316 -7.06 8.98 37.53
N TYR C 317 -6.94 10.29 37.55
CA TYR C 317 -7.83 11.14 38.33
C TYR C 317 -8.32 12.32 37.50
N LEU C 318 -8.56 12.07 36.21
CA LEU C 318 -9.04 13.13 35.32
C LEU C 318 -10.38 13.67 35.79
N SER C 319 -11.35 12.78 36.04
CA SER C 319 -12.67 13.22 36.45
C SER C 319 -12.70 13.76 37.88
N VAL C 320 -11.79 13.33 38.74
CA VAL C 320 -11.71 13.94 40.07
C VAL C 320 -11.15 15.35 39.99
N ALA C 321 -10.13 15.56 39.17
CA ALA C 321 -9.58 16.91 38.98
C ALA C 321 -10.60 17.84 38.35
N GLU C 322 -11.32 17.37 37.33
CA GLU C 322 -12.39 18.17 36.75
C GLU C 322 -13.51 18.44 37.73
N ALA C 323 -13.89 17.45 38.54
CA ALA C 323 -14.94 17.69 39.53
C ALA C 323 -14.51 18.70 40.58
N LEU C 324 -13.24 18.68 40.99
CA LEU C 324 -12.74 19.70 41.92
C LEU C 324 -12.78 21.10 41.34
N ARG C 325 -12.33 21.25 40.10
CA ARG C 325 -12.45 22.55 39.44
C ARG C 325 -13.91 23.00 39.30
N ALA C 326 -14.80 22.12 38.83
CA ALA C 326 -16.22 22.46 38.75
C ALA C 326 -16.80 22.85 40.10
N GLY C 327 -16.45 22.13 41.16
CA GLY C 327 -16.88 22.54 42.49
C GLY C 327 -16.34 23.89 42.89
N GLY C 328 -15.16 24.26 42.40
CA GLY C 328 -14.66 25.61 42.62
C GLY C 328 -15.41 26.67 41.83
N PHE C 329 -15.79 26.35 40.59
CA PHE C 329 -16.50 27.31 39.74
C PHE C 329 -17.73 27.88 40.43
N LYS C 330 -18.42 27.08 41.22
CA LYS C 330 -19.59 27.57 41.96
C LYS C 330 -19.24 28.76 42.86
N HIS C 331 -18.08 28.73 43.50
CA HIS C 331 -17.66 29.81 44.39
C HIS C 331 -16.92 30.93 43.69
N ARG C 332 -16.72 30.83 42.37
CA ARG C 332 -15.81 31.71 41.64
C ARG C 332 -14.38 31.62 42.17
N ALA C 333 -13.96 30.42 42.56
CA ALA C 333 -12.62 30.21 43.10
C ALA C 333 -11.81 29.37 42.13
N LYS C 334 -10.53 29.70 41.99
CA LYS C 334 -9.55 28.83 41.34
C LYS C 334 -9.10 27.75 42.32
N VAL C 335 -9.36 26.50 41.99
CA VAL C 335 -8.86 25.36 42.76
C VAL C 335 -7.59 24.87 42.08
N GLU C 336 -6.47 25.10 42.73
CA GLU C 336 -5.16 24.62 42.30
C GLU C 336 -4.93 23.26 42.93
N ILE C 337 -4.71 22.24 42.10
CA ILE C 337 -4.50 20.89 42.58
C ILE C 337 -3.04 20.71 42.95
N CYS C 338 -2.78 20.39 44.21
CA CYS C 338 -1.48 19.97 44.73
C CYS C 338 -1.43 18.45 44.74
N TRP C 339 -0.86 17.87 43.70
CA TRP C 339 -0.71 16.42 43.60
C TRP C 339 0.32 15.92 44.60
N VAL C 340 -0.13 15.16 45.58
CA VAL C 340 0.70 14.66 46.67
C VAL C 340 0.74 13.15 46.57
N ALA C 341 1.94 12.57 46.72
CA ALA C 341 2.08 11.13 46.77
C ALA C 341 1.56 10.56 48.10
N SER C 342 0.88 9.42 48.00
CA SER C 342 0.46 8.69 49.19
C SER C 342 1.62 8.37 50.11
N ASP C 343 2.78 8.04 49.53
CA ASP C 343 3.89 7.47 50.31
C ASP C 343 4.67 8.52 51.08
N GLY C 344 4.71 9.76 50.59
CA GLY C 344 5.26 10.86 51.36
C GLY C 344 4.48 11.19 52.62
N CYS C 345 3.23 10.76 52.70
CA CYS C 345 2.40 10.96 53.88
C CYS C 345 2.46 9.80 54.87
N GLU C 346 3.28 8.80 54.62
CA GLU C 346 3.30 7.63 55.49
C GLU C 346 3.87 7.95 56.86
N THR C 347 4.96 8.72 56.91
CA THR C 347 5.42 9.27 58.19
C THR C 347 4.65 10.54 58.53
N THR C 348 4.42 10.75 59.82
CA THR C 348 3.70 11.93 60.27
C THR C 348 4.45 13.22 59.93
N SER C 349 5.78 13.18 60.02
CA SER C 349 6.58 14.30 59.57
C SER C 349 6.52 14.47 58.06
N GLY C 350 6.51 13.36 57.32
CA GLY C 350 6.34 13.45 55.88
C GLY C 350 4.98 13.97 55.48
N ALA C 351 3.93 13.52 56.16
CA ALA C 351 2.60 14.10 55.96
C ALA C 351 2.59 15.60 56.23
N ALA C 352 3.15 16.01 57.37
CA ALA C 352 3.20 17.43 57.69
C ALA C 352 4.05 18.23 56.71
N ALA C 353 4.98 17.59 56.00
CA ALA C 353 5.68 18.27 54.93
C ALA C 353 4.83 18.39 53.66
N ALA C 354 4.30 17.27 53.18
CA ALA C 354 3.57 17.29 51.91
C ALA C 354 2.21 17.95 52.02
N LEU C 355 1.44 17.60 53.06
CA LEU C 355 0.11 18.14 53.26
C LEU C 355 0.10 19.39 54.13
N GLY C 356 1.20 20.14 54.17
CA GLY C 356 1.32 21.27 55.08
C GLY C 356 0.72 22.57 54.59
N ASP C 357 0.88 22.89 53.32
CA ASP C 357 0.48 24.18 52.77
C ASP C 357 -0.92 24.17 52.17
N VAL C 358 -1.59 23.03 52.20
CA VAL C 358 -2.86 22.85 51.51
C VAL C 358 -4.02 23.17 52.45
N HIS C 359 -5.19 23.37 51.86
CA HIS C 359 -6.38 23.72 52.62
C HIS C 359 -7.42 22.61 52.65
N GLY C 360 -7.31 21.63 51.77
CA GLY C 360 -8.16 20.45 51.84
C GLY C 360 -7.44 19.26 51.23
N VAL C 361 -7.80 18.08 51.71
CA VAL C 361 -7.22 16.82 51.25
C VAL C 361 -8.33 15.97 50.65
N LEU C 362 -8.11 15.51 49.43
CA LEU C 362 -9.00 14.56 48.76
C LEU C 362 -8.30 13.21 48.68
N ILE C 363 -9.00 12.17 49.12
CA ILE C 363 -8.49 10.80 49.08
C ILE C 363 -9.19 10.03 47.97
N PRO C 364 -8.62 9.92 46.78
CA PRO C 364 -9.34 9.31 45.67
C PRO C 364 -9.28 7.79 45.69
N GLY C 365 -10.21 7.20 44.96
CA GLY C 365 -10.44 5.77 44.96
C GLY C 365 -9.80 5.09 43.77
N GLY C 366 -10.48 4.07 43.28
CA GLY C 366 -10.08 3.35 42.08
C GLY C 366 -9.44 2.02 42.41
N PHE C 367 -9.30 1.21 41.36
CA PHE C 367 -8.41 0.06 41.40
C PHE C 367 -7.02 0.45 40.94
N GLY C 368 -6.11 -0.52 40.93
CA GLY C 368 -4.74 -0.25 40.53
C GLY C 368 -3.86 0.32 41.62
N ILE C 369 -4.27 0.24 42.88
CA ILE C 369 -3.46 0.65 44.01
C ILE C 369 -3.23 -0.56 44.89
N ARG C 370 -2.05 -0.63 45.50
CA ARG C 370 -1.74 -1.64 46.50
C ARG C 370 -1.13 -0.97 47.72
N GLY C 371 -1.63 -1.33 48.90
CA GLY C 371 -1.23 -0.67 50.12
C GLY C 371 -1.92 0.67 50.34
N ILE C 372 -2.41 0.91 51.55
CA ILE C 372 -3.18 2.10 51.87
C ILE C 372 -2.66 2.84 53.09
N GLU C 373 -1.58 2.39 53.70
CA GLU C 373 -1.17 2.95 54.99
C GLU C 373 -0.80 4.42 54.91
N GLY C 374 -0.25 4.85 53.77
CA GLY C 374 0.05 6.26 53.60
C GLY C 374 -1.17 7.15 53.56
N LYS C 375 -2.25 6.68 52.93
CA LYS C 375 -3.49 7.43 52.93
C LYS C 375 -4.11 7.51 54.32
N ILE C 376 -4.01 6.44 55.11
CA ILE C 376 -4.46 6.51 56.49
C ILE C 376 -3.63 7.50 57.29
N GLY C 377 -2.33 7.57 57.00
CA GLY C 377 -1.50 8.61 57.62
C GLY C 377 -1.92 10.02 57.24
N ALA C 378 -2.20 10.23 55.95
CA ALA C 378 -2.73 11.50 55.49
C ALA C 378 -4.04 11.87 56.20
N ILE C 379 -4.96 10.92 56.34
CA ILE C 379 -6.22 11.21 57.03
C ILE C 379 -5.97 11.56 58.49
N ALA C 380 -5.15 10.76 59.18
CA ALA C 380 -4.85 11.04 60.58
C ALA C 380 -4.23 12.42 60.76
N TYR C 381 -3.23 12.75 59.94
CA TYR C 381 -2.65 14.09 59.97
C TYR C 381 -3.70 15.17 59.73
N ALA C 382 -4.55 15.00 58.71
CA ALA C 382 -5.52 16.04 58.37
C ALA C 382 -6.53 16.26 59.51
N ARG C 383 -7.02 15.18 60.12
CA ARG C 383 -7.86 15.32 61.29
C ARG C 383 -7.13 15.96 62.47
N ALA C 384 -5.85 15.68 62.63
CA ALA C 384 -5.12 16.35 63.70
C ALA C 384 -4.99 17.85 63.43
N ARG C 385 -4.63 18.22 62.21
CA ARG C 385 -4.53 19.62 61.84
C ARG C 385 -5.91 20.29 61.79
N GLY C 386 -6.96 19.51 61.57
CA GLY C 386 -8.30 20.06 61.40
C GLY C 386 -8.63 20.44 59.98
N LEU C 387 -7.94 19.86 59.00
CA LEU C 387 -8.26 20.09 57.61
C LEU C 387 -9.58 19.43 57.24
N PRO C 388 -10.28 19.96 56.24
CA PRO C 388 -11.38 19.21 55.63
C PRO C 388 -10.87 18.10 54.72
N VAL C 389 -11.62 17.00 54.67
CA VAL C 389 -11.23 15.81 53.93
C VAL C 389 -12.45 15.26 53.19
N LEU C 390 -12.27 14.91 51.92
CA LEU C 390 -13.27 14.17 51.16
C LEU C 390 -12.62 12.88 50.68
N GLY C 391 -13.17 11.75 51.09
CA GLY C 391 -12.69 10.44 50.72
C GLY C 391 -13.63 9.70 49.78
N LEU C 392 -13.16 9.32 48.61
CA LEU C 392 -14.01 8.72 47.61
C LEU C 392 -13.78 7.22 47.54
N CYS C 393 -14.85 6.45 47.78
CA CYS C 393 -14.81 4.99 47.91
C CYS C 393 -13.74 4.43 48.85
N LEU C 394 -12.57 4.07 48.30
CA LEU C 394 -11.42 3.74 49.12
C LEU C 394 -11.11 4.83 50.14
N GLY C 395 -11.42 6.08 49.83
CA GLY C 395 -11.24 7.11 50.84
C GLY C 395 -12.15 6.93 52.05
N LEU C 396 -13.39 6.50 51.82
CA LEU C 396 -14.25 6.12 52.92
C LEU C 396 -13.65 4.95 53.69
N GLN C 397 -13.15 3.95 52.98
CA GLN C 397 -12.59 2.79 53.65
C GLN C 397 -11.39 3.15 54.52
N CYS C 398 -10.51 4.00 54.01
CA CYS C 398 -9.41 4.52 54.80
C CYS C 398 -9.88 5.34 56.00
N ILE C 399 -10.90 6.18 55.84
CA ILE C 399 -11.43 6.92 56.98
C ILE C 399 -11.97 5.99 58.07
N VAL C 400 -12.69 4.94 57.67
CA VAL C 400 -13.20 3.97 58.64
C VAL C 400 -12.07 3.19 59.31
N ILE C 401 -11.04 2.82 58.55
CA ILE C 401 -9.90 2.13 59.14
C ILE C 401 -9.12 3.03 60.09
N GLU C 402 -8.88 4.28 59.68
CA GLU C 402 -8.23 5.24 60.56
C GLU C 402 -9.03 5.46 61.85
N ALA C 403 -10.35 5.53 61.76
CA ALA C 403 -11.18 5.59 62.96
C ALA C 403 -11.01 4.36 63.83
N ALA C 404 -11.08 3.17 63.23
CA ALA C 404 -10.94 1.94 63.99
C ALA C 404 -9.61 1.89 64.73
N ARG C 405 -8.53 2.26 64.06
CA ARG C 405 -7.23 2.31 64.73
C ARG C 405 -7.19 3.39 65.81
N SER C 406 -7.88 4.51 65.60
CA SER C 406 -7.94 5.55 66.63
C SER C 406 -8.69 5.09 67.88
N VAL C 407 -9.66 4.17 67.76
CA VAL C 407 -10.32 3.64 68.95
C VAL C 407 -9.57 2.47 69.57
N GLY C 408 -8.32 2.25 69.13
CA GLY C 408 -7.47 1.26 69.75
C GLY C 408 -7.40 -0.09 69.07
N LEU C 409 -8.12 -0.29 67.98
CA LEU C 409 -8.00 -1.53 67.19
C LEU C 409 -6.78 -1.41 66.28
N THR C 410 -5.61 -1.36 66.92
CA THR C 410 -4.39 -0.95 66.22
C THR C 410 -4.13 -1.79 64.98
N ASN C 411 -4.47 -3.07 65.02
CA ASN C 411 -4.28 -3.93 63.87
C ASN C 411 -5.48 -3.97 62.93
N ALA C 412 -6.52 -3.19 63.19
CA ALA C 412 -7.68 -3.17 62.32
C ALA C 412 -7.27 -2.69 60.92
N ASN C 413 -7.81 -3.35 59.90
CA ASN C 413 -7.40 -3.07 58.53
C ASN C 413 -8.51 -3.52 57.59
N SER C 414 -8.33 -3.21 56.31
CA SER C 414 -9.10 -3.87 55.27
C SER C 414 -8.53 -5.25 55.00
N ALA C 415 -9.43 -6.24 54.92
CA ALA C 415 -9.05 -7.58 54.50
C ALA C 415 -8.45 -7.62 53.11
N GLU C 416 -8.67 -6.58 52.31
CA GLU C 416 -8.03 -6.52 50.99
C GLU C 416 -6.53 -6.26 51.10
N PHE C 417 -6.10 -5.64 52.20
CA PHE C 417 -4.71 -5.26 52.39
C PHE C 417 -4.04 -5.93 53.58
N ASP C 418 -4.80 -6.51 54.50
CA ASP C 418 -4.27 -7.49 55.45
C ASP C 418 -5.29 -8.60 55.65
N PRO C 419 -5.23 -9.65 54.83
CA PRO C 419 -6.14 -10.79 55.01
C PRO C 419 -6.01 -11.46 56.37
N ASP C 420 -4.89 -11.27 57.07
CA ASP C 420 -4.67 -11.87 58.37
C ASP C 420 -4.98 -10.92 59.52
N THR C 421 -5.54 -9.75 59.23
CA THR C 421 -5.91 -8.82 60.28
C THR C 421 -6.86 -9.50 61.27
N PRO C 422 -6.65 -9.35 62.58
CA PRO C 422 -7.63 -9.88 63.54
C PRO C 422 -8.94 -9.12 63.57
N ASP C 423 -8.99 -7.90 63.03
CA ASP C 423 -10.19 -7.07 63.05
C ASP C 423 -10.42 -6.50 61.66
N PRO C 424 -11.01 -7.29 60.76
CA PRO C 424 -11.33 -6.86 59.38
C PRO C 424 -12.54 -5.92 59.34
N VAL C 425 -12.30 -4.66 59.72
CA VAL C 425 -13.36 -3.67 59.74
C VAL C 425 -13.85 -3.32 58.34
N ILE C 426 -13.05 -3.56 57.31
CA ILE C 426 -13.52 -3.54 55.93
C ILE C 426 -13.36 -4.93 55.35
N ALA C 427 -14.46 -5.47 54.83
CA ALA C 427 -14.48 -6.85 54.35
C ALA C 427 -15.55 -6.97 53.27
N THR C 428 -15.46 -8.06 52.50
CA THR C 428 -16.51 -8.39 51.55
C THR C 428 -17.79 -8.81 52.27
N MET C 429 -18.90 -8.22 51.88
CA MET C 429 -20.19 -8.57 52.47
C MET C 429 -20.54 -9.99 52.09
N GLY C 443 -14.44 -13.64 46.87
CA GLY C 443 -14.03 -12.33 46.42
C GLY C 443 -15.14 -11.30 46.46
N GLY C 444 -16.30 -11.71 46.96
CA GLY C 444 -17.46 -10.83 47.03
C GLY C 444 -17.97 -10.47 45.65
N THR C 445 -18.99 -9.61 45.65
CA THR C 445 -19.66 -9.16 44.44
C THR C 445 -19.34 -7.68 44.21
N MET C 446 -18.79 -7.37 43.03
CA MET C 446 -18.61 -5.97 42.65
C MET C 446 -19.97 -5.33 42.42
N ARG C 447 -20.27 -4.32 43.24
CA ARG C 447 -21.37 -3.39 42.95
C ARG C 447 -20.99 -2.42 41.85
N LEU C 448 -21.83 -2.34 40.83
CA LEU C 448 -21.60 -1.48 39.68
C LEU C 448 -22.84 -0.64 39.38
N GLY C 449 -22.61 0.62 39.02
CA GLY C 449 -23.67 1.50 38.58
C GLY C 449 -24.46 2.12 39.72
N SER C 450 -25.64 2.61 39.36
CA SER C 450 -26.45 3.41 40.27
C SER C 450 -27.13 2.55 41.32
N TYR C 451 -26.99 2.95 42.59
CA TYR C 451 -27.74 2.36 43.68
C TYR C 451 -28.32 3.50 44.51
N PRO C 452 -29.54 3.34 45.03
CA PRO C 452 -30.11 4.37 45.91
C PRO C 452 -29.50 4.39 47.29
N ALA C 453 -29.59 5.55 47.93
CA ALA C 453 -29.23 5.68 49.34
C ALA C 453 -30.22 6.61 50.02
N VAL C 454 -30.34 6.44 51.34
CA VAL C 454 -31.07 7.35 52.21
C VAL C 454 -30.09 8.02 53.16
N LEU C 455 -30.33 9.28 53.46
CA LEU C 455 -29.43 10.07 54.31
C LEU C 455 -30.17 10.50 55.57
N GLU C 456 -29.47 10.38 56.69
CA GLU C 456 -30.01 10.83 57.97
C GLU C 456 -30.37 12.31 57.91
N PRO C 457 -31.54 12.71 58.39
CA PRO C 457 -31.95 14.11 58.27
C PRO C 457 -31.02 15.06 59.01
N ASP C 458 -30.69 16.17 58.35
CA ASP C 458 -29.74 17.17 58.83
C ASP C 458 -28.35 16.60 59.09
N SER C 459 -28.05 15.41 58.61
CA SER C 459 -26.67 15.00 58.48
C SER C 459 -25.94 15.94 57.52
N VAL C 460 -24.61 16.00 57.69
CA VAL C 460 -23.78 16.88 56.85
C VAL C 460 -23.99 16.59 55.37
N VAL C 461 -24.07 15.31 55.01
CA VAL C 461 -24.35 14.94 53.64
C VAL C 461 -25.77 15.35 53.23
N ALA C 462 -26.72 15.26 54.14
CA ALA C 462 -28.07 15.69 53.81
C ALA C 462 -28.13 17.19 53.56
N GLN C 463 -27.35 17.97 54.32
CA GLN C 463 -27.20 19.38 54.02
C GLN C 463 -26.53 19.62 52.68
N ALA C 464 -25.51 18.82 52.34
CA ALA C 464 -24.88 18.98 51.03
C ALA C 464 -25.83 18.71 49.88
N TYR C 465 -26.46 17.54 49.88
CA TYR C 465 -27.46 17.25 48.85
C TYR C 465 -28.73 18.06 49.02
N GLN C 466 -28.99 18.56 50.22
CA GLN C 466 -30.28 19.16 50.56
C GLN C 466 -31.44 18.19 50.32
N THR C 467 -31.21 16.92 50.62
CA THR C 467 -32.26 15.91 50.54
C THR C 467 -31.84 14.72 51.39
N THR C 468 -32.83 13.88 51.73
CA THR C 468 -32.56 12.61 52.37
C THR C 468 -32.45 11.42 51.43
N GLN C 469 -32.70 11.59 50.13
CA GLN C 469 -32.68 10.48 49.19
C GLN C 469 -31.88 10.81 47.94
N VAL C 470 -30.91 9.95 47.62
CA VAL C 470 -29.94 10.19 46.56
C VAL C 470 -29.66 8.86 45.86
N SER C 471 -29.04 8.95 44.68
CA SER C 471 -28.51 7.79 44.00
C SER C 471 -27.13 8.12 43.43
N GLU C 472 -26.22 7.16 43.50
CA GLU C 472 -24.84 7.40 43.12
C GLU C 472 -24.31 6.15 42.42
N ARG C 473 -23.29 6.34 41.60
CA ARG C 473 -22.67 5.26 40.84
C ARG C 473 -21.61 4.55 41.68
N HIS C 474 -21.57 3.22 41.55
CA HIS C 474 -20.73 2.37 42.36
C HIS C 474 -19.77 1.55 41.51
N ARG C 475 -18.61 1.26 42.09
CA ARG C 475 -17.63 0.36 41.50
C ARG C 475 -16.72 -0.19 42.59
N HIS C 476 -17.23 -1.13 43.40
CA HIS C 476 -16.49 -1.67 44.53
C HIS C 476 -17.08 -3.01 44.92
N ARG C 477 -16.29 -3.77 45.70
CA ARG C 477 -16.70 -5.09 46.14
C ARG C 477 -16.53 -5.36 47.64
N TYR C 478 -16.00 -4.42 48.40
CA TYR C 478 -15.93 -4.49 49.86
C TYR C 478 -16.89 -3.52 50.52
N GLU C 479 -17.32 -3.86 51.73
CA GLU C 479 -18.28 -3.08 52.48
C GLU C 479 -17.78 -2.88 53.90
N VAL C 480 -18.35 -1.88 54.58
CA VAL C 480 -18.08 -1.67 56.00
C VAL C 480 -18.66 -2.83 56.80
N ASN C 481 -17.87 -3.39 57.70
CA ASN C 481 -18.31 -4.54 58.48
C ASN C 481 -19.31 -4.12 59.53
N ASN C 482 -20.56 -4.58 59.38
CA ASN C 482 -21.61 -4.24 60.32
C ASN C 482 -21.32 -4.72 61.74
N ALA C 483 -20.45 -5.72 61.89
CA ALA C 483 -20.04 -6.17 63.22
C ALA C 483 -19.23 -5.15 64.00
N TYR C 484 -18.66 -4.15 63.33
CA TYR C 484 -17.77 -3.19 64.00
C TYR C 484 -18.39 -1.81 64.16
N ARG C 485 -19.61 -1.60 63.65
CA ARG C 485 -20.24 -0.28 63.68
C ARG C 485 -20.25 0.31 65.09
N ASP C 486 -20.69 -0.48 66.08
CA ASP C 486 -20.79 0.02 67.45
C ASP C 486 -19.45 0.48 67.99
N LYS C 487 -18.37 -0.22 67.65
CA LYS C 487 -17.05 0.16 68.13
C LYS C 487 -16.51 1.38 67.40
N ILE C 488 -16.62 1.39 66.07
CA ILE C 488 -16.23 2.55 65.28
C ILE C 488 -16.97 3.81 65.75
N ALA C 489 -18.25 3.68 66.06
CA ALA C 489 -19.04 4.80 66.56
C ALA C 489 -18.54 5.34 67.91
N GLU C 490 -17.70 4.61 68.64
CA GLU C 490 -17.11 5.19 69.84
C GLU C 490 -16.21 6.38 69.52
N SER C 491 -15.74 6.49 68.29
CA SER C 491 -15.07 7.70 67.84
C SER C 491 -16.02 8.88 67.68
N GLY C 492 -17.32 8.62 67.66
CA GLY C 492 -18.29 9.64 67.31
C GLY C 492 -18.63 9.67 65.83
N LEU C 493 -18.06 8.77 65.04
CA LEU C 493 -18.38 8.69 63.62
C LEU C 493 -19.86 8.38 63.46
N ARG C 494 -20.50 9.02 62.49
CA ARG C 494 -21.88 8.69 62.13
C ARG C 494 -21.93 7.97 60.80
N PHE C 495 -22.64 6.85 60.76
CA PHE C 495 -23.00 6.15 59.53
C PHE C 495 -24.19 6.83 58.85
N SER C 496 -24.01 8.13 58.57
CA SER C 496 -25.13 9.00 58.27
C SER C 496 -25.85 8.68 56.97
N GLY C 497 -25.23 7.95 56.05
CA GLY C 497 -25.91 7.50 54.85
C GLY C 497 -25.72 6.02 54.61
N THR C 498 -26.81 5.37 54.19
CA THR C 498 -26.84 3.92 54.03
C THR C 498 -27.67 3.57 52.80
N SER C 499 -27.60 2.31 52.42
CA SER C 499 -28.63 1.65 51.63
C SER C 499 -29.99 1.85 52.27
N PRO C 500 -31.09 1.72 51.52
CA PRO C 500 -32.40 2.07 52.09
C PRO C 500 -32.82 1.18 53.25
N ASP C 501 -32.30 -0.04 53.35
CA ASP C 501 -32.56 -0.89 54.50
C ASP C 501 -31.62 -0.61 55.66
N GLY C 502 -30.62 0.23 55.48
CA GLY C 502 -29.60 0.44 56.49
C GLY C 502 -28.53 -0.64 56.53
N HIS C 503 -28.65 -1.66 55.70
CA HIS C 503 -27.73 -2.79 55.78
C HIS C 503 -26.31 -2.40 55.36
N LEU C 504 -26.18 -1.51 54.38
CA LEU C 504 -24.88 -1.06 53.89
C LEU C 504 -24.66 0.40 54.25
N VAL C 505 -23.48 0.68 54.80
CA VAL C 505 -22.98 2.05 54.93
C VAL C 505 -22.64 2.61 53.55
N GLU C 506 -23.17 3.80 53.24
CA GLU C 506 -22.84 4.52 52.02
C GLU C 506 -22.08 5.80 52.27
N PHE C 507 -22.34 6.49 53.38
CA PHE C 507 -21.68 7.73 53.75
C PHE C 507 -21.29 7.68 55.22
N VAL C 508 -20.13 8.27 55.54
CA VAL C 508 -19.70 8.48 56.90
C VAL C 508 -19.38 9.95 57.06
N GLU C 509 -19.62 10.47 58.27
CA GLU C 509 -19.28 11.84 58.60
C GLU C 509 -18.87 11.91 60.06
N TYR C 510 -18.05 12.88 60.39
CA TYR C 510 -17.90 13.34 61.76
C TYR C 510 -18.88 14.48 62.04
N PRO C 511 -19.46 14.55 63.24
CA PRO C 511 -20.30 15.68 63.58
C PRO C 511 -19.56 16.99 63.46
N PRO C 512 -20.26 18.08 63.16
CA PRO C 512 -19.57 19.35 62.85
C PRO C 512 -18.68 19.88 63.96
N ASP C 513 -18.99 19.58 65.21
CA ASP C 513 -18.17 20.03 66.33
C ASP C 513 -16.93 19.17 66.57
N ARG C 514 -16.85 17.98 65.98
CA ARG C 514 -15.59 17.26 65.98
C ARG C 514 -14.67 17.78 64.87
N HIS C 515 -15.18 17.88 63.65
CA HIS C 515 -14.41 18.46 62.55
C HIS C 515 -15.38 19.19 61.63
N PRO C 516 -14.91 20.24 60.94
CA PRO C 516 -15.84 21.01 60.10
C PRO C 516 -16.40 20.23 58.93
N PHE C 517 -15.57 19.43 58.25
CA PHE C 517 -16.07 18.58 57.17
C PHE C 517 -15.06 17.45 56.95
N VAL C 518 -15.42 16.25 57.39
CA VAL C 518 -14.66 15.05 57.06
C VAL C 518 -15.67 14.01 56.60
N VAL C 519 -15.73 13.78 55.29
CA VAL C 519 -16.78 12.96 54.69
C VAL C 519 -16.13 11.95 53.76
N GLY C 520 -16.63 10.72 53.81
CA GLY C 520 -16.35 9.73 52.80
C GLY C 520 -17.65 9.25 52.21
N THR C 521 -17.61 8.88 50.94
CA THR C 521 -18.71 8.16 50.32
C THR C 521 -18.17 6.95 49.58
N GLN C 522 -18.93 5.85 49.64
CA GLN C 522 -18.60 4.66 48.89
C GLN C 522 -18.74 4.85 47.38
N ALA C 523 -19.46 5.88 46.95
CA ALA C 523 -19.74 6.08 45.54
C ALA C 523 -18.60 6.82 44.84
N HIS C 524 -18.77 6.99 43.54
CA HIS C 524 -17.91 7.84 42.72
C HIS C 524 -18.68 9.06 42.22
N PRO C 525 -18.91 10.07 43.07
CA PRO C 525 -19.72 11.22 42.64
C PRO C 525 -19.10 12.07 41.55
N GLU C 526 -17.77 12.00 41.35
CA GLU C 526 -17.12 12.77 40.31
C GLU C 526 -17.65 12.44 38.92
N LEU C 527 -18.27 11.28 38.75
CA LEU C 527 -18.84 10.88 37.47
C LEU C 527 -20.16 11.56 37.17
N LYS C 528 -20.87 12.04 38.19
CA LYS C 528 -22.10 12.81 38.03
C LYS C 528 -21.86 14.31 37.88
N SER C 529 -20.65 14.80 38.14
CA SER C 529 -20.33 16.21 38.06
C SER C 529 -20.22 16.71 36.61
N ARG C 530 -20.57 17.98 36.42
CA ARG C 530 -20.39 18.69 35.16
C ARG C 530 -19.91 20.12 35.44
N PRO C 531 -19.19 20.74 34.50
CA PRO C 531 -18.80 22.14 34.68
C PRO C 531 -19.97 23.10 34.75
N THR C 532 -21.04 22.80 34.02
CA THR C 532 -22.29 23.55 34.08
C THR C 532 -23.19 23.14 35.23
N ARG C 533 -22.86 22.08 35.96
CA ARG C 533 -23.71 21.59 37.05
C ARG C 533 -22.80 20.89 38.07
N PRO C 534 -22.16 21.65 38.94
CA PRO C 534 -21.29 21.05 39.95
C PRO C 534 -22.05 20.08 40.86
N HIS C 535 -21.36 19.02 41.26
CA HIS C 535 -21.93 18.06 42.19
C HIS C 535 -22.00 18.65 43.59
N PRO C 536 -23.09 18.41 44.33
CA PRO C 536 -23.23 18.99 45.69
C PRO C 536 -22.10 18.72 46.68
N LEU C 537 -21.53 17.53 46.72
CA LEU C 537 -20.45 17.26 47.67
C LEU C 537 -19.18 18.02 47.34
N PHE C 538 -18.80 18.09 46.08
CA PHE C 538 -17.64 18.90 45.72
C PHE C 538 -17.85 20.38 46.00
N VAL C 539 -19.07 20.87 45.85
CA VAL C 539 -19.39 22.23 46.28
C VAL C 539 -19.19 22.39 47.78
N ALA C 540 -19.71 21.45 48.58
CA ALA C 540 -19.60 21.56 50.03
C ALA C 540 -18.18 21.35 50.53
N PHE C 541 -17.41 20.50 49.86
CA PHE C 541 -16.01 20.28 50.22
C PHE C 541 -15.15 21.49 49.91
N VAL C 542 -15.24 22.02 48.68
CA VAL C 542 -14.49 23.24 48.36
C VAL C 542 -14.95 24.40 49.22
N GLY C 543 -16.22 24.43 49.61
CA GLY C 543 -16.67 25.41 50.59
C GLY C 543 -15.99 25.27 51.95
N ALA C 544 -15.86 24.05 52.45
CA ALA C 544 -15.15 23.86 53.71
C ALA C 544 -13.66 24.19 53.60
N ALA C 545 -13.04 23.89 52.45
CA ALA C 545 -11.66 24.31 52.21
C ALA C 545 -11.50 25.83 52.20
N ILE C 546 -12.40 26.53 51.51
CA ILE C 546 -12.41 28.00 51.55
C ILE C 546 -12.58 28.51 52.97
N ASP C 547 -13.53 27.95 53.72
CA ASP C 547 -13.72 28.37 55.11
C ASP C 547 -12.50 28.10 55.97
N TYR C 548 -11.77 27.02 55.72
CA TYR C 548 -10.53 26.78 56.45
C TYR C 548 -9.47 27.82 56.12
N LYS C 549 -9.25 28.07 54.82
CA LYS C 549 -8.32 29.12 54.43
C LYS C 549 -8.69 30.46 55.05
N ALA C 550 -9.99 30.76 55.14
CA ALA C 550 -10.43 32.00 55.76
C ALA C 550 -10.17 32.01 57.26
N GLY C 551 -10.40 30.89 57.94
CA GLY C 551 -10.22 30.87 59.38
C GLY C 551 -8.77 30.78 59.80
N GLU C 552 -7.92 30.14 58.99
CA GLU C 552 -6.53 29.94 59.35
C GLU C 552 -5.78 31.27 59.33
N PRO D 5 -29.22 23.07 -26.67
CA PRO D 5 -27.77 23.03 -26.90
C PRO D 5 -27.12 21.73 -26.48
N GLN D 6 -25.93 21.47 -27.02
CA GLN D 6 -25.20 20.26 -26.66
C GLN D 6 -24.81 20.29 -25.18
N THR D 7 -24.83 19.11 -24.56
CA THR D 7 -24.41 18.98 -23.18
C THR D 7 -22.91 19.20 -23.04
N ALA D 8 -22.44 19.19 -21.80
CA ALA D 8 -21.02 19.00 -21.51
C ALA D 8 -20.51 17.69 -22.10
N THR D 9 -19.25 17.71 -22.52
CA THR D 9 -18.60 16.52 -23.08
C THR D 9 -18.26 15.54 -21.97
N LYS D 10 -18.64 14.28 -22.14
CA LYS D 10 -18.38 13.24 -21.17
C LYS D 10 -17.00 12.63 -21.43
N HIS D 11 -16.34 12.20 -20.36
CA HIS D 11 -15.09 11.45 -20.46
C HIS D 11 -15.28 10.04 -19.90
N LEU D 12 -15.04 9.03 -20.74
CA LEU D 12 -15.08 7.64 -20.33
C LEU D 12 -13.68 7.03 -20.37
N PHE D 13 -13.20 6.56 -19.21
CA PHE D 13 -11.85 6.01 -19.05
C PHE D 13 -11.89 4.48 -19.03
N VAL D 14 -11.14 3.84 -19.92
CA VAL D 14 -11.02 2.39 -19.98
C VAL D 14 -9.69 1.94 -19.39
N SER D 15 -9.74 0.99 -18.45
CA SER D 15 -8.59 0.56 -17.69
C SER D 15 -8.61 -0.95 -17.56
N GLY D 16 -7.46 -1.53 -17.28
CA GLY D 16 -7.30 -2.97 -17.32
C GLY D 16 -6.62 -3.50 -16.07
N GLY D 17 -7.02 -4.72 -15.69
CA GLY D 17 -6.52 -5.36 -14.50
C GLY D 17 -6.07 -6.79 -14.75
N VAL D 18 -5.38 -7.33 -13.74
CA VAL D 18 -4.79 -8.67 -13.75
C VAL D 18 -3.67 -8.77 -14.78
N ALA D 19 -3.98 -8.54 -16.05
CA ALA D 19 -2.98 -8.69 -17.09
C ALA D 19 -3.27 -7.72 -18.22
N SER D 20 -2.27 -7.50 -19.05
CA SER D 20 -2.43 -6.96 -20.40
C SER D 20 -2.90 -8.03 -21.37
N SER D 21 -3.07 -7.63 -22.62
CA SER D 21 -3.61 -8.48 -23.68
C SER D 21 -5.05 -8.93 -23.46
N LEU D 22 -5.78 -8.29 -22.56
CA LEU D 22 -7.16 -8.68 -22.34
C LEU D 22 -8.12 -8.12 -23.37
N GLY D 23 -7.64 -7.27 -24.29
CA GLY D 23 -8.49 -6.73 -25.33
C GLY D 23 -9.24 -5.47 -24.99
N LYS D 24 -8.78 -4.69 -24.01
CA LYS D 24 -9.46 -3.45 -23.65
C LYS D 24 -9.44 -2.40 -24.76
N GLY D 25 -8.48 -2.48 -25.70
CA GLY D 25 -8.53 -1.59 -26.85
C GLY D 25 -9.61 -1.95 -27.86
N LEU D 26 -9.87 -3.24 -28.04
CA LEU D 26 -11.02 -3.65 -28.81
C LEU D 26 -12.33 -3.39 -28.08
N THR D 27 -12.33 -3.47 -26.75
CA THR D 27 -13.49 -3.06 -25.98
C THR D 27 -13.81 -1.59 -26.21
N ALA D 28 -12.83 -0.71 -26.03
CA ALA D 28 -13.02 0.71 -26.30
C ALA D 28 -13.47 0.98 -27.73
N SER D 29 -12.91 0.28 -28.71
CA SER D 29 -13.36 0.42 -30.10
C SER D 29 -14.81 0.00 -30.30
N SER D 30 -15.23 -1.09 -29.66
CA SER D 30 -16.60 -1.56 -29.81
C SER D 30 -17.60 -0.66 -29.11
N LEU D 31 -17.24 -0.14 -27.94
CA LEU D 31 -18.08 0.85 -27.28
C LEU D 31 -18.18 2.14 -28.10
N GLY D 32 -17.09 2.55 -28.75
CA GLY D 32 -17.18 3.66 -29.68
C GLY D 32 -18.09 3.42 -30.88
N GLN D 33 -18.01 2.22 -31.46
CA GLN D 33 -18.93 1.84 -32.54
C GLN D 33 -20.39 1.85 -32.08
N LEU D 34 -20.66 1.32 -30.90
CA LEU D 34 -22.03 1.34 -30.36
C LEU D 34 -22.53 2.76 -30.10
N LEU D 35 -21.75 3.58 -29.40
CA LEU D 35 -22.19 4.94 -29.13
C LEU D 35 -22.32 5.78 -30.39
N THR D 36 -21.49 5.53 -31.39
CA THR D 36 -21.67 6.21 -32.68
C THR D 36 -22.98 5.80 -33.35
N ALA D 37 -23.33 4.52 -33.28
CA ALA D 37 -24.58 4.08 -33.90
C ALA D 37 -25.82 4.61 -33.20
N ARG D 38 -25.74 4.97 -31.93
CA ARG D 38 -26.81 5.69 -31.24
C ARG D 38 -26.79 7.19 -31.51
N GLY D 39 -25.98 7.66 -32.45
CA GLY D 39 -26.01 9.05 -32.89
C GLY D 39 -25.14 10.02 -32.13
N LEU D 40 -24.38 9.57 -31.14
CA LEU D 40 -23.44 10.44 -30.45
C LEU D 40 -22.16 10.60 -31.26
N HIS D 41 -21.49 11.74 -31.09
CA HIS D 41 -20.17 11.95 -31.68
C HIS D 41 -19.06 11.58 -30.71
N VAL D 42 -18.29 10.55 -31.06
CA VAL D 42 -17.25 9.98 -30.21
C VAL D 42 -15.89 10.34 -30.78
N THR D 43 -14.95 10.69 -29.92
CA THR D 43 -13.54 10.74 -30.28
C THR D 43 -12.74 9.93 -29.25
N MET D 44 -11.57 9.46 -29.67
CA MET D 44 -10.83 8.44 -28.94
C MET D 44 -9.37 8.84 -28.72
N GLN D 45 -8.82 8.41 -27.58
CA GLN D 45 -7.42 8.66 -27.21
C GLN D 45 -6.81 7.43 -26.56
N LYS D 46 -5.54 7.14 -26.85
CA LYS D 46 -4.75 6.17 -26.09
C LYS D 46 -3.61 6.81 -25.31
N LEU D 47 -3.42 6.38 -24.07
CA LEU D 47 -2.27 6.73 -23.25
C LEU D 47 -1.32 5.53 -23.12
N ASP D 48 -0.07 5.69 -23.60
CA ASP D 48 0.93 4.61 -23.50
C ASP D 48 1.93 4.92 -22.40
N PRO D 49 2.05 4.08 -21.37
CA PRO D 49 2.95 4.41 -20.26
C PRO D 49 4.43 4.18 -20.51
N TYR D 50 4.83 3.61 -21.64
CA TYR D 50 6.25 3.43 -21.93
C TYR D 50 6.96 4.75 -22.24
N LEU D 51 8.27 4.76 -22.01
CA LEU D 51 9.10 5.96 -22.15
C LEU D 51 9.60 6.24 -23.55
N ASN D 52 9.44 5.33 -24.50
CA ASN D 52 9.74 5.64 -25.88
C ASN D 52 8.90 6.81 -26.35
N VAL D 53 9.54 7.78 -27.02
CA VAL D 53 8.78 8.94 -27.45
C VAL D 53 7.79 8.57 -28.54
N ASP D 54 8.12 7.57 -29.34
CA ASP D 54 7.17 6.92 -30.24
C ASP D 54 7.65 5.51 -30.48
N PRO D 55 6.79 4.62 -30.97
CA PRO D 55 7.21 3.24 -31.23
C PRO D 55 8.10 3.08 -32.46
N GLY D 56 8.47 4.17 -33.14
CA GLY D 56 9.28 4.05 -34.35
C GLY D 56 10.65 3.44 -34.09
N THR D 57 11.11 3.46 -32.84
CA THR D 57 12.34 2.77 -32.45
C THR D 57 12.11 1.31 -32.08
N MET D 58 10.88 0.91 -31.75
CA MET D 58 10.64 -0.40 -31.18
C MET D 58 10.56 -1.46 -32.27
N ASN D 59 10.99 -2.66 -31.94
CA ASN D 59 10.97 -3.78 -32.87
C ASN D 59 9.54 -4.25 -33.14
N PRO D 60 9.08 -4.24 -34.39
CA PRO D 60 7.66 -4.57 -34.65
C PRO D 60 7.34 -6.04 -34.49
N PHE D 61 8.34 -6.91 -34.58
CA PHE D 61 8.12 -8.34 -34.38
C PHE D 61 8.01 -8.71 -32.92
N GLN D 62 8.51 -7.88 -32.02
CA GLN D 62 8.26 -8.05 -30.60
C GLN D 62 7.03 -7.29 -30.13
N HIS D 63 6.84 -6.05 -30.60
CA HIS D 63 5.86 -5.13 -30.04
C HIS D 63 4.75 -4.75 -31.01
N GLY D 64 4.68 -5.37 -32.18
CA GLY D 64 3.66 -5.07 -33.17
C GLY D 64 3.99 -3.89 -34.06
N GLU D 65 3.20 -3.78 -35.14
CA GLU D 65 3.37 -2.75 -36.15
C GLU D 65 3.30 -1.34 -35.57
N VAL D 66 3.92 -0.42 -36.29
CA VAL D 66 3.72 1.01 -36.09
C VAL D 66 2.59 1.46 -37.02
N PHE D 67 1.55 2.06 -36.46
CA PHE D 67 0.50 2.70 -37.24
C PHE D 67 0.97 4.07 -37.68
N VAL D 68 0.54 4.51 -38.87
CA VAL D 68 0.91 5.82 -39.39
C VAL D 68 -0.36 6.58 -39.73
N THR D 69 -0.43 7.84 -39.27
CA THR D 69 -1.56 8.74 -39.46
C THR D 69 -1.40 9.56 -40.74
N GLU D 70 -2.47 10.29 -41.10
CA GLU D 70 -2.42 11.17 -42.26
C GLU D 70 -1.41 12.29 -42.07
N ASP D 71 -1.35 12.87 -40.88
CA ASP D 71 -0.37 13.90 -40.54
C ASP D 71 1.02 13.33 -40.27
N GLY D 72 1.23 12.04 -40.48
CA GLY D 72 2.56 11.46 -40.42
C GLY D 72 3.07 11.21 -39.03
N ALA D 73 2.19 11.04 -38.05
CA ALA D 73 2.59 10.55 -36.74
C ALA D 73 2.78 9.03 -36.77
N GLU D 74 3.86 8.58 -36.17
CA GLU D 74 4.03 7.17 -35.83
C GLU D 74 3.35 6.89 -34.50
N THR D 75 2.36 6.01 -34.49
CA THR D 75 1.55 5.77 -33.31
C THR D 75 1.46 4.28 -32.99
N ASP D 76 1.01 3.98 -31.78
CA ASP D 76 0.62 2.64 -31.39
C ASP D 76 -0.49 2.09 -32.27
N LEU D 77 -0.52 0.77 -32.39
CA LEU D 77 -1.43 0.10 -33.32
C LEU D 77 -2.89 0.14 -32.87
N ASP D 78 -3.16 0.41 -31.59
CA ASP D 78 -4.54 0.56 -31.13
C ASP D 78 -5.26 1.71 -31.82
N VAL D 79 -4.53 2.74 -32.24
CA VAL D 79 -5.11 3.81 -33.05
C VAL D 79 -5.65 3.27 -34.35
N GLY D 80 -5.13 2.13 -34.82
CA GLY D 80 -5.70 1.50 -36.00
C GLY D 80 -7.00 0.77 -35.75
N HIS D 81 -7.19 0.22 -34.55
CA HIS D 81 -8.50 -0.28 -34.18
C HIS D 81 -9.51 0.85 -34.05
N TYR D 82 -9.09 1.98 -33.48
CA TYR D 82 -9.98 3.14 -33.47
C TYR D 82 -10.38 3.58 -34.87
N GLU D 83 -9.41 3.73 -35.77
CA GLU D 83 -9.72 4.04 -37.17
C GLU D 83 -10.65 3.02 -37.82
N ARG D 84 -10.42 1.73 -37.62
CA ARG D 84 -11.25 0.73 -38.31
C ARG D 84 -12.66 0.65 -37.76
N PHE D 85 -12.86 0.88 -36.46
CA PHE D 85 -14.22 0.84 -35.92
C PHE D 85 -14.97 2.16 -36.10
N LEU D 86 -14.27 3.30 -36.01
CA LEU D 86 -14.92 4.59 -36.23
C LEU D 86 -15.01 4.94 -37.71
N ASP D 87 -14.13 4.40 -38.54
CA ASP D 87 -13.87 4.90 -39.89
C ASP D 87 -13.64 6.41 -39.90
N ARG D 88 -12.62 6.82 -39.14
CA ARG D 88 -12.25 8.21 -38.97
C ARG D 88 -10.74 8.34 -39.10
N ASN D 89 -10.26 9.40 -39.76
CA ASN D 89 -8.84 9.72 -39.70
C ASN D 89 -8.53 10.37 -38.36
N LEU D 90 -7.74 9.68 -37.52
CA LEU D 90 -7.39 10.21 -36.22
C LEU D 90 -6.07 10.99 -36.30
N PRO D 91 -5.93 12.04 -35.48
CA PRO D 91 -4.68 12.79 -35.45
C PRO D 91 -3.57 12.06 -34.69
N GLY D 92 -2.35 12.58 -34.84
CA GLY D 92 -1.25 12.20 -33.97
C GLY D 92 -1.48 12.48 -32.50
N SER D 93 -2.32 13.46 -32.19
CA SER D 93 -2.70 13.74 -30.81
C SER D 93 -3.45 12.58 -30.14
N ALA D 94 -3.93 11.62 -30.92
CA ALA D 94 -4.63 10.46 -30.36
C ALA D 94 -3.74 9.51 -29.58
N ASN D 95 -2.42 9.66 -29.61
CA ASN D 95 -1.54 8.79 -28.83
C ASN D 95 -0.61 9.66 -27.98
N VAL D 96 -0.62 9.43 -26.67
CA VAL D 96 0.29 10.08 -25.71
C VAL D 96 1.19 9.02 -25.09
N THR D 97 2.44 9.39 -24.82
CA THR D 97 3.39 8.54 -24.12
C THR D 97 4.06 9.30 -22.99
N THR D 98 4.55 8.54 -22.00
CA THR D 98 5.37 9.11 -20.92
C THR D 98 6.58 9.86 -21.44
N GLY D 99 7.22 9.33 -22.49
CA GLY D 99 8.35 10.01 -23.08
C GLY D 99 8.03 11.38 -23.64
N GLN D 100 6.88 11.51 -24.30
CA GLN D 100 6.44 12.80 -24.79
C GLN D 100 6.16 13.78 -23.65
N VAL D 101 5.50 13.31 -22.60
CA VAL D 101 5.15 14.19 -21.48
C VAL D 101 6.40 14.67 -20.76
N TYR D 102 7.30 13.75 -20.39
CA TYR D 102 8.53 14.16 -19.73
C TYR D 102 9.41 15.05 -20.60
N SER D 103 9.59 14.70 -21.87
CA SER D 103 10.33 15.57 -22.77
C SER D 103 9.73 16.97 -22.86
N THR D 104 8.40 17.08 -22.86
CA THR D 104 7.74 18.39 -22.91
C THR D 104 7.93 19.18 -21.63
N VAL D 105 7.73 18.56 -20.47
CA VAL D 105 7.88 19.27 -19.21
C VAL D 105 9.34 19.67 -18.98
N ILE D 106 10.29 18.80 -19.31
CA ILE D 106 11.70 19.15 -19.16
C ILE D 106 12.11 20.26 -20.12
N ALA D 107 11.59 20.27 -21.34
CA ALA D 107 11.84 21.39 -22.24
C ALA D 107 11.27 22.71 -21.72
N LYS D 108 10.02 22.71 -21.25
CA LYS D 108 9.48 23.90 -20.60
C LYS D 108 10.31 24.35 -19.40
N GLU D 109 10.83 23.40 -18.62
CA GLU D 109 11.63 23.76 -17.45
C GLU D 109 12.94 24.43 -17.85
N ARG D 110 13.63 23.86 -18.82
CA ARG D 110 14.88 24.44 -19.32
C ARG D 110 14.68 25.79 -19.99
N ARG D 111 13.49 26.10 -20.47
CA ARG D 111 13.16 27.44 -20.96
C ARG D 111 12.71 28.42 -19.88
N GLY D 112 12.64 28.01 -18.62
CA GLY D 112 12.27 28.90 -17.54
C GLY D 112 10.78 29.16 -17.37
N GLU D 113 9.93 28.37 -18.03
CA GLU D 113 8.51 28.68 -18.07
C GLU D 113 7.78 28.44 -16.74
N TYR D 114 8.34 27.63 -15.85
CA TYR D 114 7.76 27.40 -14.53
C TYR D 114 8.21 28.42 -13.48
N LEU D 115 8.81 29.52 -13.90
CA LEU D 115 9.00 30.70 -13.04
C LEU D 115 9.73 30.37 -11.74
N GLY D 116 10.76 29.54 -11.83
CA GLY D 116 11.57 29.25 -10.65
C GLY D 116 11.00 28.27 -9.66
N ASP D 117 10.03 27.44 -10.05
CA ASP D 117 9.51 26.43 -9.16
C ASP D 117 10.39 25.18 -9.14
N THR D 118 10.22 24.39 -8.09
CA THR D 118 10.57 22.97 -8.12
C THR D 118 9.55 22.23 -8.98
N VAL D 119 10.03 21.51 -9.98
CA VAL D 119 9.17 20.76 -10.89
C VAL D 119 9.03 19.34 -10.40
N GLN D 120 7.80 18.83 -10.40
CA GLN D 120 7.43 17.64 -9.65
C GLN D 120 6.58 16.76 -10.56
N VAL D 121 6.37 15.52 -10.14
CA VAL D 121 5.44 14.66 -10.87
C VAL D 121 4.01 15.17 -10.68
N ILE D 122 3.62 15.44 -9.44
CA ILE D 122 2.41 16.18 -9.11
C ILE D 122 2.85 17.53 -8.56
N PRO D 123 2.37 18.65 -9.12
CA PRO D 123 1.38 18.74 -10.19
C PRO D 123 1.86 18.58 -11.64
N HIS D 124 3.09 18.94 -11.99
CA HIS D 124 3.40 19.35 -13.36
C HIS D 124 3.24 18.25 -14.41
N ILE D 125 3.65 17.02 -14.11
CA ILE D 125 3.43 15.95 -15.07
C ILE D 125 1.94 15.60 -15.18
N THR D 126 1.25 15.51 -14.05
CA THR D 126 -0.17 15.20 -14.09
C THR D 126 -0.98 16.33 -14.72
N ASP D 127 -0.52 17.57 -14.57
CA ASP D 127 -1.13 18.71 -15.26
C ASP D 127 -0.94 18.62 -16.76
N GLU D 128 0.25 18.21 -17.22
CA GLU D 128 0.43 18.04 -18.66
C GLU D 128 -0.43 16.92 -19.23
N ILE D 129 -0.54 15.80 -18.52
CA ILE D 129 -1.43 14.74 -18.96
C ILE D 129 -2.90 15.19 -18.96
N LYS D 130 -3.33 15.84 -17.88
CA LYS D 130 -4.71 16.33 -17.80
C LYS D 130 -5.02 17.34 -18.90
N ARG D 131 -4.07 18.21 -19.22
CA ARG D 131 -4.23 19.11 -20.35
C ARG D 131 -4.39 18.35 -21.66
N ARG D 132 -3.56 17.33 -21.88
CA ARG D 132 -3.69 16.54 -23.10
C ARG D 132 -5.01 15.79 -23.19
N ILE D 133 -5.57 15.37 -22.06
CA ILE D 133 -6.89 14.74 -22.04
C ILE D 133 -7.98 15.75 -22.37
N LEU D 134 -8.04 16.84 -21.59
CA LEU D 134 -9.07 17.86 -21.79
C LEU D 134 -8.97 18.56 -23.15
N ALA D 135 -7.80 18.57 -23.77
CA ALA D 135 -7.68 19.10 -25.13
C ALA D 135 -8.50 18.32 -26.15
N MET D 136 -8.71 17.03 -25.94
CA MET D 136 -9.49 16.24 -26.89
C MET D 136 -10.92 16.74 -27.01
N ALA D 137 -11.46 17.34 -25.95
CA ALA D 137 -12.84 17.81 -25.91
C ALA D 137 -13.06 19.14 -26.62
N GLN D 138 -12.02 19.77 -27.14
CA GLN D 138 -12.18 21.05 -27.81
C GLN D 138 -12.73 20.87 -29.22
N PRO D 139 -13.44 21.88 -29.75
CA PRO D 139 -14.02 21.76 -31.09
C PRO D 139 -12.96 21.52 -32.15
N ASP D 140 -13.33 20.68 -33.12
CA ASP D 140 -12.46 20.40 -34.25
C ASP D 140 -12.43 21.59 -35.22
N ALA D 141 -11.64 21.44 -36.28
CA ALA D 141 -11.49 22.48 -37.29
C ALA D 141 -12.78 22.80 -38.02
N ASP D 142 -13.79 21.94 -37.94
CA ASP D 142 -15.10 22.21 -38.53
C ASP D 142 -16.13 22.64 -37.48
N GLY D 143 -15.71 22.84 -36.24
CA GLY D 143 -16.57 23.35 -35.20
C GLY D 143 -17.35 22.30 -34.44
N ASN D 144 -17.09 21.02 -34.70
CA ASN D 144 -17.81 19.94 -34.03
C ASN D 144 -17.15 19.65 -32.69
N ARG D 145 -17.93 19.64 -31.64
CA ARG D 145 -17.44 19.19 -30.35
C ARG D 145 -17.92 17.78 -30.08
N PRO D 146 -17.04 16.87 -29.65
CA PRO D 146 -17.49 15.51 -29.35
C PRO D 146 -18.46 15.45 -28.18
N ASP D 147 -19.35 14.47 -28.24
CA ASP D 147 -20.21 14.17 -27.10
C ASP D 147 -19.47 13.40 -26.00
N VAL D 148 -18.63 12.44 -26.38
CA VAL D 148 -17.79 11.71 -25.44
C VAL D 148 -16.37 11.62 -26.00
N VAL D 149 -15.38 11.68 -25.12
CA VAL D 149 -14.03 11.23 -25.40
C VAL D 149 -13.80 9.94 -24.64
N ILE D 150 -13.47 8.87 -25.36
CA ILE D 150 -13.07 7.60 -24.75
C ILE D 150 -11.55 7.53 -24.69
N THR D 151 -11.01 7.44 -23.47
CA THR D 151 -9.58 7.41 -23.22
C THR D 151 -9.17 6.05 -22.66
N GLU D 152 -8.35 5.31 -23.39
CA GLU D 152 -7.83 4.02 -22.93
C GLU D 152 -6.47 4.23 -22.25
N ILE D 153 -6.36 3.77 -21.01
CA ILE D 153 -5.13 3.88 -20.23
C ILE D 153 -4.38 2.55 -20.36
N GLY D 154 -3.19 2.61 -20.94
CA GLY D 154 -2.37 1.42 -21.13
C GLY D 154 -1.74 0.91 -19.87
N GLY D 155 -1.23 -0.31 -19.97
CA GLY D 155 -0.71 -1.04 -18.84
C GLY D 155 -1.77 -1.72 -17.98
N THR D 156 -1.34 -2.10 -16.78
CA THR D 156 -2.17 -2.75 -15.78
C THR D 156 -2.18 -1.94 -14.50
N VAL D 157 -3.33 -1.87 -13.85
CA VAL D 157 -3.47 -1.17 -12.58
C VAL D 157 -2.63 -1.85 -11.51
N GLY D 158 -1.58 -1.18 -11.05
CA GLY D 158 -0.56 -1.81 -10.24
C GLY D 158 0.84 -1.63 -10.80
N ASP D 159 0.94 -1.33 -12.09
CA ASP D 159 2.22 -0.98 -12.69
C ASP D 159 2.70 0.39 -12.22
N ILE D 160 3.99 0.47 -11.91
CA ILE D 160 4.61 1.74 -11.54
C ILE D 160 4.45 2.77 -12.65
N GLU D 161 4.61 2.34 -13.91
CA GLU D 161 4.50 3.26 -15.04
C GLU D 161 3.09 3.78 -15.30
N SER D 162 2.06 3.07 -14.85
CA SER D 162 0.68 3.50 -15.03
C SER D 162 0.25 4.64 -14.10
N GLN D 163 0.96 4.86 -13.01
CA GLN D 163 0.42 5.68 -11.92
C GLN D 163 0.15 7.14 -12.27
N PRO D 164 0.99 7.84 -13.04
CA PRO D 164 0.66 9.23 -13.39
C PRO D 164 -0.63 9.40 -14.17
N PHE D 165 -0.91 8.52 -15.12
CA PHE D 165 -2.11 8.64 -15.93
C PHE D 165 -3.37 8.35 -15.12
N LEU D 166 -3.33 7.35 -14.24
CA LEU D 166 -4.44 7.07 -13.35
C LEU D 166 -4.68 8.21 -12.37
N GLU D 167 -3.62 8.83 -11.86
CA GLU D 167 -3.81 10.02 -11.02
C GLU D 167 -4.41 11.19 -11.78
N ALA D 168 -3.99 11.43 -13.03
CA ALA D 168 -4.64 12.46 -13.84
C ALA D 168 -6.11 12.16 -14.12
N ALA D 169 -6.44 10.89 -14.40
CA ALA D 169 -7.85 10.52 -14.59
C ALA D 169 -8.67 10.70 -13.33
N ARG D 170 -8.10 10.41 -12.17
CA ARG D 170 -8.76 10.75 -10.92
C ARG D 170 -8.99 12.24 -10.78
N GLN D 171 -7.99 13.06 -11.10
CA GLN D 171 -8.17 14.51 -11.05
C GLN D 171 -9.24 15.01 -12.02
N VAL D 172 -9.36 14.38 -13.19
CA VAL D 172 -10.46 14.72 -14.10
C VAL D 172 -11.82 14.37 -13.49
N ARG D 173 -11.94 13.21 -12.86
CA ARG D 173 -13.17 12.89 -12.13
C ARG D 173 -13.50 13.91 -11.06
N HIS D 174 -12.50 14.34 -10.29
CA HIS D 174 -12.74 15.35 -9.28
C HIS D 174 -13.13 16.70 -9.87
N TYR D 175 -12.51 17.08 -10.98
CA TYR D 175 -12.79 18.37 -11.61
C TYR D 175 -14.17 18.42 -12.27
N LEU D 176 -14.53 17.39 -13.04
CA LEU D 176 -15.79 17.39 -13.77
C LEU D 176 -16.95 16.75 -13.02
N GLY D 177 -16.67 15.94 -12.01
CA GLY D 177 -17.70 15.26 -11.25
C GLY D 177 -18.19 13.98 -11.91
N ARG D 178 -18.81 13.14 -11.07
CA ARG D 178 -19.28 11.80 -11.45
C ARG D 178 -20.38 11.81 -12.50
N GLU D 179 -21.02 12.95 -12.77
CA GLU D 179 -22.03 13.03 -13.82
C GLU D 179 -21.43 13.07 -15.21
N ASP D 180 -20.18 13.49 -15.33
CA ASP D 180 -19.50 13.67 -16.61
C ASP D 180 -18.40 12.64 -16.86
N VAL D 181 -18.09 11.78 -15.89
CA VAL D 181 -16.96 10.86 -15.99
C VAL D 181 -17.42 9.45 -15.62
N PHE D 182 -17.01 8.48 -16.43
CA PHE D 182 -17.33 7.07 -16.24
C PHE D 182 -16.03 6.28 -16.25
N PHE D 183 -15.88 5.32 -15.35
CA PHE D 183 -14.74 4.40 -15.33
C PHE D 183 -15.14 2.97 -15.67
N LEU D 184 -14.58 2.44 -16.75
CA LEU D 184 -14.76 1.06 -17.17
C LEU D 184 -13.50 0.26 -16.87
N HIS D 185 -13.64 -0.86 -16.15
CA HIS D 185 -12.50 -1.69 -15.75
C HIS D 185 -12.58 -3.09 -16.33
N VAL D 186 -11.56 -3.48 -17.11
CA VAL D 186 -11.46 -4.80 -17.73
C VAL D 186 -10.61 -5.72 -16.87
N SER D 187 -11.09 -6.94 -16.63
CA SER D 187 -10.42 -7.86 -15.71
C SER D 187 -10.58 -9.29 -16.19
N LEU D 188 -9.68 -10.16 -15.73
CA LEU D 188 -9.67 -11.58 -16.10
C LEU D 188 -10.31 -12.45 -15.03
N VAL D 189 -11.17 -13.37 -15.46
CA VAL D 189 -11.67 -14.47 -14.63
C VAL D 189 -11.06 -15.79 -15.09
N PRO D 190 -10.04 -16.32 -14.42
CA PRO D 190 -9.45 -17.60 -14.87
C PRO D 190 -10.22 -18.84 -14.43
N TYR D 191 -10.12 -19.89 -15.25
CA TYR D 191 -10.66 -21.20 -14.97
C TYR D 191 -9.55 -22.18 -14.59
N LEU D 192 -9.74 -22.89 -13.47
CA LEU D 192 -8.80 -23.90 -12.99
C LEU D 192 -9.36 -25.28 -13.30
N ALA D 193 -8.70 -26.00 -14.19
CA ALA D 193 -9.17 -27.29 -14.69
C ALA D 193 -9.18 -28.41 -13.64
N PRO D 194 -8.20 -28.46 -12.71
CA PRO D 194 -8.22 -29.55 -11.74
C PRO D 194 -9.42 -29.51 -10.81
N SER D 195 -9.84 -28.33 -10.38
CA SER D 195 -10.98 -28.21 -9.49
C SER D 195 -12.24 -27.77 -10.21
N GLY D 196 -12.14 -27.35 -11.47
CA GLY D 196 -13.30 -27.11 -12.30
C GLY D 196 -14.08 -25.86 -11.94
N GLU D 197 -13.40 -24.80 -11.50
CA GLU D 197 -14.08 -23.65 -10.91
C GLU D 197 -13.48 -22.37 -11.50
N LEU D 198 -14.34 -21.37 -11.68
CA LEU D 198 -13.89 -20.01 -12.00
C LEU D 198 -13.54 -19.27 -10.71
N LYS D 199 -12.43 -18.53 -10.74
CA LYS D 199 -11.94 -17.83 -9.55
C LYS D 199 -12.21 -16.34 -9.66
N THR D 200 -12.93 -15.78 -8.70
CA THR D 200 -13.21 -14.35 -8.64
C THR D 200 -12.13 -13.54 -7.92
N LYS D 201 -11.26 -14.20 -7.15
CA LYS D 201 -10.28 -13.49 -6.33
C LYS D 201 -9.35 -12.56 -7.09
N PRO D 202 -8.83 -12.89 -8.28
CA PRO D 202 -8.03 -11.91 -9.03
C PRO D 202 -8.75 -10.60 -9.36
N THR D 203 -10.02 -10.66 -9.75
CA THR D 203 -10.79 -9.45 -9.97
C THR D 203 -10.98 -8.65 -8.67
N GLN D 204 -11.26 -9.34 -7.56
CA GLN D 204 -11.39 -8.64 -6.29
C GLN D 204 -10.11 -7.90 -5.92
N HIS D 205 -8.96 -8.56 -6.02
CA HIS D 205 -7.70 -7.87 -5.73
C HIS D 205 -7.41 -6.74 -6.70
N SER D 206 -7.79 -6.89 -7.97
CA SER D 206 -7.58 -5.80 -8.93
C SER D 206 -8.44 -4.58 -8.63
N VAL D 207 -9.71 -4.78 -8.32
CA VAL D 207 -10.58 -3.68 -7.92
C VAL D 207 -10.12 -3.06 -6.60
N ALA D 208 -9.64 -3.87 -5.66
CA ALA D 208 -9.05 -3.31 -4.46
C ALA D 208 -7.83 -2.46 -4.74
N ALA D 209 -6.97 -2.88 -5.67
CA ALA D 209 -5.85 -2.06 -6.09
C ALA D 209 -6.29 -0.74 -6.70
N LEU D 210 -7.30 -0.78 -7.55
CA LEU D 210 -7.85 0.45 -8.13
C LEU D 210 -8.45 1.37 -7.06
N ARG D 211 -9.21 0.82 -6.12
CA ARG D 211 -9.74 1.59 -4.99
C ARG D 211 -8.64 2.19 -4.12
N SER D 212 -7.50 1.52 -3.99
CA SER D 212 -6.41 2.06 -3.19
C SER D 212 -5.76 3.31 -3.79
N ILE D 213 -6.00 3.61 -5.06
CA ILE D 213 -5.52 4.84 -5.67
C ILE D 213 -6.65 5.85 -5.90
N GLY D 214 -7.80 5.64 -5.29
CA GLY D 214 -8.88 6.61 -5.29
C GLY D 214 -9.88 6.53 -6.42
N ILE D 215 -9.91 5.44 -7.18
CA ILE D 215 -10.85 5.27 -8.29
C ILE D 215 -11.78 4.11 -7.94
N THR D 216 -13.09 4.34 -8.07
CA THR D 216 -14.07 3.27 -8.02
C THR D 216 -14.64 3.01 -9.41
N PRO D 217 -14.62 1.77 -9.89
CA PRO D 217 -15.16 1.50 -11.23
C PRO D 217 -16.68 1.61 -11.27
N ASP D 218 -17.19 2.18 -12.36
CA ASP D 218 -18.62 2.19 -12.63
C ASP D 218 -19.11 0.88 -13.22
N ALA D 219 -18.27 0.17 -13.98
CA ALA D 219 -18.63 -1.15 -14.50
C ALA D 219 -17.39 -2.03 -14.58
N LEU D 220 -17.61 -3.34 -14.50
CA LEU D 220 -16.59 -4.35 -14.68
C LEU D 220 -16.86 -5.20 -15.91
N ILE D 221 -15.87 -5.33 -16.78
CA ILE D 221 -15.91 -6.27 -17.89
C ILE D 221 -15.09 -7.48 -17.49
N LEU D 222 -15.75 -8.64 -17.43
CA LEU D 222 -15.13 -9.89 -16.99
C LEU D 222 -14.72 -10.68 -18.22
N ARG D 223 -13.42 -10.88 -18.40
CA ARG D 223 -12.88 -11.63 -19.52
C ARG D 223 -12.65 -13.08 -19.11
N CYS D 224 -13.19 -13.99 -19.91
CA CYS D 224 -13.27 -15.39 -19.51
C CYS D 224 -13.35 -16.20 -20.79
N ASP D 225 -13.03 -17.50 -20.69
CA ASP D 225 -13.19 -18.39 -21.83
C ASP D 225 -14.59 -18.96 -21.94
N ARG D 226 -15.43 -18.77 -20.92
CA ARG D 226 -16.77 -19.30 -20.87
C ARG D 226 -17.66 -18.29 -20.17
N ASP D 227 -18.96 -18.41 -20.36
CA ASP D 227 -19.88 -17.44 -19.78
C ASP D 227 -19.91 -17.53 -18.26
N VAL D 228 -19.71 -16.39 -17.62
CA VAL D 228 -19.61 -16.34 -16.15
C VAL D 228 -20.99 -16.62 -15.55
N PRO D 229 -21.12 -17.51 -14.57
CA PRO D 229 -22.44 -17.77 -13.99
C PRO D 229 -23.01 -16.56 -13.26
N GLU D 230 -24.33 -16.51 -13.21
CA GLU D 230 -25.04 -15.41 -12.55
C GLU D 230 -24.65 -15.28 -11.08
N ALA D 231 -24.51 -16.41 -10.38
CA ALA D 231 -24.07 -16.38 -8.98
C ALA D 231 -22.69 -15.78 -8.81
N LEU D 232 -21.77 -16.04 -9.74
CA LEU D 232 -20.45 -15.43 -9.66
C LEU D 232 -20.50 -13.93 -9.92
N LYS D 233 -21.26 -13.50 -10.92
CA LYS D 233 -21.46 -12.07 -11.13
C LYS D 233 -22.07 -11.39 -9.90
N ASN D 234 -23.01 -12.06 -9.24
CA ASN D 234 -23.57 -11.52 -7.98
C ASN D 234 -22.52 -11.41 -6.88
N LYS D 235 -21.71 -12.46 -6.69
CA LYS D 235 -20.61 -12.37 -5.72
C LYS D 235 -19.66 -11.21 -6.05
N ILE D 236 -19.29 -11.08 -7.32
CA ILE D 236 -18.41 -9.98 -7.73
C ILE D 236 -19.05 -8.63 -7.43
N ALA D 237 -20.30 -8.43 -7.87
CA ALA D 237 -21.00 -7.18 -7.60
C ALA D 237 -21.03 -6.86 -6.11
N LEU D 238 -21.31 -7.87 -5.27
CA LEU D 238 -21.34 -7.68 -3.83
C LEU D 238 -19.98 -7.31 -3.25
N MET D 239 -18.93 -8.06 -3.58
CA MET D 239 -17.62 -7.81 -2.99
C MET D 239 -16.97 -6.54 -3.53
N CYS D 240 -17.15 -6.23 -4.82
CA CYS D 240 -16.52 -5.09 -5.44
C CYS D 240 -17.31 -3.79 -5.32
N ASP D 241 -18.48 -3.80 -4.68
CA ASP D 241 -19.36 -2.63 -4.58
C ASP D 241 -19.72 -2.06 -5.94
N VAL D 242 -20.07 -2.92 -6.89
CA VAL D 242 -20.44 -2.50 -8.23
C VAL D 242 -21.89 -2.89 -8.47
N ASP D 243 -22.61 -2.00 -9.15
CA ASP D 243 -23.98 -2.30 -9.55
C ASP D 243 -24.00 -3.56 -10.41
N ILE D 244 -24.88 -4.49 -10.05
CA ILE D 244 -25.00 -5.75 -10.78
C ILE D 244 -25.35 -5.53 -12.26
N ASP D 245 -26.01 -4.42 -12.58
CA ASP D 245 -26.21 -4.07 -13.98
C ASP D 245 -24.90 -3.75 -14.70
N GLY D 246 -23.85 -3.42 -13.96
CA GLY D 246 -22.55 -3.10 -14.49
C GLY D 246 -21.50 -4.20 -14.44
N VAL D 247 -21.86 -5.42 -14.09
CA VAL D 247 -20.97 -6.57 -14.19
C VAL D 247 -21.31 -7.34 -15.46
N ILE D 248 -20.41 -7.25 -16.45
CA ILE D 248 -20.66 -7.68 -17.83
C ILE D 248 -19.84 -8.93 -18.10
N SER D 249 -20.48 -9.96 -18.64
CA SER D 249 -19.79 -11.20 -19.01
C SER D 249 -19.45 -11.17 -20.49
N THR D 250 -18.16 -11.30 -20.81
CA THR D 250 -17.64 -11.23 -22.18
C THR D 250 -16.73 -12.41 -22.48
N PRO D 251 -17.28 -13.59 -22.75
CA PRO D 251 -16.44 -14.65 -23.32
C PRO D 251 -15.83 -14.26 -24.66
N ASP D 252 -14.67 -14.87 -24.94
CA ASP D 252 -13.96 -14.67 -26.19
C ASP D 252 -14.82 -15.01 -27.40
N ALA D 253 -14.94 -14.05 -28.33
CA ALA D 253 -15.78 -14.19 -29.51
C ALA D 253 -14.99 -14.76 -30.69
N PRO D 254 -15.69 -15.29 -31.70
CA PRO D 254 -14.99 -15.88 -32.85
C PRO D 254 -14.19 -14.88 -33.67
N SER D 255 -14.65 -13.64 -33.76
CA SER D 255 -13.90 -12.58 -34.42
C SER D 255 -14.08 -11.29 -33.64
N ILE D 256 -13.19 -10.34 -33.92
CA ILE D 256 -13.24 -9.03 -33.29
C ILE D 256 -14.48 -8.24 -33.69
N TYR D 257 -15.13 -8.59 -34.80
CA TYR D 257 -16.31 -7.87 -35.24
C TYR D 257 -17.58 -8.31 -34.53
N ASP D 258 -17.55 -9.42 -33.80
CA ASP D 258 -18.63 -9.82 -32.92
C ASP D 258 -18.69 -9.05 -31.61
N ILE D 259 -17.60 -8.43 -31.18
CA ILE D 259 -17.58 -7.81 -29.85
C ILE D 259 -18.67 -6.74 -29.69
N PRO D 260 -18.97 -5.91 -30.68
CA PRO D 260 -20.11 -4.99 -30.52
C PRO D 260 -21.42 -5.69 -30.20
N LYS D 261 -21.74 -6.77 -30.91
CA LYS D 261 -22.95 -7.54 -30.63
C LYS D 261 -22.94 -8.11 -29.22
N VAL D 262 -21.80 -8.62 -28.77
CA VAL D 262 -21.69 -9.16 -27.43
C VAL D 262 -21.94 -8.09 -26.38
N LEU D 263 -21.31 -6.93 -26.53
CA LEU D 263 -21.50 -5.84 -25.58
C LEU D 263 -22.91 -5.29 -25.59
N HIS D 264 -23.59 -5.33 -26.74
CA HIS D 264 -24.98 -4.91 -26.80
C HIS D 264 -25.95 -5.92 -26.18
N ARG D 265 -25.71 -7.21 -26.41
CA ARG D 265 -26.47 -8.24 -25.72
C ARG D 265 -26.45 -8.07 -24.20
N GLU D 266 -25.29 -7.76 -23.64
CA GLU D 266 -25.18 -7.49 -22.21
C GLU D 266 -25.70 -6.12 -21.79
N GLU D 267 -26.03 -5.25 -22.75
CA GLU D 267 -26.54 -3.91 -22.46
C GLU D 267 -25.52 -2.99 -21.79
N LEU D 268 -24.23 -3.15 -22.11
CA LEU D 268 -23.24 -2.24 -21.54
C LEU D 268 -23.44 -0.80 -22.04
N ASP D 269 -23.71 -0.63 -23.33
CA ASP D 269 -23.92 0.71 -23.89
C ASP D 269 -25.16 1.38 -23.31
N ALA D 270 -26.24 0.63 -23.10
CA ALA D 270 -27.42 1.20 -22.43
C ALA D 270 -27.12 1.60 -20.99
N PHE D 271 -26.33 0.79 -20.28
CA PHE D 271 -25.88 1.18 -18.95
C PHE D 271 -25.07 2.46 -18.98
N VAL D 272 -24.13 2.57 -19.92
CA VAL D 272 -23.33 3.78 -20.07
C VAL D 272 -24.19 5.00 -20.39
N VAL D 273 -25.06 4.88 -21.40
CA VAL D 273 -25.93 5.99 -21.80
C VAL D 273 -26.81 6.46 -20.65
N ARG D 274 -27.41 5.53 -19.91
CA ARG D 274 -28.17 5.92 -18.73
C ARG D 274 -27.31 6.62 -17.69
N ARG D 275 -26.17 6.02 -17.35
CA ARG D 275 -25.32 6.56 -16.30
C ARG D 275 -24.80 7.95 -16.61
N LEU D 276 -24.39 8.18 -17.86
CA LEU D 276 -23.93 9.50 -18.28
C LEU D 276 -25.06 10.46 -18.64
N ASN D 277 -26.30 9.99 -18.65
CA ASN D 277 -27.47 10.80 -19.04
C ASN D 277 -27.29 11.45 -20.41
N LEU D 278 -26.81 10.66 -21.36
CA LEU D 278 -26.66 11.11 -22.73
C LEU D 278 -27.98 11.02 -23.48
N PRO D 279 -28.14 11.78 -24.56
CA PRO D 279 -29.32 11.59 -25.43
C PRO D 279 -29.43 10.19 -26.00
N PHE D 280 -30.36 9.42 -25.44
CA PHE D 280 -30.56 8.03 -25.84
C PHE D 280 -31.09 7.93 -27.27
N ARG D 281 -30.71 6.87 -27.96
CA ARG D 281 -31.38 6.45 -29.18
C ARG D 281 -31.10 4.95 -29.37
N ASP D 282 -31.94 4.29 -30.16
CA ASP D 282 -31.62 2.94 -30.58
C ASP D 282 -30.44 2.88 -31.55
N VAL D 283 -29.71 1.77 -31.49
CA VAL D 283 -28.72 1.40 -32.50
C VAL D 283 -29.42 0.99 -33.80
N ASP D 284 -28.88 1.44 -34.93
CA ASP D 284 -29.19 0.83 -36.23
C ASP D 284 -28.08 -0.14 -36.60
N TRP D 285 -28.45 -1.42 -36.78
CA TRP D 285 -27.50 -2.49 -37.08
C TRP D 285 -27.27 -2.77 -38.55
N THR D 286 -28.01 -2.16 -39.47
CA THR D 286 -28.10 -2.68 -40.83
C THR D 286 -26.74 -2.86 -41.51
N GLU D 287 -25.83 -1.91 -41.34
CA GLU D 287 -24.52 -2.03 -41.98
C GLU D 287 -23.62 -3.02 -41.26
N TRP D 288 -23.65 -3.04 -39.94
CA TRP D 288 -22.82 -4.02 -39.24
C TRP D 288 -23.40 -5.42 -39.38
N ASP D 289 -24.71 -5.54 -39.57
CA ASP D 289 -25.29 -6.82 -39.97
C ASP D 289 -24.81 -7.29 -41.34
N ASP D 290 -24.69 -6.36 -42.30
CA ASP D 290 -24.11 -6.75 -43.59
C ASP D 290 -22.63 -7.14 -43.47
N LEU D 291 -21.87 -6.41 -42.66
CA LEU D 291 -20.50 -6.81 -42.38
C LEU D 291 -20.45 -8.23 -41.82
N LEU D 292 -21.23 -8.50 -40.77
CA LEU D 292 -21.17 -9.80 -40.14
C LEU D 292 -21.67 -10.93 -41.04
N ARG D 293 -22.58 -10.65 -41.97
CA ARG D 293 -22.86 -11.64 -43.02
C ARG D 293 -21.64 -11.93 -43.89
N ARG D 294 -20.94 -10.89 -44.33
CA ARG D 294 -19.74 -11.12 -45.14
C ARG D 294 -18.62 -11.79 -44.35
N VAL D 295 -18.56 -11.55 -43.04
CA VAL D 295 -17.63 -12.26 -42.17
C VAL D 295 -17.98 -13.73 -42.05
N HIS D 296 -19.20 -14.04 -41.63
CA HIS D 296 -19.54 -15.38 -41.18
C HIS D 296 -20.11 -16.29 -42.26
N GLU D 297 -20.54 -15.77 -43.40
CA GLU D 297 -21.11 -16.60 -44.47
C GLU D 297 -20.42 -16.32 -45.81
N PRO D 298 -19.11 -16.52 -45.88
CA PRO D 298 -18.42 -16.39 -47.17
C PRO D 298 -18.82 -17.47 -48.16
N HIS D 299 -18.82 -17.08 -49.45
CA HIS D 299 -19.15 -18.05 -50.51
C HIS D 299 -17.97 -18.91 -50.92
N GLU D 300 -16.72 -18.46 -50.74
CA GLU D 300 -15.58 -19.24 -51.19
C GLU D 300 -14.36 -18.90 -50.35
N THR D 301 -13.33 -19.73 -50.50
CA THR D 301 -12.05 -19.53 -49.81
C THR D 301 -10.92 -19.44 -50.82
N VAL D 302 -9.95 -18.57 -50.53
CA VAL D 302 -8.75 -18.39 -51.32
C VAL D 302 -7.57 -18.21 -50.38
N ARG D 303 -6.42 -18.73 -50.77
CA ARG D 303 -5.22 -18.70 -49.95
C ARG D 303 -4.25 -17.65 -50.45
N ILE D 304 -3.84 -16.76 -49.55
CA ILE D 304 -2.83 -15.74 -49.82
C ILE D 304 -1.61 -16.08 -48.98
N ALA D 305 -0.47 -16.28 -49.62
CA ALA D 305 0.82 -16.31 -48.95
C ALA D 305 1.19 -14.91 -48.47
N LEU D 306 1.64 -14.81 -47.21
CA LEU D 306 2.31 -13.63 -46.69
C LEU D 306 3.77 -13.97 -46.42
N VAL D 307 4.68 -13.35 -47.19
CA VAL D 307 6.10 -13.69 -47.12
C VAL D 307 6.77 -12.79 -46.09
N GLY D 308 6.54 -13.09 -44.81
CA GLY D 308 7.03 -12.29 -43.70
C GLY D 308 8.27 -12.84 -43.02
N LYS D 309 8.45 -12.42 -41.77
CA LYS D 309 9.56 -12.88 -40.93
C LYS D 309 9.43 -14.36 -40.60
N TYR D 310 8.25 -14.81 -40.19
CA TYR D 310 8.11 -16.15 -39.64
C TYR D 310 6.74 -16.73 -40.03
N VAL D 311 6.66 -18.06 -39.95
CA VAL D 311 5.51 -18.83 -40.40
C VAL D 311 4.34 -18.79 -39.42
N GLU D 312 4.25 -17.73 -38.61
CA GLU D 312 3.17 -17.61 -37.64
C GLU D 312 2.66 -16.18 -37.60
N LEU D 313 1.44 -16.04 -37.11
CA LEU D 313 0.82 -14.73 -36.97
C LEU D 313 1.67 -13.82 -36.09
N SER D 314 1.86 -12.59 -36.56
CA SER D 314 2.57 -11.57 -35.80
C SER D 314 1.81 -10.26 -35.96
N ASP D 315 1.71 -9.51 -34.86
CA ASP D 315 1.15 -8.16 -34.93
C ASP D 315 1.98 -7.24 -35.80
N ALA D 316 3.18 -7.66 -36.20
CA ALA D 316 3.94 -6.95 -37.21
C ALA D 316 3.17 -6.77 -38.51
N TYR D 317 2.16 -7.58 -38.76
CA TYR D 317 1.36 -7.46 -39.96
C TYR D 317 -0.13 -7.53 -39.63
N LEU D 318 -0.50 -6.93 -38.49
CA LEU D 318 -1.90 -6.91 -38.09
C LEU D 318 -2.77 -6.21 -39.10
N SER D 319 -2.38 -4.99 -39.50
CA SER D 319 -3.19 -4.23 -40.45
C SER D 319 -3.12 -4.79 -41.87
N VAL D 320 -2.05 -5.49 -42.23
CA VAL D 320 -2.02 -6.15 -43.54
C VAL D 320 -2.96 -7.35 -43.55
N ALA D 321 -2.98 -8.12 -42.47
CA ALA D 321 -3.91 -9.25 -42.38
C ALA D 321 -5.36 -8.79 -42.38
N GLU D 322 -5.66 -7.74 -41.61
CA GLU D 322 -7.00 -7.17 -41.64
C GLU D 322 -7.36 -6.60 -42.99
N ALA D 323 -6.43 -5.93 -43.66
CA ALA D 323 -6.73 -5.40 -44.99
C ALA D 323 -6.99 -6.51 -46.00
N LEU D 324 -6.25 -7.62 -45.90
CA LEU D 324 -6.53 -8.77 -46.78
C LEU D 324 -7.90 -9.37 -46.55
N ARG D 325 -8.28 -9.56 -45.29
CA ARG D 325 -9.64 -10.02 -45.01
C ARG D 325 -10.70 -9.04 -45.50
N ALA D 326 -10.53 -7.75 -45.22
CA ALA D 326 -11.48 -6.75 -45.73
C ALA D 326 -11.58 -6.76 -47.25
N GLY D 327 -10.45 -6.88 -47.94
CA GLY D 327 -10.48 -7.03 -49.38
C GLY D 327 -11.21 -8.28 -49.84
N GLY D 328 -11.16 -9.33 -49.04
CA GLY D 328 -11.97 -10.51 -49.33
C GLY D 328 -13.45 -10.31 -49.09
N PHE D 329 -13.81 -9.56 -48.05
CA PHE D 329 -15.22 -9.32 -47.74
C PHE D 329 -15.98 -8.76 -48.93
N LYS D 330 -15.34 -7.93 -49.73
CA LYS D 330 -16.00 -7.39 -50.93
C LYS D 330 -16.48 -8.49 -51.86
N HIS D 331 -15.72 -9.56 -52.02
CA HIS D 331 -16.09 -10.67 -52.90
C HIS D 331 -16.94 -11.73 -52.22
N ARG D 332 -17.25 -11.57 -50.93
CA ARG D 332 -17.82 -12.64 -50.12
C ARG D 332 -16.92 -13.87 -50.06
N ALA D 333 -15.61 -13.65 -50.02
CA ALA D 333 -14.65 -14.74 -49.97
C ALA D 333 -13.96 -14.76 -48.62
N LYS D 334 -13.71 -15.96 -48.11
CA LYS D 334 -12.79 -16.16 -46.99
C LYS D 334 -11.36 -16.15 -47.48
N VAL D 335 -10.57 -15.19 -47.01
CA VAL D 335 -9.14 -15.16 -47.31
C VAL D 335 -8.41 -15.78 -46.12
N GLU D 336 -7.88 -16.98 -46.36
CA GLU D 336 -7.05 -17.68 -45.38
C GLU D 336 -5.61 -17.28 -45.58
N ILE D 337 -4.98 -16.75 -44.54
CA ILE D 337 -3.60 -16.29 -44.63
C ILE D 337 -2.68 -17.47 -44.39
N CYS D 338 -1.84 -17.77 -45.38
CA CYS D 338 -0.73 -18.72 -45.29
C CYS D 338 0.54 -17.95 -44.97
N TRP D 339 0.89 -17.89 -43.69
CA TRP D 339 2.11 -17.21 -43.25
C TRP D 339 3.34 -18.00 -43.67
N VAL D 340 4.12 -17.42 -44.58
CA VAL D 340 5.30 -18.06 -45.16
C VAL D 340 6.52 -17.27 -44.74
N ALA D 341 7.57 -17.98 -44.33
CA ALA D 341 8.84 -17.32 -44.04
C ALA D 341 9.55 -16.87 -45.30
N SER D 342 10.15 -15.69 -45.22
CA SER D 342 10.99 -15.18 -46.30
C SER D 342 12.11 -16.17 -46.65
N ASP D 343 12.69 -16.82 -45.64
CA ASP D 343 13.92 -17.57 -45.82
C ASP D 343 13.69 -18.93 -46.46
N GLY D 344 12.51 -19.53 -46.25
CA GLY D 344 12.14 -20.73 -46.98
C GLY D 344 11.98 -20.53 -48.48
N CYS D 345 11.81 -19.28 -48.91
CA CYS D 345 11.70 -18.96 -50.33
C CYS D 345 13.04 -18.60 -50.97
N GLU D 346 14.14 -18.68 -50.23
CA GLU D 346 15.42 -18.25 -50.78
C GLU D 346 15.91 -19.20 -51.88
N THR D 347 15.78 -20.50 -51.68
CA THR D 347 15.99 -21.43 -52.79
C THR D 347 14.73 -21.56 -53.64
N THR D 348 14.95 -21.76 -54.94
CA THR D 348 13.81 -21.89 -55.85
C THR D 348 12.97 -23.13 -55.54
N SER D 349 13.63 -24.21 -55.11
CA SER D 349 12.89 -25.38 -54.64
C SER D 349 12.17 -25.09 -53.33
N GLY D 350 12.81 -24.34 -52.44
CA GLY D 350 12.13 -23.94 -51.21
C GLY D 350 10.95 -23.03 -51.45
N ALA D 351 11.11 -22.07 -52.36
CA ALA D 351 9.98 -21.25 -52.79
C ALA D 351 8.85 -22.10 -53.35
N ALA D 352 9.17 -23.02 -54.26
CA ALA D 352 8.15 -23.89 -54.83
C ALA D 352 7.51 -24.80 -53.79
N ALA D 353 8.19 -25.07 -52.68
CA ALA D 353 7.55 -25.79 -51.59
C ALA D 353 6.62 -24.89 -50.78
N ALA D 354 7.12 -23.76 -50.30
CA ALA D 354 6.32 -22.90 -49.41
C ALA D 354 5.21 -22.16 -50.16
N LEU D 355 5.54 -21.57 -51.31
CA LEU D 355 4.58 -20.81 -52.09
C LEU D 355 3.86 -21.65 -53.14
N GLY D 356 3.75 -22.95 -52.93
CA GLY D 356 3.22 -23.84 -53.95
C GLY D 356 1.70 -23.94 -54.00
N ASP D 357 1.06 -23.98 -52.84
CA ASP D 357 -0.38 -24.24 -52.75
C ASP D 357 -1.21 -22.96 -52.71
N VAL D 358 -0.57 -21.81 -52.76
CA VAL D 358 -1.25 -20.53 -52.55
C VAL D 358 -1.66 -19.95 -53.88
N HIS D 359 -2.56 -18.97 -53.82
CA HIS D 359 -3.10 -18.34 -55.01
C HIS D 359 -2.65 -16.90 -55.18
N GLY D 360 -2.11 -16.29 -54.14
CA GLY D 360 -1.50 -14.97 -54.27
C GLY D 360 -0.43 -14.80 -53.22
N VAL D 361 0.56 -13.97 -53.53
CA VAL D 361 1.68 -13.67 -52.65
C VAL D 361 1.66 -12.19 -52.32
N LEU D 362 1.69 -11.87 -51.05
CA LEU D 362 1.83 -10.50 -50.56
C LEU D 362 3.22 -10.33 -49.96
N ILE D 363 3.92 -9.29 -50.40
CA ILE D 363 5.26 -8.97 -49.89
C ILE D 363 5.17 -7.75 -48.99
N PRO D 364 5.08 -7.91 -47.67
CA PRO D 364 4.85 -6.77 -46.80
C PRO D 364 6.13 -6.01 -46.49
N GLY D 365 5.94 -4.78 -46.04
CA GLY D 365 7.00 -3.83 -45.82
C GLY D 365 7.42 -3.74 -44.37
N GLY D 366 7.77 -2.53 -43.96
CA GLY D 366 8.09 -2.23 -42.58
C GLY D 366 9.60 -2.11 -42.36
N PHE D 367 9.94 -1.57 -41.20
CA PHE D 367 11.28 -1.69 -40.67
C PHE D 367 11.42 -2.94 -39.83
N GLY D 368 12.61 -3.17 -39.29
CA GLY D 368 12.86 -4.35 -38.49
C GLY D 368 13.17 -5.60 -39.28
N ILE D 369 13.51 -5.48 -40.55
CA ILE D 369 13.94 -6.60 -41.36
C ILE D 369 15.36 -6.32 -41.83
N ARG D 370 16.16 -7.37 -41.94
CA ARG D 370 17.49 -7.29 -42.53
C ARG D 370 17.66 -8.39 -43.56
N GLY D 371 18.16 -8.04 -44.74
CA GLY D 371 18.24 -8.97 -45.84
C GLY D 371 16.92 -9.17 -46.56
N ILE D 372 16.94 -9.15 -47.89
CA ILE D 372 15.74 -9.22 -48.70
C ILE D 372 15.81 -10.29 -49.78
N GLU D 373 16.89 -11.07 -49.85
CA GLU D 373 17.09 -11.96 -50.99
C GLU D 373 16.01 -13.03 -51.08
N GLY D 374 15.49 -13.49 -49.94
CA GLY D 374 14.40 -14.45 -49.97
C GLY D 374 13.12 -13.91 -50.56
N LYS D 375 12.80 -12.66 -50.28
CA LYS D 375 11.62 -12.04 -50.88
C LYS D 375 11.80 -11.86 -52.38
N ILE D 376 13.00 -11.54 -52.85
CA ILE D 376 13.25 -11.48 -54.28
C ILE D 376 13.10 -12.87 -54.90
N GLY D 377 13.51 -13.91 -54.19
CA GLY D 377 13.25 -15.26 -54.65
C GLY D 377 11.78 -15.60 -54.75
N ALA D 378 11.01 -15.22 -53.73
CA ALA D 378 9.56 -15.37 -53.77
C ALA D 378 8.94 -14.65 -54.97
N ILE D 379 9.36 -13.42 -55.24
CA ILE D 379 8.82 -12.69 -56.38
C ILE D 379 9.18 -13.37 -57.69
N ALA D 380 10.44 -13.76 -57.85
CA ALA D 380 10.86 -14.45 -59.06
C ALA D 380 10.07 -15.73 -59.29
N TYR D 381 9.94 -16.56 -58.25
CA TYR D 381 9.11 -17.75 -58.34
C TYR D 381 7.68 -17.43 -58.73
N ALA D 382 7.06 -16.43 -58.08
CA ALA D 382 5.66 -16.11 -58.35
C ALA D 382 5.44 -15.65 -59.78
N ARG D 383 6.33 -14.79 -60.29
CA ARG D 383 6.28 -14.42 -61.70
C ARG D 383 6.50 -15.59 -62.63
N ALA D 384 7.37 -16.53 -62.26
CA ALA D 384 7.53 -17.72 -63.10
C ALA D 384 6.26 -18.57 -63.11
N ARG D 385 5.67 -18.80 -61.95
CA ARG D 385 4.42 -19.55 -61.86
C ARG D 385 3.26 -18.78 -62.46
N GLY D 386 3.34 -17.46 -62.48
CA GLY D 386 2.24 -16.62 -62.93
C GLY D 386 1.27 -16.27 -61.84
N LEU D 387 1.69 -16.31 -60.58
CA LEU D 387 0.85 -15.89 -59.48
C LEU D 387 0.68 -14.37 -59.48
N PRO D 388 -0.44 -13.88 -58.95
CA PRO D 388 -0.53 -12.45 -58.63
C PRO D 388 0.27 -12.09 -57.39
N VAL D 389 0.82 -10.87 -57.40
CA VAL D 389 1.70 -10.41 -56.34
C VAL D 389 1.34 -8.96 -56.00
N LEU D 390 1.24 -8.65 -54.70
CA LEU D 390 1.13 -7.29 -54.22
C LEU D 390 2.30 -7.03 -53.28
N GLY D 391 3.13 -6.06 -53.63
CA GLY D 391 4.29 -5.66 -52.84
C GLY D 391 4.13 -4.32 -52.18
N LEU D 392 4.23 -4.25 -50.86
CA LEU D 392 3.97 -3.02 -50.14
C LEU D 392 5.28 -2.40 -49.69
N CYS D 393 5.52 -1.16 -50.13
CA CYS D 393 6.78 -0.43 -49.94
C CYS D 393 8.05 -1.20 -50.29
N LEU D 394 8.67 -1.85 -49.28
CA LEU D 394 9.74 -2.79 -49.55
C LEU D 394 9.36 -3.83 -50.57
N GLY D 395 8.09 -4.19 -50.67
CA GLY D 395 7.69 -5.10 -51.74
C GLY D 395 7.88 -4.51 -53.13
N LEU D 396 7.59 -3.22 -53.28
CA LEU D 396 7.93 -2.54 -54.52
C LEU D 396 9.43 -2.56 -54.76
N GLN D 397 10.20 -2.29 -53.71
CA GLN D 397 11.66 -2.25 -53.88
C GLN D 397 12.21 -3.61 -54.31
N CYS D 398 11.71 -4.69 -53.69
CA CYS D 398 12.07 -6.03 -54.13
C CYS D 398 11.63 -6.32 -55.55
N ILE D 399 10.43 -5.90 -55.95
CA ILE D 399 10.00 -6.11 -57.34
C ILE D 399 10.92 -5.39 -58.33
N VAL D 400 11.31 -4.16 -58.02
CA VAL D 400 12.23 -3.42 -58.88
C VAL D 400 13.62 -4.06 -58.92
N ILE D 401 14.10 -4.55 -57.78
CA ILE D 401 15.39 -5.24 -57.75
C ILE D 401 15.34 -6.56 -58.51
N GLU D 402 14.28 -7.34 -58.32
CA GLU D 402 14.10 -8.57 -59.09
C GLU D 402 14.04 -8.30 -60.59
N ALA D 403 13.36 -7.23 -60.99
CA ALA D 403 13.37 -6.84 -62.40
C ALA D 403 14.77 -6.49 -62.89
N ALA D 404 15.50 -5.67 -62.12
CA ALA D 404 16.85 -5.29 -62.50
C ALA D 404 17.75 -6.51 -62.68
N ARG D 405 17.68 -7.45 -61.75
CA ARG D 405 18.45 -8.67 -61.90
C ARG D 405 17.98 -9.51 -63.08
N SER D 406 16.68 -9.50 -63.38
CA SER D 406 16.19 -10.21 -64.55
C SER D 406 16.67 -9.61 -65.87
N VAL D 407 16.96 -8.32 -65.92
CA VAL D 407 17.52 -7.72 -67.14
C VAL D 407 19.04 -7.85 -67.18
N GLY D 408 19.62 -8.65 -66.28
CA GLY D 408 21.03 -8.96 -66.33
C GLY D 408 21.92 -8.15 -65.42
N LEU D 409 21.37 -7.22 -64.64
CA LEU D 409 22.15 -6.50 -63.63
C LEU D 409 22.26 -7.37 -62.38
N THR D 410 22.97 -8.49 -62.54
CA THR D 410 22.92 -9.56 -61.55
C THR D 410 23.27 -9.07 -60.16
N ASN D 411 24.18 -8.11 -60.05
CA ASN D 411 24.57 -7.56 -58.75
C ASN D 411 23.71 -6.37 -58.33
N ALA D 412 22.71 -5.99 -59.11
CA ALA D 412 21.86 -4.87 -58.74
C ALA D 412 21.14 -5.18 -57.43
N ASN D 413 21.07 -4.17 -56.56
CA ASN D 413 20.53 -4.38 -55.22
C ASN D 413 20.06 -3.03 -54.68
N SER D 414 19.42 -3.09 -53.51
CA SER D 414 19.24 -1.89 -52.71
C SER D 414 20.53 -1.54 -51.97
N ALA D 415 20.91 -0.26 -52.02
CA ALA D 415 22.02 0.23 -51.23
C ALA D 415 21.81 0.03 -49.73
N GLU D 416 20.58 -0.18 -49.29
CA GLU D 416 20.33 -0.47 -47.89
C GLU D 416 20.82 -1.85 -47.50
N PHE D 417 20.91 -2.77 -48.47
CA PHE D 417 21.29 -4.14 -48.22
C PHE D 417 22.56 -4.58 -48.92
N ASP D 418 23.04 -3.82 -49.91
CA ASP D 418 24.42 -3.95 -50.38
C ASP D 418 24.96 -2.56 -50.70
N PRO D 419 25.54 -1.87 -49.71
CA PRO D 419 26.14 -0.56 -49.97
C PRO D 419 27.25 -0.59 -51.02
N ASP D 420 27.83 -1.74 -51.30
CA ASP D 420 28.90 -1.89 -52.28
C ASP D 420 28.39 -2.37 -53.63
N THR D 421 27.09 -2.47 -53.81
CA THR D 421 26.54 -2.88 -55.09
C THR D 421 27.03 -1.95 -56.19
N PRO D 422 27.48 -2.47 -57.33
CA PRO D 422 27.83 -1.59 -58.45
C PRO D 422 26.63 -0.91 -59.11
N ASP D 423 25.42 -1.41 -58.89
CA ASP D 423 24.21 -0.88 -59.52
C ASP D 423 23.14 -0.70 -58.45
N PRO D 424 23.21 0.39 -57.68
CA PRO D 424 22.20 0.70 -56.64
C PRO D 424 20.89 1.19 -57.22
N VAL D 425 20.10 0.24 -57.75
CA VAL D 425 18.83 0.58 -58.36
C VAL D 425 17.81 1.08 -57.34
N ILE D 426 17.98 0.76 -56.06
CA ILE D 426 17.25 1.42 -54.99
C ILE D 426 18.25 2.16 -54.11
N ALA D 427 18.03 3.46 -53.93
CA ALA D 427 18.97 4.31 -53.21
C ALA D 427 18.20 5.46 -52.59
N THR D 428 18.85 6.14 -51.65
CA THR D 428 18.31 7.37 -51.08
C THR D 428 18.35 8.49 -52.11
N MET D 429 17.22 9.18 -52.29
CA MET D 429 17.15 10.28 -53.23
C MET D 429 18.02 11.42 -52.72
N GLY D 443 21.82 9.46 -45.01
CA GLY D 443 20.77 8.51 -44.71
C GLY D 443 19.45 8.87 -45.37
N GLY D 444 19.45 9.93 -46.17
CA GLY D 444 18.25 10.39 -46.83
C GLY D 444 17.20 10.90 -45.84
N THR D 445 16.05 11.28 -46.39
CA THR D 445 14.95 11.82 -45.62
C THR D 445 13.80 10.83 -45.60
N MET D 446 13.36 10.46 -44.41
CA MET D 446 12.15 9.63 -44.28
C MET D 446 10.94 10.45 -44.70
N ARG D 447 10.27 9.99 -45.75
CA ARG D 447 8.94 10.44 -46.09
C ARG D 447 7.90 9.84 -45.14
N LEU D 448 7.08 10.70 -44.55
CA LEU D 448 6.07 10.29 -43.59
C LEU D 448 4.72 10.92 -43.95
N GLY D 449 3.66 10.13 -43.80
CA GLY D 449 2.31 10.60 -43.97
C GLY D 449 1.86 10.70 -45.41
N SER D 450 0.81 11.47 -45.62
CA SER D 450 0.12 11.52 -46.90
C SER D 450 0.91 12.32 -47.94
N TYR D 451 1.10 11.73 -49.11
CA TYR D 451 1.65 12.42 -50.26
C TYR D 451 0.76 12.13 -51.45
N PRO D 452 0.55 13.11 -52.34
CA PRO D 452 -0.24 12.84 -53.56
C PRO D 452 0.53 12.05 -54.60
N ALA D 453 -0.23 11.36 -55.45
CA ALA D 453 0.33 10.71 -56.63
C ALA D 453 -0.62 10.88 -57.80
N VAL D 454 -0.06 10.80 -59.00
CA VAL D 454 -0.80 10.74 -60.25
C VAL D 454 -0.57 9.38 -60.88
N LEU D 455 -1.61 8.82 -61.51
CA LEU D 455 -1.55 7.50 -62.12
C LEU D 455 -1.76 7.61 -63.62
N GLU D 456 -0.95 6.87 -64.36
CA GLU D 456 -1.09 6.81 -65.81
C GLU D 456 -2.49 6.31 -66.18
N PRO D 457 -3.16 6.97 -67.13
CA PRO D 457 -4.53 6.58 -67.47
C PRO D 457 -4.62 5.15 -67.98
N ASP D 458 -5.63 4.42 -67.50
CA ASP D 458 -5.85 3.01 -67.79
C ASP D 458 -4.67 2.12 -67.41
N SER D 459 -3.74 2.63 -66.61
CA SER D 459 -2.84 1.73 -65.91
C SER D 459 -3.63 0.83 -64.98
N VAL D 460 -3.04 -0.32 -64.65
CA VAL D 460 -3.68 -1.30 -63.78
C VAL D 460 -4.08 -0.68 -62.45
N VAL D 461 -3.21 0.15 -61.88
CA VAL D 461 -3.52 0.86 -60.65
C VAL D 461 -4.63 1.88 -60.89
N ALA D 462 -4.65 2.54 -62.05
CA ALA D 462 -5.72 3.47 -62.33
C ALA D 462 -7.06 2.76 -62.43
N GLN D 463 -7.08 1.57 -62.99
CA GLN D 463 -8.28 0.74 -62.97
C GLN D 463 -8.67 0.34 -61.55
N ALA D 464 -7.69 0.01 -60.70
CA ALA D 464 -8.01 -0.34 -59.32
C ALA D 464 -8.63 0.83 -58.57
N TYR D 465 -7.96 1.98 -58.55
CA TYR D 465 -8.54 3.16 -57.92
C TYR D 465 -9.70 3.75 -58.70
N GLN D 466 -9.78 3.45 -60.00
CA GLN D 466 -10.72 4.10 -60.89
C GLN D 466 -10.53 5.62 -60.89
N THR D 467 -9.28 6.06 -60.82
CA THR D 467 -8.94 7.46 -60.92
C THR D 467 -7.47 7.59 -61.29
N THR D 468 -7.10 8.77 -61.79
CA THR D 468 -5.71 9.10 -62.03
C THR D 468 -5.04 9.84 -60.87
N GLN D 469 -5.76 10.22 -59.82
CA GLN D 469 -5.17 10.99 -58.72
C GLN D 469 -5.55 10.43 -57.37
N VAL D 470 -4.53 10.16 -56.55
CA VAL D 470 -4.69 9.46 -55.28
C VAL D 470 -3.73 10.08 -54.27
N SER D 471 -3.96 9.76 -53.00
CA SER D 471 -3.02 10.08 -51.94
C SER D 471 -2.88 8.91 -50.99
N GLU D 472 -1.67 8.66 -50.53
CA GLU D 472 -1.39 7.47 -49.73
C GLU D 472 -0.38 7.85 -48.65
N ARG D 473 -0.38 7.09 -47.57
CA ARG D 473 0.50 7.32 -46.43
C ARG D 473 1.85 6.66 -46.66
N HIS D 474 2.91 7.36 -46.26
CA HIS D 474 4.29 6.96 -46.51
C HIS D 474 5.07 6.79 -45.22
N ARG D 475 6.03 5.88 -45.27
CA ARG D 475 6.99 5.68 -44.18
C ARG D 475 8.24 5.00 -44.73
N HIS D 476 9.07 5.75 -45.46
CA HIS D 476 10.25 5.20 -46.10
C HIS D 476 11.23 6.32 -46.40
N ARG D 477 12.49 5.93 -46.66
CA ARG D 477 13.55 6.88 -46.94
C ARG D 477 14.40 6.57 -48.17
N TYR D 478 14.14 5.47 -48.87
CA TYR D 478 14.76 5.15 -50.15
C TYR D 478 13.78 5.29 -51.30
N GLU D 479 14.31 5.57 -52.49
CA GLU D 479 13.51 5.79 -53.68
C GLU D 479 14.09 4.98 -54.83
N VAL D 480 13.26 4.77 -55.86
CA VAL D 480 13.72 4.14 -57.10
C VAL D 480 14.70 5.08 -57.80
N ASN D 481 15.85 4.54 -58.21
CA ASN D 481 16.88 5.36 -58.85
C ASN D 481 16.47 5.74 -60.26
N ASN D 482 16.23 7.03 -60.47
CA ASN D 482 15.83 7.53 -61.79
C ASN D 482 16.87 7.25 -62.87
N ALA D 483 18.13 7.03 -62.49
CA ALA D 483 19.17 6.67 -63.45
C ALA D 483 18.97 5.30 -64.06
N TYR D 484 18.16 4.44 -63.47
CA TYR D 484 18.02 3.06 -63.94
C TYR D 484 16.67 2.79 -64.60
N ARG D 485 15.77 3.78 -64.62
CA ARG D 485 14.43 3.58 -65.16
C ARG D 485 14.45 2.98 -66.55
N ASP D 486 15.26 3.56 -67.45
CA ASP D 486 15.30 3.09 -68.83
C ASP D 486 15.74 1.63 -68.94
N LYS D 487 16.65 1.20 -68.08
CA LYS D 487 17.11 -0.19 -68.11
C LYS D 487 16.08 -1.14 -67.51
N ILE D 488 15.54 -0.77 -66.35
CA ILE D 488 14.48 -1.55 -65.73
C ILE D 488 13.29 -1.72 -66.67
N ALA D 489 12.93 -0.66 -67.41
CA ALA D 489 11.86 -0.73 -68.39
C ALA D 489 12.11 -1.70 -69.53
N GLU D 490 13.36 -2.15 -69.74
CA GLU D 490 13.57 -3.19 -70.74
C GLU D 490 12.89 -4.50 -70.36
N SER D 491 12.55 -4.69 -69.09
CA SER D 491 11.70 -5.79 -68.69
C SER D 491 10.26 -5.62 -69.13
N GLY D 492 9.88 -4.40 -69.54
CA GLY D 492 8.49 -4.07 -69.78
C GLY D 492 7.78 -3.50 -68.57
N LEU D 493 8.47 -3.34 -67.45
CA LEU D 493 7.88 -2.74 -66.27
C LEU D 493 7.43 -1.33 -66.59
N ARG D 494 6.26 -0.93 -66.07
CA ARG D 494 5.80 0.44 -66.19
C ARG D 494 5.87 1.15 -64.84
N PHE D 495 6.46 2.33 -64.84
CA PHE D 495 6.43 3.25 -63.71
C PHE D 495 5.09 3.99 -63.66
N SER D 496 4.02 3.22 -63.60
CA SER D 496 2.69 3.74 -63.94
C SER D 496 2.16 4.76 -62.94
N GLY D 497 2.69 4.83 -61.73
CA GLY D 497 2.33 5.87 -60.79
C GLY D 497 3.53 6.57 -60.21
N THR D 498 3.43 7.89 -60.09
CA THR D 498 4.53 8.73 -59.65
C THR D 498 4.01 9.85 -58.77
N SER D 499 4.94 10.55 -58.13
CA SER D 499 4.72 11.90 -57.65
C SER D 499 4.20 12.78 -58.77
N PRO D 500 3.54 13.90 -58.46
CA PRO D 500 2.88 14.67 -59.53
C PRO D 500 3.84 15.25 -60.56
N ASP D 501 5.11 15.46 -60.20
CA ASP D 501 6.11 15.89 -61.17
C ASP D 501 6.73 14.73 -61.94
N GLY D 502 6.41 13.49 -61.59
CA GLY D 502 7.05 12.34 -62.17
C GLY D 502 8.43 12.05 -61.61
N HIS D 503 8.91 12.86 -60.68
CA HIS D 503 10.28 12.69 -60.18
C HIS D 503 10.43 11.41 -59.37
N LEU D 504 9.41 11.03 -58.61
CA LEU D 504 9.43 9.83 -57.78
C LEU D 504 8.47 8.78 -58.33
N VAL D 505 8.97 7.55 -58.47
CA VAL D 505 8.11 6.39 -58.68
C VAL D 505 7.31 6.09 -57.42
N GLU D 506 5.99 5.95 -57.58
CA GLU D 506 5.10 5.54 -56.49
C GLU D 506 4.47 4.18 -56.71
N PHE D 507 4.19 3.80 -57.96
CA PHE D 507 3.61 2.51 -58.31
C PHE D 507 4.36 1.91 -59.50
N VAL D 508 4.51 0.59 -59.47
CA VAL D 508 5.02 -0.15 -60.60
C VAL D 508 4.02 -1.24 -60.94
N GLU D 509 3.93 -1.57 -62.23
CA GLU D 509 3.08 -2.64 -62.70
C GLU D 509 3.73 -3.32 -63.88
N TYR D 510 3.41 -4.59 -64.07
CA TYR D 510 3.61 -5.24 -65.36
C TYR D 510 2.34 -5.11 -66.21
N PRO D 511 2.47 -4.91 -67.52
CA PRO D 511 1.29 -4.90 -68.37
C PRO D 511 0.51 -6.19 -68.27
N PRO D 512 -0.81 -6.13 -68.47
CA PRO D 512 -1.66 -7.31 -68.20
C PRO D 512 -1.30 -8.55 -69.00
N ASP D 513 -0.73 -8.41 -70.19
CA ASP D 513 -0.32 -9.55 -71.00
C ASP D 513 1.01 -10.14 -70.58
N ARG D 514 1.81 -9.45 -69.77
CA ARG D 514 2.96 -10.10 -69.16
C ARG D 514 2.54 -10.90 -67.93
N HIS D 515 1.79 -10.28 -67.02
CA HIS D 515 1.26 -10.99 -65.88
C HIS D 515 -0.11 -10.41 -65.53
N PRO D 516 -1.01 -11.21 -64.96
CA PRO D 516 -2.35 -10.69 -64.68
C PRO D 516 -2.39 -9.57 -63.66
N PHE D 517 -1.62 -9.68 -62.58
CA PHE D 517 -1.54 -8.60 -61.61
C PHE D 517 -0.25 -8.77 -60.81
N VAL D 518 0.74 -7.92 -61.09
CA VAL D 518 1.94 -7.84 -60.26
C VAL D 518 2.18 -6.35 -60.00
N VAL D 519 1.87 -5.90 -58.79
CA VAL D 519 1.84 -4.49 -58.46
C VAL D 519 2.62 -4.29 -57.17
N GLY D 520 3.42 -3.24 -57.14
CA GLY D 520 4.00 -2.73 -55.90
C GLY D 520 3.59 -1.28 -55.75
N THR D 521 3.44 -0.85 -54.51
CA THR D 521 3.32 0.57 -54.19
C THR D 521 4.29 0.92 -53.08
N GLN D 522 4.87 2.12 -53.18
CA GLN D 522 5.72 2.65 -52.12
C GLN D 522 4.96 2.96 -50.86
N ALA D 523 3.64 3.10 -50.94
CA ALA D 523 2.83 3.51 -49.80
C ALA D 523 2.48 2.32 -48.91
N HIS D 524 1.79 2.63 -47.82
CA HIS D 524 1.17 1.64 -46.93
C HIS D 524 -0.35 1.73 -47.02
N PRO D 525 -0.97 1.21 -48.07
CA PRO D 525 -2.42 1.34 -48.22
C PRO D 525 -3.24 0.59 -47.17
N GLU D 526 -2.67 -0.41 -46.51
CA GLU D 526 -3.39 -1.15 -45.47
C GLU D 526 -3.85 -0.24 -44.34
N LEU D 527 -3.24 0.92 -44.18
CA LEU D 527 -3.63 1.87 -43.13
C LEU D 527 -4.89 2.64 -43.49
N LYS D 528 -5.22 2.75 -44.77
CA LYS D 528 -6.45 3.38 -45.22
C LYS D 528 -7.64 2.42 -45.31
N SER D 529 -7.40 1.11 -45.21
CA SER D 529 -8.44 0.11 -45.31
C SER D 529 -9.33 0.06 -44.07
N ARG D 530 -10.60 -0.30 -44.27
CA ARG D 530 -11.56 -0.57 -43.21
C ARG D 530 -12.41 -1.79 -43.59
N PRO D 531 -12.94 -2.51 -42.60
CA PRO D 531 -13.84 -3.62 -42.91
C PRO D 531 -15.12 -3.19 -43.59
N THR D 532 -15.63 -2.00 -43.27
CA THR D 532 -16.78 -1.40 -43.93
C THR D 532 -16.43 -0.69 -45.22
N ARG D 533 -15.14 -0.54 -45.55
CA ARG D 533 -14.72 0.18 -46.74
C ARG D 533 -13.38 -0.38 -47.19
N PRO D 534 -13.40 -1.50 -47.90
CA PRO D 534 -12.14 -2.10 -48.38
C PRO D 534 -11.35 -1.14 -49.28
N HIS D 535 -10.03 -1.22 -49.17
CA HIS D 535 -9.17 -0.42 -50.03
C HIS D 535 -9.17 -0.98 -51.45
N PRO D 536 -9.18 -0.11 -52.47
CA PRO D 536 -9.23 -0.58 -53.87
C PRO D 536 -8.15 -1.57 -54.31
N LEU D 537 -6.90 -1.40 -53.88
CA LEU D 537 -5.86 -2.34 -54.31
C LEU D 537 -6.04 -3.72 -53.70
N PHE D 538 -6.39 -3.81 -52.43
CA PHE D 538 -6.66 -5.11 -51.84
C PHE D 538 -7.87 -5.80 -52.48
N VAL D 539 -8.86 -5.02 -52.89
CA VAL D 539 -9.96 -5.59 -53.68
C VAL D 539 -9.46 -6.14 -55.01
N ALA D 540 -8.64 -5.38 -55.73
CA ALA D 540 -8.15 -5.83 -57.03
C ALA D 540 -7.15 -6.99 -56.92
N PHE D 541 -6.36 -7.02 -55.85
CA PHE D 541 -5.44 -8.12 -55.62
C PHE D 541 -6.16 -9.41 -55.28
N VAL D 542 -7.08 -9.37 -54.30
CA VAL D 542 -7.86 -10.56 -54.00
C VAL D 542 -8.71 -10.99 -55.18
N GLY D 543 -9.15 -10.04 -56.01
CA GLY D 543 -9.78 -10.41 -57.26
C GLY D 543 -8.89 -11.16 -58.22
N ALA D 544 -7.64 -10.72 -58.37
CA ALA D 544 -6.70 -11.47 -59.21
C ALA D 544 -6.36 -12.84 -58.64
N ALA D 545 -6.26 -12.95 -57.32
CA ALA D 545 -6.08 -14.25 -56.68
C ALA D 545 -7.26 -15.19 -56.93
N ILE D 546 -8.48 -14.69 -56.78
CA ILE D 546 -9.67 -15.48 -57.11
C ILE D 546 -9.65 -15.91 -58.57
N ASP D 547 -9.34 -14.98 -59.48
CA ASP D 547 -9.26 -15.34 -60.90
C ASP D 547 -8.19 -16.37 -61.19
N TYR D 548 -7.06 -16.34 -60.47
CA TYR D 548 -6.05 -17.38 -60.63
C TYR D 548 -6.56 -18.74 -60.15
N LYS D 549 -7.13 -18.78 -58.95
CA LYS D 549 -7.73 -20.03 -58.47
C LYS D 549 -8.76 -20.56 -59.45
N ALA D 550 -9.55 -19.68 -60.06
CA ALA D 550 -10.54 -20.11 -61.04
C ALA D 550 -9.88 -20.64 -62.32
N GLY D 551 -8.82 -19.99 -62.79
CA GLY D 551 -8.19 -20.43 -64.02
C GLY D 551 -7.33 -21.65 -63.86
N GLU D 552 -6.72 -21.83 -62.69
CA GLU D 552 -5.82 -22.95 -62.45
C GLU D 552 -6.58 -24.26 -62.45
N GLN E . 23.40 39.40 -12.81
CA GLN E . 24.82 39.75 -12.61
C GLN E . 25.68 39.18 -13.75
O GLN E . 25.31 38.20 -14.38
CB GLN E . 25.31 39.24 -11.27
CG GLN E . 25.31 37.73 -11.14
CD GLN E . 25.78 37.27 -9.79
OE1 GLN E . 25.84 38.05 -8.85
NE2 GLN E . 26.14 35.99 -9.70
OXT GLN E . 26.77 39.67 -14.02
H1 GLN E . 23.30 38.51 -12.80
H2 GLN E . 23.12 39.72 -13.59
H3 GLN E . 22.91 39.75 -12.15
HA GLN E . 24.92 40.71 -12.63
HB2 GLN E . 26.23 39.54 -11.12
HB3 GLN E . 24.74 39.59 -10.58
HG2 GLN E . 25.90 37.35 -11.80
HG3 GLN E . 24.40 37.41 -11.27
HE21 GLN E . 26.13 35.50 -10.40
HE22 GLN E . 26.53 35.70 -8.99
C10 XMW F . 21.42 14.75 13.18
C13 XMW F . 21.13 17.88 15.04
C17 XMW F . 20.45 25.62 10.59
C20 XMW F . 19.69 26.20 8.05
C21 XMW F . 18.88 25.44 8.82
C22 XMW F . 19.25 25.13 10.09
C01 XMW F . 21.04 23.92 13.99
C03 XMW F . 20.86 21.45 14.40
C05 XMW F . 20.96 19.11 14.44
C06 XMW F . 20.70 19.30 13.07
C07 XMW F . 20.60 18.20 12.25
C08 XMW F . 20.78 16.81 12.84
C12 XMW F . 21.02 16.66 14.14
C16 XMW F . 20.85 25.28 12.01
C19 XMW F . 20.89 26.67 8.55
C23 XMW F . 21.60 26.12 12.92
N02 XMW F . 20.88 22.80 14.90
N04 XMW F . 21.06 20.33 15.19
N15 XMW F . 20.52 23.94 12.69
N18 XMW F . 21.26 26.37 9.82
O09 XMW F . 20.73 15.52 12.27
O11 XMW F . 21.14 15.31 14.41
S14 XMW F . 20.57 20.97 12.76
S24 XMW F . 21.81 25.35 14.34
H102 XMW F . 22.49 14.79 12.99
H101 XMW F . 21.06 13.72 13.15
H131 XMW F . 21.34 17.78 16.10
H201 XMW F . 19.40 26.45 7.03
H211 XMW F . 17.94 25.07 8.42
H221 XMW F . 18.60 24.53 10.71
H071 XMW F . 20.40 18.32 11.20
H191 XMW F . 21.54 27.29 7.93
H231 XMW F . 21.96 27.11 12.69
H021 XMW F . 20.87 22.96 15.89
PA UTP G . -0.83 4.18 20.39
O1A UTP G . -1.21 5.40 19.69
O2A UTP G . -0.84 4.65 21.76
O3A UTP G . 0.66 3.69 19.93
O5' UTP G . -1.92 2.97 20.16
PB UTP G . 1.99 3.90 20.86
O1B UTP G . 2.75 2.66 20.96
O2B UTP G . 1.63 4.17 22.24
O3B UTP G . 2.94 5.11 20.27
PG UTP G . 3.16 6.54 21.05
O1G UTP G . 4.53 6.81 21.44
O2G UTP G . 2.78 7.68 20.25
O3G UTP G . 2.40 6.68 22.27
C5' UTP G . -1.91 1.87 21.03
C4' UTP G . -3.21 1.13 20.92
O4' UTP G . -4.29 1.87 21.54
C1' UTP G . -5.33 2.06 20.57
C2' UTP G . -4.63 2.00 19.26
O2' UTP G . -5.46 1.56 18.19
C3' UTP G . -3.57 1.00 19.47
O3' UTP G . -4.08 -0.31 19.23
N1 UTP G . -6.04 3.30 20.77
C6 UTP G . -7.51 3.42 21.33
C2 UTP G . -5.49 4.68 20.49
O2 UTP G . -4.39 4.79 20.06
N3 UTP G . -6.24 5.87 20.71
C4 UTP G . -7.48 5.85 21.18
O4 UTP G . -8.05 6.87 21.35
C5 UTP G . -8.12 4.59 21.49
H5'1 UTP G . -1.78 2.22 22.05
H5'2 UTP G . -1.10 1.21 20.77
H4' UTP G . -3.12 0.15 21.37
H1' UTP G . -6.04 1.24 20.65
H2' UTP G . -4.18 2.96 19.02
HA UTP G . -5.17 0.74 17.87
H3' UTP G . -2.72 1.20 18.84
HB UTP G . -3.67 -0.67 18.46
H6 UTP G . -8.04 2.51 21.58
H3 UTP G . -5.82 6.75 20.51
H5 UTP G . -9.13 4.60 21.88
MG MG H . 1.06 5.44 23.70
N GLN I . -26.54 -37.61 12.04
CA GLN I . -26.12 -39.01 12.30
C GLN I . -25.68 -39.18 13.75
O GLN I . -25.28 -38.21 14.40
CB GLN I . -24.99 -39.41 11.35
CG GLN I . -23.71 -38.64 11.54
CD GLN I . -22.64 -39.05 10.59
OE1 GLN I . -22.92 -39.71 9.59
NE2 GLN I . -21.40 -38.69 10.89
OXT GLN I . -25.70 -40.28 14.29
H1 GLN I . -25.85 -37.06 12.18
H2 GLN I . -27.21 -37.39 12.58
H3 GLN I . -26.81 -37.52 11.19
HA GLN I . -26.87 -39.60 12.15
HB2 GLN I . -24.79 -40.35 11.49
HB3 GLN I . -25.29 -39.28 10.44
HG2 GLN I . -23.38 -38.77 12.44
HG3 GLN I . -23.89 -37.69 11.40
HE21 GLN I . -21.26 -38.28 11.62
HE22 GLN I . -20.74 -39.00 10.46
C10 XMW J . 2.23 -28.16 -7.22
C13 XMW J . 0.21 -29.99 -9.65
C17 XMW J . -8.05 -32.65 -7.46
C20 XMW J . -9.77 -31.82 -5.54
C21 XMW J . -9.23 -30.91 -6.38
C22 XMW J . -8.37 -31.31 -7.33
C01 XMW J . -5.15 -32.93 -9.98
C03 XMW J . -3.07 -31.54 -9.92
C05 XMW J . -1.09 -30.39 -9.43
C06 XMW J . -1.87 -29.99 -8.32
C07 XMW J . -1.30 -29.15 -7.38
C08 XMW J . 0.13 -28.67 -7.58
C12 XMW J . 0.83 -29.06 -8.62
C16 XMW J . -7.07 -33.10 -8.53
C19 XMW J . -9.45 -33.17 -5.66
C23 XMW J . -7.11 -34.35 -9.26
N02 XMW J . -3.98 -32.40 -10.64
N04 XMW J . -1.78 -31.27 -10.33
N15 XMW J . -5.88 -32.26 -9.00
N18 XMW J . -8.59 -33.56 -6.62
O09 XMW J . 0.95 -27.83 -6.80
O11 XMW J . 2.09 -28.49 -8.55
S14 XMW J . -3.40 -30.72 -8.43
S24 XMW J . -5.86 -34.40 -10.31
H102 XMW J . 2.60 -29.01 -6.67
H101 XMW J . 2.90 -27.31 -7.11
H131 XMW J . 0.76 -30.31 -10.53
H201 XMW J . -10.47 -31.50 -4.78
H211 XMW J . -9.49 -29.87 -6.29
H221 XMW J . -7.94 -30.59 -8.02
H071 XMW J . -1.87 -28.83 -6.52
H191 XMW J . -9.89 -33.89 -4.99
H231 XMW J . -7.84 -35.13 -9.12
H021 XMW J . -3.76 -32.67 -11.58
PA UTP K . 3.62 -5.76 -19.70
O1A UTP K . 2.21 -5.95 -19.44
O2A UTP K . 3.72 -6.28 -21.05
O3A UTP K . 4.51 -6.64 -18.63
O5' UTP K . 4.05 -4.18 -19.63
PB UTP K . 5.28 -8.03 -19.03
O1B UTP K . 6.66 -8.00 -18.61
O2B UTP K . 5.41 -8.16 -20.48
O3B UTP K . 4.50 -9.33 -18.39
PG UTP K . 3.70 -10.43 -19.30
O1G UTP K . 4.22 -11.78 -19.23
O2G UTP K . 2.31 -10.58 -18.95
O3G UTP K . 3.68 -10.15 -20.73
C5' UTP K . 5.28 -3.78 -20.20
C4' UTP K . 5.27 -2.30 -20.40
O4' UTP K . 4.41 -1.94 -21.52
C1' UTP K . 3.43 -0.98 -21.06
C2' UTP K . 3.32 -1.25 -19.59
O2' UTP K . 2.92 -0.12 -18.84
C3' UTP K . 4.70 -1.63 -19.20
O3' UTP K . 5.45 -0.46 -18.89
N1 UTP K . 2.18 -1.11 -21.75
C6 UTP K . 1.63 -0.08 -22.81
C2 UTP K . 1.19 -2.24 -21.57
O2 UTP K . 1.44 -3.11 -20.82
N3 UTP K . -0.04 -2.30 -22.29
C4 UTP K . -0.40 -1.37 -23.16
O4 UTP K . -1.43 -1.48 -23.73
C5 UTP K . 0.46 -0.23 -23.42
H5'1 UTP K . 5.41 -4.28 -21.15
H5'2 UTP K . 6.08 -4.05 -19.53
H4' UTP K . 6.28 -1.94 -20.59
H1' UTP K . 3.82 0.03 -21.21
H2' UTP K . 2.65 -2.08 -19.41
HA UTP K . 3.62 0.16 -18.28
H3' UTP K . 4.68 -2.32 -18.36
HB UTP K . 5.65 -0.45 -17.97
H6 UTP K . 2.23 0.79 -23.04
H3 UTP K . -0.65 -3.08 -22.13
H5 UTP K . 0.13 0.51 -24.14
MG MG L . 4.65 -8.66 -22.26
N GLN M . -10.50 -1.74 46.37
CA GLN M . -11.57 -1.02 47.13
C GLN M . -12.88 -1.79 47.06
O GLN M . -13.75 -1.64 47.91
CB GLN M . -11.75 0.39 46.58
CG GLN M . -12.23 0.43 45.15
CD GLN M . -12.39 1.84 44.64
OE1 GLN M . -11.86 2.78 45.22
NE2 GLN M . -13.13 2.00 43.56
OXT GLN M . -13.11 -2.57 46.14
H1 GLN M . -10.74 -1.81 45.52
H2 GLN M . -10.39 -2.55 46.71
H3 GLN M . -9.74 -1.28 46.44
HA GLN M . -11.31 -0.96 48.06
HB2 GLN M . -12.39 0.86 47.13
HB3 GLN M . -10.89 0.84 46.60
HG2 GLN M . -13.10 0.01 45.09
HG3 GLN M . -11.60 -0.03 44.58
HE21 GLN M . -13.52 1.32 43.22
HE22 GLN M . -13.35 2.78 43.29
PA UTP N . 8.75 18.91 0.18
O1A UTP N . 9.37 20.20 0.40
O2A UTP N . 9.29 18.16 1.30
O3A UTP N . 7.11 19.00 0.29
O5' UTP N . 9.19 18.26 -1.27
PB UTP N . 6.31 20.35 0.75
O1B UTP N . 7.18 21.52 0.66
O2B UTP N . 5.26 20.66 -0.18
O3B UTP N . 5.73 20.19 2.28
PG UTP N . 6.29 21.05 3.56
O1G UTP N . 7.41 21.92 3.24
O2G UTP N . 5.32 21.93 4.17
O3G UTP N . 6.77 20.22 4.63
C5' UTP N . 9.08 19.04 -2.42
C4' UTP N . 9.90 18.43 -3.51
O4' UTP N . 11.32 18.66 -3.29
C1' UTP N . 12.00 17.38 -3.27
C2' UTP N . 10.92 16.40 -2.88
O2' UTP N . 11.15 15.09 -3.38
C3' UTP N . 9.70 16.95 -3.52
O3' UTP N . 9.59 16.48 -4.86
N1 UTP N . 13.11 17.37 -2.37
C6 UTP N . 14.62 17.37 -2.83
C2 UTP N . 13.03 17.36 -0.87
O2 UTP N . 11.98 17.36 -0.34
N3 UTP N . 14.19 17.34 -0.04
C4 UTP N . 15.41 17.33 -0.52
O4 UTP N . 16.34 17.32 0.22
C5 UTP N . 15.62 17.34 -1.96
H5'1 UTP N . 9.42 20.04 -2.22
H5'2 UTP N . 8.04 19.06 -2.74
H4' UTP N . 9.61 18.84 -4.48
H1' UTP N . 12.33 17.15 -4.28
H2' UTP N . 10.79 16.37 -1.81
HA UTP N . 10.48 14.86 -3.99
H3' UTP N . 8.82 16.68 -2.95
HB UTP N . 8.85 15.89 -4.93
H6 UTP N . 14.84 17.36 -3.89
H3 UTP N . 14.07 17.33 0.96
H5 UTP N . 16.65 17.34 -2.34
MG MG O . 8.58 22.76 1.42
C10 XMW P . -9.29 20.66 18.37
C13 XMW P . -7.32 22.43 20.88
C17 XMW P . -5.38 18.38 28.63
C20 XMW P . -5.32 15.77 29.36
C21 XMW P . -4.64 16.16 28.25
C22 XMW P . -4.67 17.47 27.88
C01 XMW P . -5.42 21.70 26.66
C03 XMW P . -6.02 21.90 24.24
C05 XMW P . -6.94 21.87 22.08
C06 XMW P . -7.07 20.50 22.41
C07 XMW P . -7.64 19.65 21.49
C08 XMW P . -8.10 20.20 20.15
C12 XMW P . -7.96 21.49 19.87
C16 XMW P . -5.40 19.84 28.20
C19 XMW P . -6.04 16.69 30.10
C23 XMW P . -5.46 20.98 29.08
N02 XMW P . -5.39 22.45 25.43
N04 XMW P . -6.33 22.66 23.13
N15 XMW P . -5.37 20.30 26.74
N18 XMW P . -6.07 17.99 29.72
O09 XMW P . -8.70 19.59 19.03
O11 XMW P . -8.45 21.72 18.59
S14 XMW P . -6.46 20.25 23.98
S24 XMW P . -5.48 22.36 28.19
H102 XMW P . -10.28 20.86 18.78
H101 XMW P . -9.36 20.44 17.31
H131 XMW P . -7.20 23.48 20.68
H201 XMW P . -5.31 14.73 29.65
H211 XMW P . -4.08 15.45 27.67
H221 XMW P . -4.11 17.78 27.01
H071 XMW P . -7.76 18.60 21.71
H191 XMW P . -6.60 16.37 30.97
H231 XMW P . -5.50 20.94 30.16
H021 XMW P . -5.00 23.36 25.40
N GLN Q . 13.65 -0.03 -45.57
CA GLN Q . 12.87 0.29 -46.79
C GLN Q . 12.88 1.80 -47.06
O GLN Q . 12.69 2.24 -48.19
CB GLN Q . 11.43 -0.20 -46.65
CG GLN Q . 10.64 0.47 -45.55
CD GLN Q . 9.25 -0.07 -45.43
OE1 GLN Q . 8.93 -1.11 -45.96
NE2 GLN Q . 8.39 0.69 -44.76
OXT GLN Q . 13.07 2.60 -46.15
H1 GLN Q . 13.29 0.38 -44.86
H2 GLN Q . 14.49 0.24 -45.67
H3 GLN Q . 13.63 -0.91 -45.43
HA GLN Q . 13.27 -0.15 -47.55
HB2 GLN Q . 10.96 -0.05 -47.49
HB3 GLN Q . 11.46 -1.15 -46.46
HG2 GLN Q . 10.59 1.42 -45.74
HG3 GLN Q . 11.10 0.33 -44.71
HE21 GLN Q . 8.65 1.45 -44.45
HE22 GLN Q . 7.55 0.50 -44.77
PA UTP R . -11.54 -17.33 -0.89
O1A UTP R . -12.24 -18.58 -1.11
O2A UTP R . -10.28 -17.61 -1.56
O3A UTP R . -12.29 -16.06 -1.60
O5' UTP R . -11.33 -17.04 0.72
PB UTP R . -13.59 -16.23 -2.59
O1B UTP R . -14.21 -17.53 -2.42
O2B UTP R . -14.65 -15.33 -2.19
O3B UTP R . -13.16 -15.98 -4.15
PG UTP R . -13.17 -17.16 -5.28
O1G UTP R . -13.51 -18.48 -4.77
O2G UTP R . -14.09 -16.96 -6.39
O3G UTP R . -11.89 -17.36 -5.93
C5' UTP R . -12.44 -17.12 1.57
C4' UTP R . -11.97 -17.25 2.99
O4' UTP R . -11.45 -18.58 3.25
C1' UTP R . -10.09 -18.44 3.75
C2' UTP R . -9.63 -17.13 3.21
O2' UTP R . -8.63 -16.52 4.01
C3' UTP R . -10.84 -16.29 3.22
O3' UTP R . -10.99 -15.66 4.49
N1 UTP R . -9.26 -19.54 3.35
C6 UTP R . -8.75 -20.68 4.30
C2 UTP R . -8.73 -19.79 1.95
O2 UTP R . -9.02 -19.03 1.09
N3 UTP R . -7.90 -20.90 1.62
C4 UTP R . -7.53 -21.79 2.51
O4 UTP R . -6.85 -22.70 2.17
C5 UTP R . -7.97 -21.68 3.89
H5'1 UTP R . -13.04 -17.99 1.31
H5'2 UTP R . -13.03 -16.22 1.47
H4' UTP R . -12.79 -17.03 3.67
H1' UTP R . -10.12 -18.40 4.83
H2' UTP R . -9.28 -17.23 2.19
HA UTP R . -8.97 -15.72 4.38
H3' UTP R . -10.81 -15.55 2.42
HB UTP R . -10.87 -14.73 4.41
H6 UTP R . -9.04 -20.65 5.35
H3 UTP R . -7.59 -21.01 0.68
H5 UTP R . -7.66 -22.44 4.60
MG MG S . -14.31 -19.50 -2.84
C10 XMW T . -14.35 -7.24 -24.32
C13 XMW T . -14.02 -10.32 -26.25
C17 XMW T . -7.03 -11.35 -31.75
C20 XMW T . -4.59 -10.15 -31.85
C21 XMW T . -5.01 -10.71 -30.68
C22 XMW T . -6.22 -11.30 -30.62
C01 XMW T . -10.48 -12.68 -30.67
C03 XMW T . -11.78 -11.81 -28.72
C05 XMW T . -12.95 -10.60 -27.09
C06 XMW T . -11.77 -9.81 -27.16
C07 XMW T . -11.66 -8.70 -26.35
C08 XMW T . -12.81 -8.35 -25.41
C12 XMW T . -13.90 -9.10 -25.38
C16 XMW T . -8.38 -12.02 -31.68
C19 XMW T . -5.40 -10.21 -32.98
C23 XMW T . -9.03 -12.77 -32.73
N02 XMW T . -11.52 -12.85 -29.68
N04 XMW T . -12.94 -11.72 -27.98
N15 XMW T . -9.27 -11.99 -30.44
N18 XMW T . -6.60 -10.81 -32.92
O09 XMW T . -12.97 -7.30 -24.49
O11 XMW T . -14.77 -8.55 -24.45
S14 XMW T . -10.72 -10.51 -28.31
S24 XMW T . -10.48 -13.31 -32.21
H102 XMW T . -14.80 -6.63 -25.10
H101 XMW T . -14.60 -6.86 -23.34
H131 XMW T . -14.91 -10.95 -26.25
H201 XMW T . -3.62 -9.68 -31.90
H211 XMW T . -4.38 -10.66 -29.80
H221 XMW T . -6.57 -11.74 -29.69
H071 XMW T . -10.78 -8.09 -26.39
H191 XMW T . -5.05 -9.78 -33.91
H231 XMW T . -8.61 -12.95 -33.71
H021 XMW T . -12.11 -13.66 -29.71
#